data_2EJ7
#
_entry.id   2EJ7
#
_entity_poly.entity_id   1
_entity_poly.type   'polypeptide(L)'
_entity_poly.pdbx_seq_one_letter_code
;GSSGSSGMVDYYEVLDVPRQASSEAIKKAYRKLALKWHPDKNPENKEEAERRFKQVAEAYEVLSDAKKRDIYDRYGSGPS
SG
;
_entity_poly.pdbx_strand_id   A
#
# COMPACT_ATOMS: atom_id res chain seq x y z
N GLY A 1 15.92 -6.32 3.02
CA GLY A 1 15.64 -6.91 1.73
C GLY A 1 16.23 -6.10 0.58
N SER A 2 16.76 -6.79 -0.42
CA SER A 2 17.36 -6.13 -1.56
C SER A 2 16.30 -5.38 -2.37
N SER A 3 15.18 -6.04 -2.63
CA SER A 3 14.09 -5.43 -3.38
C SER A 3 12.75 -5.63 -2.68
N GLY A 4 12.49 -6.87 -2.27
CA GLY A 4 11.25 -7.18 -1.58
C GLY A 4 10.71 -8.55 -1.96
N SER A 5 9.55 -8.56 -2.62
CA SER A 5 8.91 -9.81 -3.03
C SER A 5 7.96 -9.57 -4.19
N SER A 6 7.90 -10.53 -5.10
CA SER A 6 7.02 -10.43 -6.27
C SER A 6 5.89 -11.45 -6.19
N GLY A 7 4.66 -10.96 -6.12
CA GLY A 7 3.51 -11.84 -6.04
C GLY A 7 2.29 -11.16 -5.44
N MET A 8 2.09 -11.35 -4.14
CA MET A 8 0.96 -10.74 -3.45
C MET A 8 1.21 -9.26 -3.18
N VAL A 9 0.23 -8.61 -2.58
CA VAL A 9 0.35 -7.18 -2.27
C VAL A 9 -0.03 -6.90 -0.82
N ASP A 10 0.97 -6.92 0.05
CA ASP A 10 0.74 -6.66 1.48
C ASP A 10 0.83 -5.17 1.78
N TYR A 11 -0.33 -4.53 1.91
CA TYR A 11 -0.39 -3.10 2.19
C TYR A 11 0.77 -2.68 3.10
N TYR A 12 0.77 -3.20 4.33
CA TYR A 12 1.82 -2.87 5.28
C TYR A 12 3.18 -2.85 4.61
N GLU A 13 3.45 -3.87 3.81
CA GLU A 13 4.73 -3.97 3.10
C GLU A 13 4.76 -3.04 1.90
N VAL A 14 3.58 -2.69 1.40
CA VAL A 14 3.46 -1.80 0.25
C VAL A 14 3.68 -0.35 0.64
N LEU A 15 3.33 -0.02 1.89
CA LEU A 15 3.50 1.34 2.39
C LEU A 15 4.79 1.47 3.19
N ASP A 16 5.62 0.43 3.15
CA ASP A 16 6.89 0.43 3.86
C ASP A 16 6.68 0.62 5.36
N VAL A 17 5.78 -0.19 5.92
CA VAL A 17 5.48 -0.11 7.35
C VAL A 17 5.19 -1.49 7.92
N PRO A 18 5.48 -1.66 9.22
CA PRO A 18 5.26 -2.94 9.91
C PRO A 18 3.77 -3.25 10.10
N ARG A 19 3.47 -4.50 10.44
CA ARG A 19 2.09 -4.93 10.65
C ARG A 19 1.45 -4.14 11.79
N GLN A 20 2.26 -3.75 12.76
CA GLN A 20 1.77 -3.00 13.91
C GLN A 20 1.95 -1.50 13.70
N ALA A 21 2.40 -1.13 12.51
CA ALA A 21 2.60 0.28 12.18
C ALA A 21 1.41 1.12 12.61
N SER A 22 1.69 2.20 13.33
CA SER A 22 0.63 3.09 13.80
C SER A 22 0.10 3.96 12.67
N SER A 23 -1.19 4.27 12.73
CA SER A 23 -1.82 5.10 11.70
C SER A 23 -0.86 6.17 11.19
N GLU A 24 -0.37 7.00 12.10
CA GLU A 24 0.56 8.08 11.74
C GLU A 24 1.75 7.51 10.96
N ALA A 25 2.22 6.34 11.37
CA ALA A 25 3.34 5.70 10.71
C ALA A 25 2.95 5.17 9.34
N ILE A 26 1.66 4.89 9.18
CA ILE A 26 1.16 4.37 7.91
C ILE A 26 0.96 5.50 6.89
N LYS A 27 0.45 6.62 7.37
CA LYS A 27 0.20 7.78 6.50
C LYS A 27 1.52 8.47 6.14
N LYS A 28 2.39 8.62 7.14
CA LYS A 28 3.68 9.25 6.92
C LYS A 28 4.57 8.41 6.03
N ALA A 29 4.31 7.11 5.99
CA ALA A 29 5.08 6.19 5.17
C ALA A 29 4.42 5.98 3.81
N TYR A 30 3.14 6.32 3.72
CA TYR A 30 2.39 6.17 2.47
C TYR A 30 2.41 7.46 1.67
N ARG A 31 2.03 8.56 2.30
CA ARG A 31 2.01 9.85 1.64
C ARG A 31 3.28 10.07 0.82
N LYS A 32 4.37 9.47 1.27
CA LYS A 32 5.64 9.60 0.58
C LYS A 32 5.68 8.73 -0.67
N LEU A 33 5.02 7.58 -0.60
CA LEU A 33 4.97 6.66 -1.74
C LEU A 33 3.92 7.10 -2.76
N ALA A 34 2.73 7.41 -2.26
CA ALA A 34 1.64 7.86 -3.14
C ALA A 34 2.10 9.00 -4.05
N LEU A 35 3.02 9.81 -3.56
CA LEU A 35 3.54 10.93 -4.33
C LEU A 35 4.86 10.56 -5.02
N LYS A 36 5.42 9.42 -4.63
CA LYS A 36 6.66 8.95 -5.21
C LYS A 36 6.40 8.11 -6.46
N TRP A 37 5.29 7.37 -6.45
CA TRP A 37 4.93 6.53 -7.58
C TRP A 37 3.73 7.11 -8.32
N HIS A 38 3.46 8.39 -8.08
CA HIS A 38 2.33 9.06 -8.73
C HIS A 38 2.61 9.26 -10.22
N PRO A 39 1.58 9.08 -11.05
CA PRO A 39 1.69 9.24 -12.50
C PRO A 39 1.88 10.69 -12.91
N ASP A 40 1.49 11.61 -12.03
CA ASP A 40 1.62 13.04 -12.31
C ASP A 40 3.01 13.53 -11.91
N LYS A 41 3.72 12.73 -11.14
CA LYS A 41 5.06 13.09 -10.68
C LYS A 41 6.12 12.28 -11.44
N ASN A 42 5.75 11.08 -11.87
CA ASN A 42 6.67 10.22 -12.59
C ASN A 42 6.26 10.09 -14.06
N PRO A 43 6.67 11.08 -14.87
CA PRO A 43 6.36 11.11 -16.30
C PRO A 43 7.11 10.04 -17.08
N GLU A 44 8.42 9.97 -16.87
CA GLU A 44 9.25 8.98 -17.56
C GLU A 44 8.85 7.57 -17.15
N ASN A 45 8.51 7.39 -15.88
CA ASN A 45 8.11 6.08 -15.37
C ASN A 45 6.61 6.04 -15.12
N LYS A 46 5.87 6.93 -15.76
CA LYS A 46 4.43 6.99 -15.60
C LYS A 46 3.80 5.61 -15.72
N GLU A 47 4.33 4.81 -16.64
CA GLU A 47 3.82 3.47 -16.86
C GLU A 47 3.91 2.63 -15.58
N GLU A 48 5.05 2.77 -14.88
CA GLU A 48 5.26 2.03 -13.64
C GLU A 48 4.51 2.68 -12.49
N ALA A 49 4.70 3.99 -12.32
CA ALA A 49 4.04 4.73 -11.25
C ALA A 49 2.53 4.54 -11.30
N GLU A 50 1.99 4.50 -12.53
CA GLU A 50 0.55 4.34 -12.71
C GLU A 50 0.07 3.02 -12.10
N ARG A 51 0.99 2.06 -11.99
CA ARG A 51 0.67 0.75 -11.42
C ARG A 51 1.01 0.70 -9.94
N ARG A 52 2.18 1.24 -9.59
CA ARG A 52 2.63 1.25 -8.21
C ARG A 52 1.70 2.08 -7.33
N PHE A 53 1.23 3.19 -7.89
CA PHE A 53 0.32 4.08 -7.16
C PHE A 53 -1.01 3.39 -6.89
N LYS A 54 -1.38 2.45 -7.76
CA LYS A 54 -2.63 1.72 -7.62
C LYS A 54 -2.60 0.84 -6.38
N GLN A 55 -1.47 0.18 -6.14
CA GLN A 55 -1.32 -0.69 -4.99
C GLN A 55 -1.05 0.12 -3.72
N VAL A 56 -0.26 1.18 -3.86
CA VAL A 56 0.07 2.04 -2.73
C VAL A 56 -1.17 2.72 -2.16
N ALA A 57 -1.98 3.30 -3.05
CA ALA A 57 -3.20 3.97 -2.65
C ALA A 57 -4.15 3.02 -1.92
N GLU A 58 -4.38 1.85 -2.52
CA GLU A 58 -5.26 0.85 -1.93
C GLU A 58 -4.75 0.40 -0.58
N ALA A 59 -3.42 0.31 -0.45
CA ALA A 59 -2.79 -0.11 0.79
C ALA A 59 -3.13 0.85 1.93
N TYR A 60 -2.83 2.13 1.72
CA TYR A 60 -3.09 3.14 2.73
C TYR A 60 -4.59 3.35 2.92
N GLU A 61 -5.35 3.20 1.83
CA GLU A 61 -6.80 3.37 1.88
C GLU A 61 -7.43 2.29 2.74
N VAL A 62 -6.72 1.17 2.91
CA VAL A 62 -7.23 0.07 3.72
C VAL A 62 -6.64 0.09 5.12
N LEU A 63 -5.35 0.42 5.21
CA LEU A 63 -4.67 0.48 6.49
C LEU A 63 -5.05 1.75 7.26
N SER A 64 -5.02 2.88 6.57
CA SER A 64 -5.36 4.16 7.17
C SER A 64 -6.78 4.13 7.73
N ASP A 65 -7.60 3.21 7.22
CA ASP A 65 -8.98 3.08 7.67
C ASP A 65 -9.07 2.23 8.92
N ALA A 66 -10.09 2.48 9.73
CA ALA A 66 -10.29 1.73 10.96
C ALA A 66 -11.18 0.51 10.73
N LYS A 67 -11.93 0.53 9.64
CA LYS A 67 -12.82 -0.56 9.30
C LYS A 67 -12.16 -1.52 8.31
N LYS A 68 -11.59 -0.96 7.25
CA LYS A 68 -10.91 -1.77 6.23
C LYS A 68 -9.68 -2.46 6.81
N ARG A 69 -8.91 -1.71 7.60
CA ARG A 69 -7.70 -2.25 8.22
C ARG A 69 -8.03 -3.43 9.13
N ASP A 70 -8.90 -3.18 10.11
CA ASP A 70 -9.31 -4.21 11.04
C ASP A 70 -9.72 -5.49 10.31
N ILE A 71 -10.54 -5.33 9.28
CA ILE A 71 -11.02 -6.47 8.50
C ILE A 71 -9.86 -7.16 7.79
N TYR A 72 -8.98 -6.37 7.20
CA TYR A 72 -7.82 -6.91 6.49
C TYR A 72 -6.92 -7.70 7.43
N ASP A 73 -6.43 -7.03 8.47
CA ASP A 73 -5.55 -7.67 9.45
C ASP A 73 -6.21 -8.93 10.02
N ARG A 74 -7.50 -8.84 10.31
CA ARG A 74 -8.24 -9.96 10.85
C ARG A 74 -8.34 -11.10 9.84
N TYR A 75 -9.07 -10.85 8.75
CA TYR A 75 -9.25 -11.85 7.71
C TYR A 75 -8.27 -11.62 6.57
N GLY A 76 -8.36 -10.46 5.94
CA GLY A 76 -7.47 -10.13 4.84
C GLY A 76 -8.20 -10.02 3.51
N SER A 77 -8.39 -11.15 2.84
CA SER A 77 -9.07 -11.17 1.56
C SER A 77 -9.74 -12.53 1.31
N GLY A 78 -11.01 -12.50 0.93
CA GLY A 78 -11.74 -13.73 0.68
C GLY A 78 -11.84 -14.04 -0.80
N PRO A 79 -12.35 -15.24 -1.13
CA PRO A 79 -12.50 -15.68 -2.51
C PRO A 79 -13.59 -14.92 -3.25
N SER A 80 -13.75 -15.21 -4.53
CA SER A 80 -14.75 -14.54 -5.35
C SER A 80 -16.08 -14.45 -4.61
N SER A 81 -16.64 -13.24 -4.55
CA SER A 81 -17.91 -13.01 -3.87
C SER A 81 -18.87 -12.21 -4.75
N GLY A 82 -19.88 -12.90 -5.27
CA GLY A 82 -20.86 -12.24 -6.13
C GLY A 82 -20.89 -12.82 -7.52
N GLY A 1 18.00 -5.25 1.64
CA GLY A 1 18.61 -5.67 0.40
C GLY A 1 17.61 -6.25 -0.58
N SER A 2 17.44 -5.60 -1.73
CA SER A 2 16.51 -6.06 -2.74
C SER A 2 15.10 -6.19 -2.17
N SER A 3 14.70 -5.20 -1.36
CA SER A 3 13.39 -5.20 -0.75
C SER A 3 12.29 -5.29 -1.81
N GLY A 4 11.16 -5.89 -1.44
CA GLY A 4 10.05 -6.02 -2.36
C GLY A 4 9.83 -7.46 -2.81
N SER A 5 8.82 -7.67 -3.64
CA SER A 5 8.50 -9.01 -4.14
C SER A 5 7.44 -8.95 -5.23
N SER A 6 7.48 -9.92 -6.14
CA SER A 6 6.54 -9.97 -7.25
C SER A 6 5.57 -11.13 -7.07
N GLY A 7 4.39 -10.84 -6.53
CA GLY A 7 3.40 -11.88 -6.33
C GLY A 7 2.13 -11.34 -5.69
N MET A 8 2.19 -11.08 -4.39
CA MET A 8 1.04 -10.56 -3.66
C MET A 8 1.19 -9.06 -3.40
N VAL A 9 0.19 -8.47 -2.76
CA VAL A 9 0.20 -7.04 -2.45
C VAL A 9 -0.17 -6.80 -0.99
N ASP A 10 0.84 -6.82 -0.12
CA ASP A 10 0.62 -6.59 1.30
C ASP A 10 0.70 -5.11 1.63
N TYR A 11 -0.46 -4.48 1.78
CA TYR A 11 -0.52 -3.06 2.10
C TYR A 11 0.64 -2.64 3.00
N TYR A 12 0.68 -3.21 4.21
CA TYR A 12 1.73 -2.91 5.16
C TYR A 12 3.10 -2.88 4.48
N GLU A 13 3.35 -3.89 3.65
CA GLU A 13 4.62 -3.97 2.93
C GLU A 13 4.63 -3.04 1.72
N VAL A 14 3.44 -2.65 1.28
CA VAL A 14 3.31 -1.75 0.14
C VAL A 14 3.53 -0.30 0.54
N LEU A 15 3.22 0.01 1.79
CA LEU A 15 3.39 1.37 2.31
C LEU A 15 4.69 1.51 3.08
N ASP A 16 5.51 0.45 3.04
CA ASP A 16 6.79 0.46 3.73
C ASP A 16 6.59 0.60 5.25
N VAL A 17 5.62 -0.13 5.78
CA VAL A 17 5.33 -0.09 7.20
C VAL A 17 5.06 -1.48 7.75
N PRO A 18 5.37 -1.69 9.04
CA PRO A 18 5.16 -2.98 9.71
C PRO A 18 3.68 -3.30 9.91
N ARG A 19 3.41 -4.55 10.23
CA ARG A 19 2.03 -5.00 10.46
C ARG A 19 1.38 -4.23 11.60
N GLN A 20 2.19 -3.85 12.58
CA GLN A 20 1.71 -3.11 13.74
C GLN A 20 1.86 -1.61 13.53
N ALA A 21 2.31 -1.22 12.34
CA ALA A 21 2.50 0.19 12.02
C ALA A 21 1.31 1.02 12.48
N SER A 22 1.59 2.11 13.19
CA SER A 22 0.54 2.99 13.69
C SER A 22 -0.02 3.86 12.56
N SER A 23 -1.32 4.11 12.61
CA SER A 23 -1.98 4.92 11.60
C SER A 23 -1.07 6.06 11.14
N GLU A 24 -0.70 6.92 12.08
CA GLU A 24 0.17 8.06 11.77
C GLU A 24 1.42 7.60 11.03
N ALA A 25 1.94 6.43 11.41
CA ALA A 25 3.13 5.87 10.77
C ALA A 25 2.83 5.40 9.36
N ILE A 26 1.58 4.99 9.13
CA ILE A 26 1.17 4.51 7.82
C ILE A 26 1.04 5.67 6.82
N LYS A 27 0.31 6.71 7.23
CA LYS A 27 0.12 7.87 6.39
C LYS A 27 1.44 8.55 6.06
N LYS A 28 2.31 8.64 7.06
CA LYS A 28 3.62 9.25 6.88
C LYS A 28 4.50 8.41 5.95
N ALA A 29 4.24 7.10 5.92
CA ALA A 29 4.99 6.19 5.08
C ALA A 29 4.30 5.97 3.73
N TYR A 30 3.02 6.33 3.67
CA TYR A 30 2.24 6.17 2.45
C TYR A 30 2.26 7.45 1.62
N ARG A 31 1.89 8.56 2.25
CA ARG A 31 1.86 9.85 1.57
C ARG A 31 3.15 10.08 0.79
N LYS A 32 4.25 9.48 1.26
CA LYS A 32 5.53 9.61 0.60
C LYS A 32 5.61 8.74 -0.64
N LEU A 33 4.90 7.62 -0.62
CA LEU A 33 4.88 6.71 -1.76
C LEU A 33 3.85 7.14 -2.79
N ALA A 34 2.67 7.52 -2.33
CA ALA A 34 1.61 7.96 -3.22
C ALA A 34 2.09 9.08 -4.13
N LEU A 35 3.01 9.90 -3.64
CA LEU A 35 3.56 11.00 -4.41
C LEU A 35 4.88 10.61 -5.08
N LYS A 36 5.43 9.48 -4.65
CA LYS A 36 6.69 8.99 -5.21
C LYS A 36 6.44 8.14 -6.45
N TRP A 37 5.33 7.42 -6.46
CA TRP A 37 4.97 6.56 -7.57
C TRP A 37 3.80 7.15 -8.36
N HIS A 38 3.52 8.43 -8.12
CA HIS A 38 2.42 9.11 -8.80
C HIS A 38 2.74 9.30 -10.28
N PRO A 39 1.71 9.11 -11.13
CA PRO A 39 1.86 9.26 -12.58
C PRO A 39 2.07 10.71 -12.99
N ASP A 40 1.74 11.64 -12.10
CA ASP A 40 1.89 13.06 -12.37
C ASP A 40 3.28 13.54 -11.98
N LYS A 41 3.96 12.76 -11.14
CA LYS A 41 5.30 13.10 -10.67
C LYS A 41 6.35 12.26 -11.38
N ASN A 42 5.94 11.09 -11.88
CA ASN A 42 6.84 10.19 -12.58
C ASN A 42 6.46 10.07 -14.05
N PRO A 43 6.90 11.05 -14.86
CA PRO A 43 6.62 11.08 -16.30
C PRO A 43 7.36 9.97 -17.05
N GLU A 44 8.65 9.84 -16.77
CA GLU A 44 9.47 8.81 -17.42
C GLU A 44 9.01 7.42 -17.04
N ASN A 45 8.71 7.22 -15.76
CA ASN A 45 8.25 5.92 -15.27
C ASN A 45 6.74 5.93 -15.05
N LYS A 46 6.06 6.86 -15.70
CA LYS A 46 4.61 6.97 -15.58
C LYS A 46 3.95 5.59 -15.67
N GLU A 47 4.40 4.79 -16.62
CA GLU A 47 3.85 3.45 -16.80
C GLU A 47 3.90 2.66 -15.49
N GLU A 48 5.07 2.63 -14.87
CA GLU A 48 5.26 1.91 -13.62
C GLU A 48 4.50 2.59 -12.48
N ALA A 49 4.78 3.89 -12.30
CA ALA A 49 4.14 4.66 -11.25
C ALA A 49 2.62 4.50 -11.30
N GLU A 50 2.08 4.44 -12.51
CA GLU A 50 0.63 4.28 -12.68
C GLU A 50 0.15 2.99 -12.05
N ARG A 51 1.04 2.02 -11.92
CA ARG A 51 0.71 0.74 -11.34
C ARG A 51 1.05 0.70 -9.85
N ARG A 52 2.18 1.31 -9.49
CA ARG A 52 2.62 1.35 -8.11
C ARG A 52 1.69 2.21 -7.27
N PHE A 53 1.24 3.33 -7.83
CA PHE A 53 0.34 4.24 -7.14
C PHE A 53 -1.01 3.58 -6.88
N LYS A 54 -1.41 2.69 -7.79
CA LYS A 54 -2.68 1.99 -7.66
C LYS A 54 -2.69 1.10 -6.42
N GLN A 55 -1.59 0.37 -6.21
CA GLN A 55 -1.47 -0.52 -5.06
C GLN A 55 -1.20 0.28 -3.78
N VAL A 56 -0.40 1.33 -3.90
CA VAL A 56 -0.06 2.16 -2.76
C VAL A 56 -1.30 2.84 -2.18
N ALA A 57 -2.13 3.38 -3.07
CA ALA A 57 -3.35 4.05 -2.65
C ALA A 57 -4.28 3.09 -1.90
N GLU A 58 -4.53 1.93 -2.51
CA GLU A 58 -5.41 0.93 -1.90
C GLU A 58 -4.86 0.47 -0.56
N ALA A 59 -3.53 0.29 -0.50
CA ALA A 59 -2.88 -0.14 0.74
C ALA A 59 -3.19 0.81 1.89
N TYR A 60 -2.97 2.09 1.66
CA TYR A 60 -3.23 3.11 2.67
C TYR A 60 -4.73 3.30 2.89
N GLU A 61 -5.50 3.12 1.83
CA GLU A 61 -6.95 3.27 1.90
C GLU A 61 -7.56 2.22 2.82
N VAL A 62 -6.95 1.05 2.86
CA VAL A 62 -7.43 -0.04 3.71
C VAL A 62 -6.79 0.00 5.08
N LEU A 63 -5.51 0.36 5.13
CA LEU A 63 -4.78 0.45 6.39
C LEU A 63 -5.16 1.71 7.15
N SER A 64 -5.03 2.85 6.49
CA SER A 64 -5.36 4.14 7.10
C SER A 64 -6.74 4.09 7.76
N ASP A 65 -7.56 3.14 7.32
CA ASP A 65 -8.90 2.99 7.86
C ASP A 65 -8.89 2.08 9.08
N ALA A 66 -9.74 2.39 10.06
CA ALA A 66 -9.83 1.60 11.28
C ALA A 66 -10.74 0.40 11.08
N LYS A 67 -11.61 0.47 10.07
CA LYS A 67 -12.54 -0.60 9.78
C LYS A 67 -11.96 -1.57 8.74
N LYS A 68 -11.46 -1.02 7.65
CA LYS A 68 -10.86 -1.83 6.59
C LYS A 68 -9.58 -2.48 7.07
N ARG A 69 -8.77 -1.74 7.80
CA ARG A 69 -7.51 -2.26 8.32
C ARG A 69 -7.75 -3.42 9.29
N ASP A 70 -8.56 -3.17 10.31
CA ASP A 70 -8.88 -4.19 11.30
C ASP A 70 -9.39 -5.46 10.63
N ILE A 71 -10.29 -5.29 9.66
CA ILE A 71 -10.85 -6.43 8.94
C ILE A 71 -9.78 -7.14 8.11
N TYR A 72 -8.93 -6.36 7.47
CA TYR A 72 -7.87 -6.92 6.64
C TYR A 72 -6.88 -7.72 7.49
N ASP A 73 -6.34 -7.08 8.52
CA ASP A 73 -5.38 -7.73 9.41
C ASP A 73 -6.00 -8.97 10.04
N ARG A 74 -7.30 -8.92 10.31
CA ARG A 74 -7.99 -10.05 10.92
C ARG A 74 -8.21 -11.17 9.89
N TYR A 75 -9.02 -10.88 8.88
CA TYR A 75 -9.31 -11.86 7.84
C TYR A 75 -8.40 -11.65 6.63
N GLY A 76 -8.46 -10.45 6.05
CA GLY A 76 -7.65 -10.15 4.89
C GLY A 76 -8.48 -9.93 3.64
N SER A 77 -8.75 -11.01 2.92
CA SER A 77 -9.54 -10.93 1.69
C SER A 77 -10.71 -11.91 1.73
N GLY A 78 -11.86 -11.43 2.20
CA GLY A 78 -13.04 -12.28 2.27
C GLY A 78 -14.32 -11.48 2.13
N PRO A 79 -14.92 -11.13 3.28
CA PRO A 79 -16.17 -10.36 3.32
C PRO A 79 -15.98 -8.92 2.84
N SER A 80 -14.74 -8.54 2.57
CA SER A 80 -14.43 -7.20 2.11
C SER A 80 -15.41 -6.75 1.03
N SER A 81 -16.41 -6.00 1.44
CA SER A 81 -17.42 -5.50 0.50
C SER A 81 -16.83 -4.45 -0.43
N GLY A 82 -17.41 -4.32 -1.62
CA GLY A 82 -16.93 -3.35 -2.59
C GLY A 82 -17.25 -3.74 -4.01
N GLY A 1 20.37 1.05 -5.54
CA GLY A 1 19.45 0.30 -4.70
C GLY A 1 18.91 -0.94 -5.39
N SER A 2 18.23 -1.78 -4.62
CA SER A 2 17.66 -3.02 -5.16
C SER A 2 16.18 -3.12 -4.84
N SER A 3 15.46 -3.96 -5.58
CA SER A 3 14.03 -4.15 -5.38
C SER A 3 13.53 -5.35 -6.18
N GLY A 4 12.80 -6.24 -5.51
CA GLY A 4 12.26 -7.41 -6.16
C GLY A 4 10.81 -7.65 -5.82
N SER A 5 9.99 -7.82 -6.85
CA SER A 5 8.56 -8.05 -6.66
C SER A 5 8.28 -9.53 -6.41
N SER A 6 7.79 -9.83 -5.21
CA SER A 6 7.48 -11.21 -4.84
C SER A 6 6.22 -11.69 -5.54
N GLY A 7 5.12 -10.98 -5.32
CA GLY A 7 3.86 -11.36 -5.93
C GLY A 7 2.67 -10.70 -5.27
N MET A 8 2.24 -11.28 -4.14
CA MET A 8 1.10 -10.74 -3.40
C MET A 8 1.26 -9.24 -3.17
N VAL A 9 0.27 -8.64 -2.52
CA VAL A 9 0.29 -7.21 -2.24
C VAL A 9 -0.09 -6.93 -0.79
N ASP A 10 0.93 -6.90 0.08
CA ASP A 10 0.69 -6.63 1.50
C ASP A 10 0.77 -5.15 1.80
N TYR A 11 -0.39 -4.51 1.94
CA TYR A 11 -0.45 -3.09 2.22
C TYR A 11 0.71 -2.65 3.11
N TYR A 12 0.78 -3.22 4.31
CA TYR A 12 1.83 -2.89 5.25
C TYR A 12 3.19 -2.88 4.56
N GLU A 13 3.44 -3.90 3.75
CA GLU A 13 4.71 -4.01 3.02
C GLU A 13 4.71 -3.10 1.79
N VAL A 14 3.52 -2.69 1.37
CA VAL A 14 3.39 -1.82 0.21
C VAL A 14 3.61 -0.35 0.59
N LEU A 15 3.27 -0.01 1.84
CA LEU A 15 3.43 1.35 2.33
C LEU A 15 4.73 1.51 3.11
N ASP A 16 5.55 0.46 3.08
CA ASP A 16 6.83 0.48 3.80
C ASP A 16 6.62 0.67 5.29
N VAL A 17 5.72 -0.12 5.86
CA VAL A 17 5.42 -0.04 7.29
C VAL A 17 5.18 -1.42 7.89
N PRO A 18 5.48 -1.56 9.18
CA PRO A 18 5.32 -2.84 9.90
C PRO A 18 3.85 -3.20 10.10
N ARG A 19 3.59 -4.45 10.44
CA ARG A 19 2.23 -4.92 10.66
C ARG A 19 1.56 -4.14 11.80
N GLN A 20 2.36 -3.72 12.77
CA GLN A 20 1.84 -2.96 13.91
C GLN A 20 1.96 -1.46 13.66
N ALA A 21 2.39 -1.10 12.46
CA ALA A 21 2.54 0.31 12.09
C ALA A 21 1.32 1.12 12.53
N SER A 22 1.56 2.21 13.24
CA SER A 22 0.48 3.06 13.72
C SER A 22 -0.04 3.96 12.59
N SER A 23 -1.34 4.24 12.63
CA SER A 23 -1.97 5.08 11.62
C SER A 23 -1.01 6.17 11.14
N GLU A 24 -0.65 7.07 12.05
CA GLU A 24 0.26 8.16 11.71
C GLU A 24 1.51 7.64 11.00
N ALA A 25 1.97 6.46 11.43
CA ALA A 25 3.16 5.85 10.84
C ALA A 25 2.84 5.31 9.45
N ILE A 26 1.58 5.00 9.20
CA ILE A 26 1.16 4.48 7.90
C ILE A 26 0.99 5.60 6.89
N LYS A 27 0.40 6.71 7.32
CA LYS A 27 0.18 7.85 6.45
C LYS A 27 1.50 8.54 6.12
N LYS A 28 2.39 8.61 7.10
CA LYS A 28 3.70 9.24 6.91
C LYS A 28 4.58 8.39 6.00
N ALA A 29 4.29 7.09 5.94
CA ALA A 29 5.06 6.18 5.12
C ALA A 29 4.39 5.97 3.77
N TYR A 30 3.11 6.30 3.69
CA TYR A 30 2.36 6.14 2.44
C TYR A 30 2.41 7.43 1.61
N ARG A 31 1.98 8.53 2.21
CA ARG A 31 1.98 9.82 1.52
C ARG A 31 3.26 10.01 0.72
N LYS A 32 4.34 9.43 1.20
CA LYS A 32 5.64 9.53 0.53
C LYS A 32 5.66 8.66 -0.73
N LEU A 33 5.04 7.49 -0.65
CA LEU A 33 4.99 6.57 -1.78
C LEU A 33 3.95 7.02 -2.80
N ALA A 34 2.77 7.38 -2.29
CA ALA A 34 1.69 7.83 -3.17
C ALA A 34 2.15 8.93 -4.11
N LEU A 35 3.10 9.73 -3.66
CA LEU A 35 3.64 10.82 -4.46
C LEU A 35 4.93 10.40 -5.15
N LYS A 36 5.51 9.30 -4.70
CA LYS A 36 6.75 8.79 -5.27
C LYS A 36 6.46 7.97 -6.53
N TRP A 37 5.33 7.27 -6.53
CA TRP A 37 4.94 6.45 -7.67
C TRP A 37 3.75 7.06 -8.40
N HIS A 38 3.50 8.34 -8.14
CA HIS A 38 2.39 9.04 -8.77
C HIS A 38 2.65 9.26 -10.26
N PRO A 39 1.61 9.08 -11.08
CA PRO A 39 1.71 9.26 -12.54
C PRO A 39 1.91 10.71 -12.93
N ASP A 40 1.60 11.61 -12.01
CA ASP A 40 1.74 13.05 -12.27
C ASP A 40 3.12 13.54 -11.86
N LYS A 41 3.80 12.74 -11.04
CA LYS A 41 5.14 13.09 -10.57
C LYS A 41 6.21 12.31 -11.31
N ASN A 42 5.84 11.11 -11.76
CA ASN A 42 6.77 10.24 -12.49
C ASN A 42 6.37 10.13 -13.96
N PRO A 43 6.77 11.13 -14.76
CA PRO A 43 6.46 11.17 -16.18
C PRO A 43 7.22 10.10 -16.97
N GLU A 44 8.51 9.95 -16.66
CA GLU A 44 9.34 8.96 -17.33
C GLU A 44 8.87 7.53 -17.01
N ASN A 45 8.58 7.29 -15.74
CA ASN A 45 8.12 5.97 -15.31
C ASN A 45 6.61 5.96 -15.11
N LYS A 46 5.93 6.93 -15.71
CA LYS A 46 4.48 7.04 -15.61
C LYS A 46 3.84 5.66 -15.75
N GLU A 47 4.35 4.85 -16.67
CA GLU A 47 3.81 3.51 -16.88
C GLU A 47 3.86 2.69 -15.60
N GLU A 48 5.01 2.71 -14.93
CA GLU A 48 5.18 1.96 -13.69
C GLU A 48 4.44 2.64 -12.54
N ALA A 49 4.69 3.93 -12.37
CA ALA A 49 4.04 4.69 -11.30
C ALA A 49 2.52 4.53 -11.35
N GLU A 50 1.98 4.49 -12.57
CA GLU A 50 0.55 4.34 -12.75
C GLU A 50 0.05 3.03 -12.15
N ARG A 51 0.96 2.06 -12.03
CA ARG A 51 0.61 0.76 -11.48
C ARG A 51 0.95 0.70 -9.99
N ARG A 52 2.10 1.26 -9.62
CA ARG A 52 2.55 1.26 -8.24
C ARG A 52 1.61 2.11 -7.37
N PHE A 53 1.23 3.28 -7.91
CA PHE A 53 0.35 4.18 -7.19
C PHE A 53 -1.01 3.54 -6.93
N LYS A 54 -1.36 2.57 -7.77
CA LYS A 54 -2.64 1.86 -7.65
C LYS A 54 -2.65 0.99 -6.40
N GLN A 55 -1.54 0.30 -6.16
CA GLN A 55 -1.43 -0.58 -5.00
C GLN A 55 -1.16 0.23 -3.73
N VAL A 56 -0.34 1.27 -3.87
CA VAL A 56 0.01 2.12 -2.74
C VAL A 56 -1.23 2.80 -2.16
N ALA A 57 -2.03 3.39 -3.04
CA ALA A 57 -3.25 4.07 -2.62
C ALA A 57 -4.19 3.12 -1.89
N GLU A 58 -4.41 1.95 -2.48
CA GLU A 58 -5.30 0.95 -1.88
C GLU A 58 -4.76 0.50 -0.52
N ALA A 59 -3.44 0.34 -0.44
CA ALA A 59 -2.81 -0.10 0.80
C ALA A 59 -3.13 0.87 1.95
N TYR A 60 -2.85 2.15 1.73
CA TYR A 60 -3.10 3.17 2.74
C TYR A 60 -4.60 3.36 2.95
N GLU A 61 -5.37 3.22 1.88
CA GLU A 61 -6.81 3.38 1.94
C GLU A 61 -7.44 2.32 2.84
N VAL A 62 -6.79 1.16 2.92
CA VAL A 62 -7.28 0.06 3.74
C VAL A 62 -6.67 0.11 5.13
N LEU A 63 -5.37 0.36 5.19
CA LEU A 63 -4.67 0.43 6.47
C LEU A 63 -5.06 1.69 7.25
N SER A 64 -4.99 2.83 6.58
CA SER A 64 -5.34 4.10 7.20
C SER A 64 -6.76 4.07 7.74
N ASP A 65 -7.54 3.10 7.27
CA ASP A 65 -8.94 2.96 7.71
C ASP A 65 -9.02 2.08 8.96
N ALA A 66 -9.97 2.40 9.84
CA ALA A 66 -10.15 1.64 11.07
C ALA A 66 -11.03 0.42 10.83
N LYS A 67 -11.80 0.45 9.75
CA LYS A 67 -12.69 -0.66 9.40
C LYS A 67 -12.04 -1.60 8.39
N LYS A 68 -11.43 -1.01 7.36
CA LYS A 68 -10.77 -1.79 6.32
C LYS A 68 -9.50 -2.44 6.86
N ARG A 69 -8.76 -1.70 7.68
CA ARG A 69 -7.53 -2.23 8.27
C ARG A 69 -7.82 -3.40 9.20
N ASP A 70 -8.68 -3.16 10.18
CA ASP A 70 -9.04 -4.21 11.14
C ASP A 70 -9.54 -5.46 10.42
N ILE A 71 -10.41 -5.26 9.43
CA ILE A 71 -10.96 -6.37 8.67
C ILE A 71 -9.86 -7.09 7.89
N TYR A 72 -8.90 -6.34 7.39
CA TYR A 72 -7.80 -6.90 6.62
C TYR A 72 -6.93 -7.79 7.50
N ASP A 73 -6.43 -7.23 8.58
CA ASP A 73 -5.57 -7.98 9.51
C ASP A 73 -6.32 -9.17 10.08
N ARG A 74 -7.63 -9.04 10.19
CA ARG A 74 -8.46 -10.12 10.73
C ARG A 74 -8.64 -11.23 9.70
N TYR A 75 -9.31 -10.91 8.60
CA TYR A 75 -9.56 -11.89 7.54
C TYR A 75 -8.59 -11.68 6.38
N GLY A 76 -8.59 -10.47 5.82
CA GLY A 76 -7.71 -10.16 4.70
C GLY A 76 -8.46 -9.61 3.52
N SER A 77 -8.55 -10.40 2.45
CA SER A 77 -9.24 -9.98 1.24
C SER A 77 -10.52 -10.79 1.03
N GLY A 78 -11.59 -10.36 1.70
CA GLY A 78 -12.86 -11.06 1.58
C GLY A 78 -13.56 -10.75 0.27
N PRO A 79 -14.39 -11.69 -0.20
CA PRO A 79 -15.14 -11.54 -1.45
C PRO A 79 -16.24 -10.49 -1.34
N SER A 80 -16.74 -10.04 -2.49
CA SER A 80 -17.80 -9.03 -2.52
C SER A 80 -17.47 -7.88 -1.57
N SER A 81 -16.22 -7.44 -1.59
CA SER A 81 -15.78 -6.35 -0.73
C SER A 81 -14.45 -5.77 -1.22
N GLY A 82 -14.09 -4.61 -0.68
CA GLY A 82 -12.83 -3.98 -1.08
C GLY A 82 -11.63 -4.86 -0.79
N GLY A 1 18.53 -1.31 -4.35
CA GLY A 1 19.16 -2.54 -4.75
C GLY A 1 18.29 -3.37 -5.69
N SER A 2 17.36 -4.12 -5.12
CA SER A 2 16.45 -4.95 -5.91
C SER A 2 15.00 -4.56 -5.67
N SER A 3 14.21 -4.57 -6.74
CA SER A 3 12.80 -4.21 -6.65
C SER A 3 11.93 -5.36 -7.13
N GLY A 4 11.28 -6.03 -6.18
CA GLY A 4 10.41 -7.15 -6.51
C GLY A 4 8.94 -6.80 -6.40
N SER A 5 8.28 -7.37 -5.40
CA SER A 5 6.86 -7.12 -5.18
C SER A 5 6.01 -7.81 -6.26
N SER A 6 6.37 -9.04 -6.59
CA SER A 6 5.65 -9.79 -7.60
C SER A 6 4.89 -10.97 -6.98
N GLY A 7 3.56 -10.92 -7.06
CA GLY A 7 2.74 -11.97 -6.50
C GLY A 7 1.63 -11.43 -5.62
N MET A 8 1.93 -11.25 -4.34
CA MET A 8 0.94 -10.74 -3.39
C MET A 8 1.18 -9.25 -3.10
N VAL A 9 0.14 -8.58 -2.62
CA VAL A 9 0.25 -7.16 -2.30
C VAL A 9 -0.08 -6.90 -0.83
N ASP A 10 0.95 -6.92 0.01
CA ASP A 10 0.77 -6.68 1.43
C ASP A 10 0.85 -5.20 1.75
N TYR A 11 -0.31 -4.57 1.95
CA TYR A 11 -0.37 -3.15 2.25
C TYR A 11 0.82 -2.72 3.10
N TYR A 12 0.92 -3.29 4.30
CA TYR A 12 2.01 -2.96 5.21
C TYR A 12 3.34 -2.91 4.47
N GLU A 13 3.59 -3.91 3.63
CA GLU A 13 4.82 -3.97 2.86
C GLU A 13 4.76 -3.03 1.66
N VAL A 14 3.56 -2.64 1.27
CA VAL A 14 3.36 -1.74 0.15
C VAL A 14 3.58 -0.29 0.55
N LEU A 15 3.27 0.01 1.81
CA LEU A 15 3.43 1.36 2.33
C LEU A 15 4.75 1.51 3.07
N ASP A 16 5.61 0.49 2.97
CA ASP A 16 6.90 0.50 3.63
C ASP A 16 6.74 0.68 5.14
N VAL A 17 5.81 -0.08 5.72
CA VAL A 17 5.56 -0.02 7.15
C VAL A 17 5.35 -1.40 7.74
N PRO A 18 5.69 -1.56 9.02
CA PRO A 18 5.56 -2.84 9.73
C PRO A 18 4.10 -3.21 9.97
N ARG A 19 3.87 -4.45 10.42
CA ARG A 19 2.53 -4.92 10.69
C ARG A 19 1.89 -4.15 11.84
N GLN A 20 2.72 -3.71 12.78
CA GLN A 20 2.24 -2.96 13.94
C GLN A 20 2.36 -1.46 13.69
N ALA A 21 2.73 -1.09 12.47
CA ALA A 21 2.88 0.32 12.11
C ALA A 21 1.69 1.14 12.60
N SER A 22 1.98 2.21 13.33
CA SER A 22 0.94 3.08 13.88
C SER A 22 0.28 3.88 12.76
N SER A 23 -1.00 4.20 12.94
CA SER A 23 -1.75 4.98 11.96
C SER A 23 -0.90 6.11 11.40
N GLU A 24 -0.45 7.00 12.27
CA GLU A 24 0.37 8.14 11.87
C GLU A 24 1.61 7.66 11.10
N ALA A 25 2.08 6.46 11.42
CA ALA A 25 3.24 5.89 10.77
C ALA A 25 2.89 5.35 9.39
N ILE A 26 1.64 4.93 9.22
CA ILE A 26 1.17 4.39 7.96
C ILE A 26 0.95 5.49 6.94
N LYS A 27 0.50 6.66 7.42
CA LYS A 27 0.25 7.79 6.54
C LYS A 27 1.55 8.48 6.15
N LYS A 28 2.44 8.67 7.12
CA LYS A 28 3.72 9.31 6.87
C LYS A 28 4.59 8.45 5.95
N ALA A 29 4.31 7.15 5.93
CA ALA A 29 5.06 6.23 5.08
C ALA A 29 4.37 6.02 3.73
N TYR A 30 3.08 6.39 3.68
CA TYR A 30 2.31 6.24 2.46
C TYR A 30 2.34 7.53 1.63
N ARG A 31 1.94 8.63 2.26
CA ARG A 31 1.92 9.93 1.59
C ARG A 31 3.18 10.13 0.75
N LYS A 32 4.28 9.53 1.20
CA LYS A 32 5.55 9.64 0.50
C LYS A 32 5.58 8.76 -0.74
N LEU A 33 4.93 7.59 -0.64
CA LEU A 33 4.87 6.65 -1.76
C LEU A 33 3.83 7.09 -2.78
N ALA A 34 2.65 7.44 -2.29
CA ALA A 34 1.56 7.88 -3.17
C ALA A 34 2.01 9.00 -4.09
N LEU A 35 2.94 9.82 -3.61
CA LEU A 35 3.48 10.93 -4.39
C LEU A 35 4.78 10.54 -5.08
N LYS A 36 5.36 9.42 -4.65
CA LYS A 36 6.60 8.94 -5.23
C LYS A 36 6.34 8.10 -6.48
N TRP A 37 5.25 7.35 -6.45
CA TRP A 37 4.88 6.50 -7.58
C TRP A 37 3.70 7.09 -8.35
N HIS A 38 3.42 8.37 -8.08
CA HIS A 38 2.31 9.05 -8.75
C HIS A 38 2.61 9.23 -10.24
N PRO A 39 1.58 9.01 -11.08
CA PRO A 39 1.71 9.15 -12.53
C PRO A 39 1.88 10.61 -12.96
N ASP A 40 1.53 11.53 -12.07
CA ASP A 40 1.64 12.95 -12.36
C ASP A 40 2.99 13.50 -11.91
N LYS A 41 3.70 12.71 -11.10
CA LYS A 41 5.01 13.11 -10.61
C LYS A 41 6.12 12.32 -11.30
N ASN A 42 5.78 11.14 -11.79
CA ASN A 42 6.75 10.29 -12.48
C ASN A 42 6.38 10.14 -13.95
N PRO A 43 6.76 11.13 -14.77
CA PRO A 43 6.49 11.12 -16.20
C PRO A 43 7.30 10.06 -16.95
N GLU A 44 8.56 9.91 -16.57
CA GLU A 44 9.44 8.94 -17.20
C GLU A 44 8.99 7.52 -16.88
N ASN A 45 8.65 7.28 -15.62
CA ASN A 45 8.20 5.97 -15.18
C ASN A 45 6.69 5.95 -14.95
N LYS A 46 5.98 6.77 -15.73
CA LYS A 46 4.53 6.84 -15.62
C LYS A 46 3.89 5.45 -15.69
N GLU A 47 4.43 4.61 -16.56
CA GLU A 47 3.93 3.25 -16.72
C GLU A 47 3.95 2.50 -15.40
N GLU A 48 5.11 2.50 -14.75
CA GLU A 48 5.26 1.82 -13.47
C GLU A 48 4.49 2.53 -12.37
N ALA A 49 4.75 3.82 -12.21
CA ALA A 49 4.07 4.62 -11.19
C ALA A 49 2.56 4.43 -11.27
N GLU A 50 2.03 4.36 -12.49
CA GLU A 50 0.61 4.18 -12.70
C GLU A 50 0.11 2.88 -12.06
N ARG A 51 1.02 1.92 -11.92
CA ARG A 51 0.69 0.63 -11.33
C ARG A 51 1.03 0.61 -9.83
N ARG A 52 2.16 1.23 -9.48
CA ARG A 52 2.59 1.28 -8.08
C ARG A 52 1.63 2.13 -7.25
N PHE A 53 1.17 3.23 -7.83
CA PHE A 53 0.26 4.14 -7.13
C PHE A 53 -1.08 3.45 -6.87
N LYS A 54 -1.45 2.53 -7.75
CA LYS A 54 -2.71 1.80 -7.62
C LYS A 54 -2.69 0.92 -6.36
N GLN A 55 -1.57 0.26 -6.12
CA GLN A 55 -1.43 -0.59 -4.95
C GLN A 55 -1.17 0.23 -3.69
N VAL A 56 -0.39 1.28 -3.83
CA VAL A 56 -0.06 2.16 -2.71
C VAL A 56 -1.32 2.82 -2.16
N ALA A 57 -2.09 3.43 -3.03
CA ALA A 57 -3.33 4.11 -2.63
C ALA A 57 -4.27 3.14 -1.92
N GLU A 58 -4.55 2.02 -2.56
CA GLU A 58 -5.44 1.02 -1.99
C GLU A 58 -4.92 0.52 -0.65
N ALA A 59 -3.60 0.45 -0.53
CA ALA A 59 -2.97 0.00 0.71
C ALA A 59 -3.28 0.95 1.86
N TYR A 60 -2.92 2.21 1.70
CA TYR A 60 -3.16 3.22 2.73
C TYR A 60 -4.65 3.39 2.98
N GLU A 61 -5.45 3.20 1.93
CA GLU A 61 -6.89 3.34 2.04
C GLU A 61 -7.47 2.27 2.96
N VAL A 62 -6.89 1.07 2.92
CA VAL A 62 -7.34 -0.03 3.76
C VAL A 62 -6.70 0.02 5.14
N LEU A 63 -5.44 0.42 5.18
CA LEU A 63 -4.70 0.51 6.44
C LEU A 63 -5.11 1.77 7.21
N SER A 64 -4.94 2.92 6.57
CA SER A 64 -5.29 4.19 7.20
C SER A 64 -6.70 4.16 7.78
N ASP A 65 -7.54 3.27 7.23
CA ASP A 65 -8.90 3.13 7.70
C ASP A 65 -8.97 2.25 8.94
N ALA A 66 -10.03 2.42 9.72
CA ALA A 66 -10.23 1.63 10.94
C ALA A 66 -11.02 0.37 10.66
N LYS A 67 -12.05 0.49 9.81
CA LYS A 67 -12.89 -0.64 9.47
C LYS A 67 -12.22 -1.52 8.42
N LYS A 68 -11.71 -0.90 7.37
CA LYS A 68 -11.04 -1.63 6.29
C LYS A 68 -9.82 -2.37 6.82
N ARG A 69 -8.99 -1.66 7.58
CA ARG A 69 -7.78 -2.25 8.14
C ARG A 69 -8.12 -3.48 9.00
N ASP A 70 -8.96 -3.28 10.01
CA ASP A 70 -9.37 -4.36 10.89
C ASP A 70 -9.79 -5.58 10.09
N ILE A 71 -10.64 -5.36 9.09
CA ILE A 71 -11.13 -6.45 8.25
C ILE A 71 -9.97 -7.18 7.56
N TYR A 72 -9.01 -6.40 7.07
CA TYR A 72 -7.85 -6.96 6.38
C TYR A 72 -7.00 -7.77 7.35
N ASP A 73 -6.58 -7.13 8.44
CA ASP A 73 -5.75 -7.78 9.45
C ASP A 73 -6.46 -9.00 10.02
N ARG A 74 -7.78 -8.92 10.11
CA ARG A 74 -8.58 -10.03 10.65
C ARG A 74 -8.63 -11.19 9.65
N TYR A 75 -9.28 -10.96 8.52
CA TYR A 75 -9.40 -11.99 7.50
C TYR A 75 -8.39 -11.76 6.37
N GLY A 76 -8.45 -10.58 5.76
CA GLY A 76 -7.53 -10.26 4.68
C GLY A 76 -8.25 -9.88 3.40
N SER A 77 -8.19 -10.77 2.41
CA SER A 77 -8.84 -10.52 1.12
C SER A 77 -10.27 -11.05 1.13
N GLY A 78 -11.23 -10.13 1.12
CA GLY A 78 -12.63 -10.52 1.14
C GLY A 78 -13.53 -9.41 0.63
N PRO A 79 -14.79 -9.77 0.31
CA PRO A 79 -15.78 -8.82 -0.20
C PRO A 79 -16.23 -7.83 0.88
N SER A 80 -16.33 -6.56 0.50
CA SER A 80 -16.75 -5.52 1.43
C SER A 80 -18.16 -5.79 1.94
N SER A 81 -18.32 -5.74 3.27
CA SER A 81 -19.61 -5.99 3.89
C SER A 81 -20.61 -4.89 3.51
N GLY A 82 -21.79 -5.30 3.03
CA GLY A 82 -22.81 -4.34 2.65
C GLY A 82 -23.89 -4.98 1.80
N GLY A 1 15.34 -11.41 -15.24
CA GLY A 1 14.09 -11.29 -15.97
C GLY A 1 13.50 -9.90 -15.86
N SER A 2 12.66 -9.54 -16.83
CA SER A 2 12.03 -8.23 -16.85
C SER A 2 10.55 -8.34 -16.48
N SER A 3 9.81 -9.12 -17.26
CA SER A 3 8.38 -9.30 -17.01
C SER A 3 8.14 -10.02 -15.70
N GLY A 4 7.73 -9.27 -14.68
CA GLY A 4 7.47 -9.85 -13.38
C GLY A 4 6.11 -9.47 -12.83
N SER A 5 6.10 -8.47 -11.94
CA SER A 5 4.86 -8.01 -11.33
C SER A 5 4.04 -9.17 -10.79
N SER A 6 4.72 -10.11 -10.13
CA SER A 6 4.06 -11.28 -9.56
C SER A 6 4.23 -11.32 -8.05
N GLY A 7 3.34 -12.05 -7.39
CA GLY A 7 3.40 -12.16 -5.94
C GLY A 7 2.16 -11.63 -5.27
N MET A 8 2.28 -11.27 -3.99
CA MET A 8 1.15 -10.73 -3.24
C MET A 8 1.30 -9.22 -3.03
N VAL A 9 0.32 -8.63 -2.35
CA VAL A 9 0.33 -7.20 -2.09
C VAL A 9 -0.01 -6.90 -0.64
N ASP A 10 1.00 -6.89 0.22
CA ASP A 10 0.81 -6.62 1.63
C ASP A 10 0.88 -5.12 1.91
N TYR A 11 -0.28 -4.50 2.06
CA TYR A 11 -0.36 -3.06 2.32
C TYR A 11 0.81 -2.62 3.19
N TYR A 12 0.89 -3.18 4.40
CA TYR A 12 1.96 -2.83 5.33
C TYR A 12 3.32 -2.81 4.63
N GLU A 13 3.57 -3.82 3.80
CA GLU A 13 4.82 -3.91 3.07
C GLU A 13 4.81 -3.00 1.84
N VAL A 14 3.61 -2.61 1.42
CA VAL A 14 3.46 -1.74 0.26
C VAL A 14 3.65 -0.27 0.64
N LEU A 15 3.33 0.04 1.89
CA LEU A 15 3.47 1.41 2.39
C LEU A 15 4.79 1.58 3.15
N ASP A 16 5.61 0.54 3.13
CA ASP A 16 6.90 0.57 3.82
C ASP A 16 6.72 0.76 5.32
N VAL A 17 5.84 -0.04 5.91
CA VAL A 17 5.56 0.03 7.34
C VAL A 17 5.32 -1.35 7.92
N PRO A 18 5.64 -1.51 9.22
CA PRO A 18 5.47 -2.78 9.93
C PRO A 18 3.99 -3.13 10.15
N ARG A 19 3.74 -4.38 10.49
CA ARG A 19 2.37 -4.84 10.72
C ARG A 19 1.73 -4.07 11.87
N GLN A 20 2.55 -3.66 12.84
CA GLN A 20 2.06 -2.91 13.98
C GLN A 20 2.18 -1.41 13.76
N ALA A 21 2.60 -1.03 12.56
CA ALA A 21 2.75 0.38 12.21
C ALA A 21 1.55 1.19 12.66
N SER A 22 1.81 2.28 13.36
CA SER A 22 0.75 3.15 13.86
C SER A 22 0.14 3.98 12.73
N SER A 23 -1.14 4.26 12.84
CA SER A 23 -1.85 5.05 11.82
C SER A 23 -0.96 6.16 11.29
N GLU A 24 -0.49 7.02 12.19
CA GLU A 24 0.37 8.14 11.81
C GLU A 24 1.59 7.64 11.04
N ALA A 25 2.08 6.46 11.41
CA ALA A 25 3.25 5.88 10.75
C ALA A 25 2.88 5.34 9.38
N ILE A 26 1.61 4.95 9.21
CA ILE A 26 1.14 4.42 7.94
C ILE A 26 0.93 5.53 6.92
N LYS A 27 0.47 6.69 7.39
CA LYS A 27 0.23 7.83 6.53
C LYS A 27 1.53 8.51 6.15
N LYS A 28 2.42 8.66 7.13
CA LYS A 28 3.72 9.29 6.90
C LYS A 28 4.60 8.42 6.00
N ALA A 29 4.30 7.13 5.95
CA ALA A 29 5.06 6.20 5.13
C ALA A 29 4.39 5.99 3.78
N TYR A 30 3.11 6.37 3.69
CA TYR A 30 2.35 6.22 2.46
C TYR A 30 2.39 7.50 1.63
N ARG A 31 2.04 8.61 2.26
CA ARG A 31 2.04 9.90 1.58
C ARG A 31 3.32 10.09 0.77
N LYS A 32 4.39 9.47 1.22
CA LYS A 32 5.69 9.57 0.54
C LYS A 32 5.69 8.69 -0.72
N LEU A 33 5.00 7.57 -0.65
CA LEU A 33 4.94 6.64 -1.77
C LEU A 33 3.90 7.09 -2.79
N ALA A 34 2.72 7.46 -2.31
CA ALA A 34 1.64 7.92 -3.18
C ALA A 34 2.13 9.02 -4.11
N LEU A 35 3.08 9.82 -3.64
CA LEU A 35 3.63 10.92 -4.42
C LEU A 35 4.92 10.49 -5.11
N LYS A 36 5.47 9.35 -4.69
CA LYS A 36 6.69 8.84 -5.28
C LYS A 36 6.41 7.99 -6.52
N TRP A 37 5.28 7.30 -6.51
CA TRP A 37 4.88 6.46 -7.64
C TRP A 37 3.69 7.06 -8.37
N HIS A 38 3.45 8.34 -8.13
CA HIS A 38 2.33 9.04 -8.78
C HIS A 38 2.62 9.27 -10.26
N PRO A 39 1.59 9.08 -11.09
CA PRO A 39 1.70 9.27 -12.54
C PRO A 39 1.88 10.73 -12.93
N ASP A 40 1.55 11.63 -12.01
CA ASP A 40 1.68 13.06 -12.25
C ASP A 40 3.06 13.56 -11.86
N LYS A 41 3.79 12.74 -11.11
CA LYS A 41 5.13 13.10 -10.66
C LYS A 41 6.19 12.31 -11.43
N ASN A 42 5.81 11.12 -11.90
CA ASN A 42 6.73 10.27 -12.65
C ASN A 42 6.30 10.17 -14.11
N PRO A 43 6.68 11.17 -14.92
CA PRO A 43 6.34 11.21 -16.34
C PRO A 43 7.10 10.15 -17.14
N GLU A 44 8.34 9.88 -16.75
CA GLU A 44 9.16 8.89 -17.43
C GLU A 44 8.71 7.48 -17.08
N ASN A 45 8.53 7.22 -15.79
CA ASN A 45 8.10 5.90 -15.33
C ASN A 45 6.60 5.89 -15.07
N LYS A 46 5.86 6.74 -15.77
CA LYS A 46 4.42 6.83 -15.60
C LYS A 46 3.78 5.45 -15.72
N GLU A 47 4.31 4.63 -16.61
CA GLU A 47 3.79 3.28 -16.81
C GLU A 47 3.85 2.48 -15.52
N GLU A 48 4.98 2.57 -14.82
CA GLU A 48 5.17 1.85 -13.57
C GLU A 48 4.42 2.53 -12.43
N ALA A 49 4.66 3.83 -12.27
CA ALA A 49 4.02 4.60 -11.21
C ALA A 49 2.50 4.43 -11.26
N GLU A 50 1.95 4.38 -12.48
CA GLU A 50 0.51 4.21 -12.66
C GLU A 50 0.03 2.91 -12.05
N ARG A 51 0.93 1.94 -11.94
CA ARG A 51 0.60 0.64 -11.37
C ARG A 51 0.95 0.59 -9.88
N ARG A 52 2.06 1.22 -9.51
CA ARG A 52 2.50 1.24 -8.12
C ARG A 52 1.55 2.09 -7.27
N PHE A 53 1.18 3.25 -7.79
CA PHE A 53 0.28 4.16 -7.07
C PHE A 53 -1.05 3.48 -6.79
N LYS A 54 -1.43 2.56 -7.66
CA LYS A 54 -2.69 1.83 -7.51
C LYS A 54 -2.67 0.97 -6.25
N GLN A 55 -1.58 0.26 -6.04
CA GLN A 55 -1.44 -0.61 -4.88
C GLN A 55 -1.14 0.21 -3.62
N VAL A 56 -0.34 1.26 -3.79
CA VAL A 56 0.02 2.12 -2.67
C VAL A 56 -1.21 2.80 -2.07
N ALA A 57 -2.03 3.39 -2.94
CA ALA A 57 -3.24 4.06 -2.50
C ALA A 57 -4.17 3.10 -1.78
N GLU A 58 -4.41 1.94 -2.38
CA GLU A 58 -5.29 0.94 -1.79
C GLU A 58 -4.76 0.48 -0.44
N ALA A 59 -3.44 0.33 -0.34
CA ALA A 59 -2.81 -0.10 0.90
C ALA A 59 -3.10 0.88 2.03
N TYR A 60 -2.81 2.15 1.80
CA TYR A 60 -3.04 3.19 2.80
C TYR A 60 -4.53 3.38 3.05
N GLU A 61 -5.32 3.24 1.99
CA GLU A 61 -6.76 3.41 2.10
C GLU A 61 -7.37 2.35 3.02
N VAL A 62 -6.82 1.14 2.95
CA VAL A 62 -7.31 0.04 3.77
C VAL A 62 -6.69 0.09 5.17
N LEU A 63 -5.39 0.37 5.22
CA LEU A 63 -4.69 0.45 6.50
C LEU A 63 -5.08 1.71 7.26
N SER A 64 -4.88 2.86 6.63
CA SER A 64 -5.22 4.14 7.26
C SER A 64 -6.64 4.11 7.83
N ASP A 65 -7.44 3.19 7.32
CA ASP A 65 -8.82 3.07 7.77
C ASP A 65 -8.92 2.14 8.97
N ALA A 66 -9.91 2.37 9.82
CA ALA A 66 -10.11 1.55 11.01
C ALA A 66 -11.00 0.35 10.71
N LYS A 67 -11.84 0.48 9.69
CA LYS A 67 -12.74 -0.59 9.29
C LYS A 67 -12.08 -1.50 8.26
N LYS A 68 -11.56 -0.91 7.19
CA LYS A 68 -10.91 -1.66 6.13
C LYS A 68 -9.69 -2.40 6.67
N ARG A 69 -8.89 -1.70 7.46
CA ARG A 69 -7.68 -2.30 8.05
C ARG A 69 -8.03 -3.52 8.88
N ASP A 70 -8.90 -3.34 9.87
CA ASP A 70 -9.31 -4.43 10.74
C ASP A 70 -9.76 -5.64 9.91
N ILE A 71 -10.61 -5.39 8.92
CA ILE A 71 -11.11 -6.45 8.06
C ILE A 71 -9.96 -7.19 7.36
N TYR A 72 -8.99 -6.42 6.88
CA TYR A 72 -7.84 -6.99 6.20
C TYR A 72 -6.98 -7.81 7.15
N ASP A 73 -6.72 -7.25 8.32
CA ASP A 73 -5.91 -7.94 9.33
C ASP A 73 -6.64 -9.16 9.88
N ARG A 74 -7.96 -9.09 9.90
CA ARG A 74 -8.77 -10.19 10.40
C ARG A 74 -8.89 -11.30 9.34
N TYR A 75 -9.51 -10.96 8.22
CA TYR A 75 -9.68 -11.92 7.14
C TYR A 75 -8.64 -11.72 6.04
N GLY A 76 -8.58 -10.50 5.51
CA GLY A 76 -7.63 -10.19 4.46
C GLY A 76 -8.27 -10.07 3.11
N SER A 77 -8.55 -11.21 2.48
CA SER A 77 -9.17 -11.24 1.16
C SER A 77 -10.38 -12.17 1.14
N GLY A 78 -11.58 -11.59 1.08
CA GLY A 78 -12.79 -12.38 1.06
C GLY A 78 -13.79 -11.88 0.05
N PRO A 79 -15.08 -12.23 0.25
CA PRO A 79 -16.17 -11.82 -0.64
C PRO A 79 -16.46 -10.33 -0.53
N SER A 80 -16.19 -9.60 -1.61
CA SER A 80 -16.42 -8.16 -1.63
C SER A 80 -17.91 -7.86 -1.82
N SER A 81 -18.51 -8.46 -2.83
CA SER A 81 -19.93 -8.25 -3.12
C SER A 81 -20.73 -9.52 -2.84
N GLY A 82 -21.51 -9.50 -1.77
CA GLY A 82 -22.31 -10.65 -1.41
C GLY A 82 -23.60 -10.74 -2.22
N GLY A 1 21.36 -8.40 1.98
CA GLY A 1 20.89 -7.10 1.52
C GLY A 1 19.39 -7.05 1.35
N SER A 2 18.89 -7.71 0.30
CA SER A 2 17.46 -7.73 0.01
C SER A 2 17.10 -8.94 -0.84
N SER A 3 15.83 -9.34 -0.77
CA SER A 3 15.36 -10.49 -1.54
C SER A 3 14.26 -10.07 -2.51
N GLY A 4 13.22 -9.43 -1.99
CA GLY A 4 12.12 -8.98 -2.82
C GLY A 4 11.05 -10.04 -2.97
N SER A 5 10.01 -9.95 -2.15
CA SER A 5 8.90 -10.90 -2.18
C SER A 5 7.85 -10.48 -3.20
N SER A 6 7.88 -11.10 -4.37
CA SER A 6 6.92 -10.79 -5.43
C SER A 6 5.84 -11.86 -5.52
N GLY A 7 4.61 -11.43 -5.81
CA GLY A 7 3.51 -12.37 -5.92
C GLY A 7 2.25 -11.84 -5.28
N MET A 8 2.38 -11.27 -4.09
CA MET A 8 1.23 -10.73 -3.36
C MET A 8 1.40 -9.23 -3.13
N VAL A 9 0.40 -8.62 -2.49
CA VAL A 9 0.44 -7.19 -2.21
C VAL A 9 0.04 -6.90 -0.77
N ASP A 10 1.04 -6.88 0.12
CA ASP A 10 0.80 -6.62 1.53
C ASP A 10 0.86 -5.12 1.83
N TYR A 11 -0.31 -4.51 1.97
CA TYR A 11 -0.39 -3.08 2.25
C TYR A 11 0.76 -2.63 3.13
N TYR A 12 0.79 -3.13 4.37
CA TYR A 12 1.83 -2.78 5.31
C TYR A 12 3.20 -2.76 4.64
N GLU A 13 3.46 -3.78 3.83
CA GLU A 13 4.73 -3.88 3.11
C GLU A 13 4.75 -2.95 1.90
N VAL A 14 3.57 -2.60 1.41
CA VAL A 14 3.45 -1.71 0.26
C VAL A 14 3.65 -0.26 0.67
N LEU A 15 3.29 0.06 1.91
CA LEU A 15 3.42 1.42 2.41
C LEU A 15 4.72 1.58 3.20
N ASP A 16 5.59 0.58 3.11
CA ASP A 16 6.87 0.61 3.81
C ASP A 16 6.66 0.77 5.32
N VAL A 17 5.75 -0.01 5.86
CA VAL A 17 5.45 0.05 7.30
C VAL A 17 5.21 -1.34 7.86
N PRO A 18 5.50 -1.52 9.16
CA PRO A 18 5.31 -2.79 9.85
C PRO A 18 3.85 -3.14 10.04
N ARG A 19 3.57 -4.40 10.35
CA ARG A 19 2.21 -4.87 10.56
C ARG A 19 1.55 -4.12 11.71
N GLN A 20 2.36 -3.72 12.69
CA GLN A 20 1.85 -2.99 13.85
C GLN A 20 1.96 -1.49 13.64
N ALA A 21 2.44 -1.09 12.47
CA ALA A 21 2.59 0.32 12.14
C ALA A 21 1.36 1.12 12.58
N SER A 22 1.60 2.21 13.31
CA SER A 22 0.52 3.06 13.79
C SER A 22 -0.02 3.95 12.67
N SER A 23 -1.30 4.25 12.73
CA SER A 23 -1.95 5.08 11.72
C SER A 23 -0.98 6.15 11.22
N GLU A 24 -0.57 7.04 12.12
CA GLU A 24 0.35 8.11 11.77
C GLU A 24 1.55 7.57 10.99
N ALA A 25 2.05 6.42 11.42
CA ALA A 25 3.19 5.80 10.76
C ALA A 25 2.81 5.24 9.39
N ILE A 26 1.52 4.99 9.21
CA ILE A 26 1.03 4.46 7.94
C ILE A 26 0.82 5.57 6.92
N LYS A 27 0.34 6.72 7.41
CA LYS A 27 0.10 7.87 6.54
C LYS A 27 1.40 8.58 6.20
N LYS A 28 2.29 8.71 7.18
CA LYS A 28 3.58 9.35 6.97
C LYS A 28 4.48 8.51 6.08
N ALA A 29 4.20 7.21 6.03
CA ALA A 29 4.99 6.29 5.21
C ALA A 29 4.34 6.08 3.86
N TYR A 30 3.06 6.41 3.76
CA TYR A 30 2.31 6.25 2.51
C TYR A 30 2.38 7.53 1.68
N ARG A 31 1.96 8.64 2.28
CA ARG A 31 1.96 9.92 1.59
C ARG A 31 3.24 10.10 0.77
N LYS A 32 4.33 9.50 1.25
CA LYS A 32 5.61 9.59 0.57
C LYS A 32 5.63 8.72 -0.68
N LEU A 33 4.99 7.56 -0.59
CA LEU A 33 4.93 6.62 -1.71
C LEU A 33 3.88 7.07 -2.73
N ALA A 34 2.71 7.44 -2.24
CA ALA A 34 1.63 7.90 -3.10
C ALA A 34 2.10 9.00 -4.05
N LEU A 35 3.06 9.79 -3.59
CA LEU A 35 3.60 10.88 -4.39
C LEU A 35 4.89 10.45 -5.09
N LYS A 36 5.47 9.35 -4.63
CA LYS A 36 6.70 8.83 -5.21
C LYS A 36 6.41 8.01 -6.46
N TRP A 37 5.30 7.28 -6.45
CA TRP A 37 4.91 6.46 -7.58
C TRP A 37 3.76 7.10 -8.35
N HIS A 38 3.51 8.38 -8.08
CA HIS A 38 2.43 9.10 -8.75
C HIS A 38 2.73 9.29 -10.23
N PRO A 39 1.71 9.13 -11.07
CA PRO A 39 1.83 9.27 -12.53
C PRO A 39 2.10 10.71 -12.95
N ASP A 40 1.78 11.66 -12.06
CA ASP A 40 1.98 13.06 -12.34
C ASP A 40 3.38 13.51 -11.94
N LYS A 41 4.04 12.71 -11.11
CA LYS A 41 5.39 13.00 -10.66
C LYS A 41 6.43 12.16 -11.39
N ASN A 42 5.99 11.02 -11.91
CA ASN A 42 6.87 10.12 -12.64
C ASN A 42 6.43 9.99 -14.10
N PRO A 43 6.84 10.96 -14.93
CA PRO A 43 6.51 10.97 -16.36
C PRO A 43 7.22 9.88 -17.13
N GLU A 44 8.54 9.77 -16.95
CA GLU A 44 9.33 8.76 -17.63
C GLU A 44 8.88 7.35 -17.24
N ASN A 45 8.53 7.19 -15.96
CA ASN A 45 8.07 5.90 -15.45
C ASN A 45 6.57 5.92 -15.18
N LYS A 46 5.86 6.81 -15.87
CA LYS A 46 4.42 6.91 -15.71
C LYS A 46 3.75 5.55 -15.79
N GLU A 47 4.23 4.71 -16.70
CA GLU A 47 3.68 3.37 -16.87
C GLU A 47 3.74 2.58 -15.57
N GLU A 48 4.91 2.59 -14.92
CA GLU A 48 5.10 1.89 -13.66
C GLU A 48 4.38 2.59 -12.53
N ALA A 49 4.65 3.89 -12.36
CA ALA A 49 4.02 4.67 -11.32
C ALA A 49 2.50 4.53 -11.35
N GLU A 50 1.94 4.51 -12.56
CA GLU A 50 0.50 4.37 -12.72
C GLU A 50 0.01 3.07 -12.10
N ARG A 51 0.89 2.10 -11.97
CA ARG A 51 0.54 0.81 -11.40
C ARG A 51 0.89 0.77 -9.91
N ARG A 52 2.05 1.31 -9.57
CA ARG A 52 2.50 1.33 -8.17
C ARG A 52 1.55 2.15 -7.31
N PHE A 53 1.14 3.31 -7.83
CA PHE A 53 0.23 4.19 -7.10
C PHE A 53 -1.08 3.49 -6.80
N LYS A 54 -1.47 2.57 -7.68
CA LYS A 54 -2.72 1.83 -7.51
C LYS A 54 -2.67 0.97 -6.26
N GLN A 55 -1.57 0.24 -6.09
CA GLN A 55 -1.40 -0.63 -4.93
C GLN A 55 -1.10 0.18 -3.69
N VAL A 56 -0.32 1.24 -3.84
CA VAL A 56 0.03 2.11 -2.72
C VAL A 56 -1.20 2.80 -2.16
N ALA A 57 -2.00 3.39 -3.04
CA ALA A 57 -3.21 4.09 -2.62
C ALA A 57 -4.16 3.15 -1.88
N GLU A 58 -4.40 1.98 -2.47
CA GLU A 58 -5.29 0.99 -1.87
C GLU A 58 -4.76 0.54 -0.51
N ALA A 59 -3.44 0.39 -0.41
CA ALA A 59 -2.82 -0.04 0.83
C ALA A 59 -3.14 0.93 1.97
N TYR A 60 -2.85 2.20 1.75
CA TYR A 60 -3.10 3.22 2.76
C TYR A 60 -4.60 3.42 2.98
N GLU A 61 -5.37 3.27 1.90
CA GLU A 61 -6.82 3.42 1.96
C GLU A 61 -7.44 2.35 2.85
N VAL A 62 -6.79 1.19 2.92
CA VAL A 62 -7.27 0.08 3.73
C VAL A 62 -6.66 0.11 5.12
N LEU A 63 -5.37 0.42 5.19
CA LEU A 63 -4.66 0.49 6.46
C LEU A 63 -5.05 1.74 7.25
N SER A 64 -4.97 2.89 6.58
CA SER A 64 -5.31 4.16 7.22
C SER A 64 -6.72 4.11 7.81
N ASP A 65 -7.51 3.14 7.36
CA ASP A 65 -8.87 2.98 7.84
C ASP A 65 -8.92 2.07 9.07
N ALA A 66 -9.85 2.35 9.97
CA ALA A 66 -9.99 1.56 11.19
C ALA A 66 -10.87 0.34 10.94
N LYS A 67 -11.71 0.40 9.91
CA LYS A 67 -12.60 -0.69 9.58
C LYS A 67 -11.96 -1.62 8.55
N LYS A 68 -11.48 -1.04 7.45
CA LYS A 68 -10.84 -1.81 6.39
C LYS A 68 -9.57 -2.50 6.91
N ARG A 69 -8.77 -1.77 7.67
CA ARG A 69 -7.54 -2.31 8.22
C ARG A 69 -7.82 -3.51 9.12
N ASP A 70 -8.66 -3.29 10.13
CA ASP A 70 -9.02 -4.36 11.07
C ASP A 70 -9.53 -5.59 10.31
N ILE A 71 -10.43 -5.36 9.36
CA ILE A 71 -11.00 -6.45 8.57
C ILE A 71 -9.93 -7.13 7.73
N TYR A 72 -8.99 -6.33 7.22
CA TYR A 72 -7.91 -6.86 6.39
C TYR A 72 -7.02 -7.80 7.19
N ASP A 73 -6.52 -7.31 8.31
CA ASP A 73 -5.65 -8.11 9.18
C ASP A 73 -6.36 -9.37 9.64
N ARG A 74 -7.67 -9.27 9.85
CA ARG A 74 -8.46 -10.40 10.31
C ARG A 74 -8.66 -11.41 9.19
N TYR A 75 -9.36 -11.00 8.14
CA TYR A 75 -9.63 -11.87 7.00
C TYR A 75 -8.67 -11.56 5.85
N GLY A 76 -8.71 -10.31 5.38
CA GLY A 76 -7.84 -9.91 4.29
C GLY A 76 -8.62 -9.57 3.03
N SER A 77 -9.04 -10.60 2.30
CA SER A 77 -9.79 -10.40 1.06
C SER A 77 -10.65 -11.62 0.76
N GLY A 78 -11.76 -11.39 0.06
CA GLY A 78 -12.66 -12.49 -0.29
C GLY A 78 -13.54 -12.15 -1.47
N PRO A 79 -14.77 -11.70 -1.18
CA PRO A 79 -15.75 -11.33 -2.21
C PRO A 79 -15.35 -10.06 -2.97
N SER A 80 -15.31 -10.16 -4.29
CA SER A 80 -14.94 -9.03 -5.13
C SER A 80 -16.16 -8.45 -5.84
N SER A 81 -16.77 -9.26 -6.69
CA SER A 81 -17.95 -8.83 -7.44
C SER A 81 -19.16 -8.71 -6.52
N GLY A 82 -19.34 -9.71 -5.66
CA GLY A 82 -20.46 -9.70 -4.74
C GLY A 82 -21.72 -10.26 -5.35
N GLY A 1 12.48 -20.30 6.80
CA GLY A 1 12.22 -19.28 5.81
C GLY A 1 11.29 -19.76 4.71
N SER A 2 11.05 -18.90 3.73
CA SER A 2 10.17 -19.23 2.61
C SER A 2 10.83 -18.89 1.28
N SER A 3 11.35 -17.67 1.18
CA SER A 3 12.01 -17.22 -0.04
C SER A 3 11.16 -17.55 -1.27
N GLY A 4 9.85 -17.33 -1.15
CA GLY A 4 8.95 -17.61 -2.26
C GLY A 4 7.75 -16.69 -2.26
N SER A 5 7.85 -15.57 -2.99
CA SER A 5 6.77 -14.61 -3.08
C SER A 5 6.21 -14.53 -4.49
N SER A 6 5.20 -15.36 -4.78
CA SER A 6 4.58 -15.38 -6.09
C SER A 6 4.32 -13.97 -6.60
N GLY A 7 3.55 -13.20 -5.82
CA GLY A 7 3.23 -11.84 -6.20
C GLY A 7 2.06 -11.29 -5.41
N MET A 8 2.21 -11.24 -4.08
CA MET A 8 1.16 -10.73 -3.22
C MET A 8 1.38 -9.24 -2.93
N VAL A 9 0.31 -8.56 -2.53
CA VAL A 9 0.40 -7.14 -2.21
C VAL A 9 0.04 -6.87 -0.75
N ASP A 10 1.07 -6.87 0.10
CA ASP A 10 0.87 -6.63 1.52
C ASP A 10 0.94 -5.14 1.83
N TYR A 11 -0.23 -4.53 2.01
CA TYR A 11 -0.31 -3.10 2.31
C TYR A 11 0.88 -2.66 3.17
N TYR A 12 0.98 -3.24 4.35
CA TYR A 12 2.06 -2.91 5.28
C TYR A 12 3.41 -2.87 4.55
N GLU A 13 3.64 -3.87 3.72
CA GLU A 13 4.89 -3.95 2.96
C GLU A 13 4.86 -3.02 1.76
N VAL A 14 3.65 -2.60 1.37
CA VAL A 14 3.48 -1.70 0.24
C VAL A 14 3.71 -0.25 0.65
N LEU A 15 3.38 0.07 1.90
CA LEU A 15 3.54 1.42 2.42
C LEU A 15 4.85 1.55 3.18
N ASP A 16 5.71 0.54 3.07
CA ASP A 16 7.00 0.55 3.74
C ASP A 16 6.82 0.65 5.26
N VAL A 17 5.80 -0.01 5.78
CA VAL A 17 5.52 0.02 7.21
C VAL A 17 5.31 -1.40 7.75
N PRO A 18 5.63 -1.59 9.04
CA PRO A 18 5.48 -2.88 9.70
C PRO A 18 4.02 -3.28 9.91
N ARG A 19 3.80 -4.48 10.44
CA ARG A 19 2.45 -4.96 10.68
C ARG A 19 1.77 -4.19 11.80
N GLN A 20 2.58 -3.76 12.77
CA GLN A 20 2.06 -3.00 13.91
C GLN A 20 2.17 -1.50 13.66
N ALA A 21 2.56 -1.14 12.44
CA ALA A 21 2.70 0.27 12.08
C ALA A 21 1.51 1.09 12.56
N SER A 22 1.80 2.16 13.30
CA SER A 22 0.75 3.02 13.82
C SER A 22 0.12 3.85 12.71
N SER A 23 -1.19 4.10 12.82
CA SER A 23 -1.90 4.88 11.82
C SER A 23 -1.04 6.03 11.31
N GLU A 24 -0.73 6.97 12.20
CA GLU A 24 0.08 8.12 11.84
C GLU A 24 1.35 7.69 11.12
N ALA A 25 1.89 6.54 11.51
CA ALA A 25 3.09 6.01 10.90
C ALA A 25 2.81 5.44 9.51
N ILE A 26 1.55 5.06 9.28
CA ILE A 26 1.15 4.50 8.00
C ILE A 26 0.95 5.61 6.95
N LYS A 27 0.39 6.72 7.40
CA LYS A 27 0.14 7.85 6.51
C LYS A 27 1.44 8.56 6.13
N LYS A 28 2.34 8.67 7.10
CA LYS A 28 3.63 9.32 6.88
C LYS A 28 4.52 8.46 5.98
N ALA A 29 4.27 7.15 5.98
CA ALA A 29 5.04 6.23 5.17
C ALA A 29 4.38 6.01 3.80
N TYR A 30 3.10 6.37 3.71
CA TYR A 30 2.37 6.21 2.46
C TYR A 30 2.40 7.50 1.64
N ARG A 31 2.00 8.61 2.26
CA ARG A 31 1.98 9.90 1.58
C ARG A 31 3.26 10.10 0.77
N LYS A 32 4.36 9.50 1.23
CA LYS A 32 5.64 9.61 0.56
C LYS A 32 5.68 8.74 -0.69
N LEU A 33 5.02 7.59 -0.63
CA LEU A 33 4.97 6.67 -1.76
C LEU A 33 3.93 7.12 -2.78
N ALA A 34 2.76 7.50 -2.29
CA ALA A 34 1.68 7.96 -3.16
C ALA A 34 2.15 9.07 -4.10
N LEU A 35 3.10 9.86 -3.63
CA LEU A 35 3.65 10.95 -4.43
C LEU A 35 4.95 10.54 -5.11
N LYS A 36 5.51 9.41 -4.67
CA LYS A 36 6.75 8.90 -5.25
C LYS A 36 6.47 8.07 -6.50
N TRP A 37 5.34 7.35 -6.49
CA TRP A 37 4.97 6.52 -7.63
C TRP A 37 3.79 7.14 -8.39
N HIS A 38 3.54 8.41 -8.12
CA HIS A 38 2.45 9.13 -8.78
C HIS A 38 2.74 9.32 -10.27
N PRO A 39 1.70 9.16 -11.10
CA PRO A 39 1.82 9.31 -12.55
C PRO A 39 2.05 10.76 -12.97
N ASP A 40 1.73 11.69 -12.08
CA ASP A 40 1.91 13.11 -12.35
C ASP A 40 3.30 13.56 -11.96
N LYS A 41 3.98 12.75 -11.17
CA LYS A 41 5.33 13.06 -10.71
C LYS A 41 6.37 12.22 -11.45
N ASN A 42 5.94 11.07 -11.95
CA ASN A 42 6.83 10.17 -12.67
C ASN A 42 6.41 10.06 -14.13
N PRO A 43 6.85 11.03 -14.94
CA PRO A 43 6.53 11.07 -16.38
C PRO A 43 7.25 9.96 -17.16
N GLU A 44 8.54 9.79 -16.89
CA GLU A 44 9.34 8.78 -17.56
C GLU A 44 8.86 7.38 -17.18
N ASN A 45 8.59 7.18 -15.89
CA ASN A 45 8.12 5.89 -15.40
C ASN A 45 6.62 5.90 -15.16
N LYS A 46 5.94 6.85 -15.78
CA LYS A 46 4.49 6.98 -15.64
C LYS A 46 3.81 5.61 -15.73
N GLU A 47 4.24 4.82 -16.71
CA GLU A 47 3.68 3.49 -16.91
C GLU A 47 3.72 2.67 -15.62
N GLU A 48 4.89 2.66 -14.98
CA GLU A 48 5.08 1.92 -13.74
C GLU A 48 4.35 2.61 -12.58
N ALA A 49 4.65 3.89 -12.39
CA ALA A 49 4.03 4.66 -11.33
C ALA A 49 2.51 4.52 -11.35
N GLU A 50 1.94 4.49 -12.54
CA GLU A 50 0.50 4.36 -12.71
C GLU A 50 0.00 3.06 -12.09
N ARG A 51 0.89 2.07 -11.99
CA ARG A 51 0.55 0.78 -11.42
C ARG A 51 0.92 0.72 -9.94
N ARG A 52 2.08 1.29 -9.60
CA ARG A 52 2.54 1.29 -8.23
C ARG A 52 1.64 2.14 -7.35
N PHE A 53 1.20 3.28 -7.87
CA PHE A 53 0.32 4.18 -7.14
C PHE A 53 -1.02 3.52 -6.87
N LYS A 54 -1.38 2.54 -7.69
CA LYS A 54 -2.64 1.83 -7.52
C LYS A 54 -2.62 0.96 -6.28
N GLN A 55 -1.51 0.26 -6.05
CA GLN A 55 -1.37 -0.60 -4.89
C GLN A 55 -1.11 0.22 -3.63
N VAL A 56 -0.33 1.28 -3.77
CA VAL A 56 0.00 2.15 -2.64
C VAL A 56 -1.25 2.82 -2.09
N ALA A 57 -2.07 3.36 -2.98
CA ALA A 57 -3.30 4.03 -2.58
C ALA A 57 -4.23 3.08 -1.84
N GLU A 58 -4.53 1.94 -2.48
CA GLU A 58 -5.41 0.94 -1.88
C GLU A 58 -4.86 0.46 -0.55
N ALA A 59 -3.54 0.37 -0.45
CA ALA A 59 -2.88 -0.07 0.77
C ALA A 59 -3.19 0.88 1.93
N TYR A 60 -2.91 2.16 1.74
CA TYR A 60 -3.16 3.17 2.76
C TYR A 60 -4.65 3.34 3.01
N GLU A 61 -5.44 3.21 1.95
CA GLU A 61 -6.89 3.35 2.05
C GLU A 61 -7.47 2.27 2.95
N VAL A 62 -6.82 1.11 2.98
CA VAL A 62 -7.29 -0.01 3.79
C VAL A 62 -6.67 0.04 5.18
N LEU A 63 -5.36 0.31 5.23
CA LEU A 63 -4.65 0.37 6.51
C LEU A 63 -5.05 1.63 7.29
N SER A 64 -4.98 2.78 6.63
CA SER A 64 -5.33 4.05 7.27
C SER A 64 -6.76 4.01 7.79
N ASP A 65 -7.55 3.08 7.27
CA ASP A 65 -8.94 2.93 7.69
C ASP A 65 -9.04 2.08 8.96
N ALA A 66 -10.06 2.34 9.76
CA ALA A 66 -10.27 1.60 10.99
C ALA A 66 -11.09 0.33 10.75
N LYS A 67 -12.04 0.42 9.82
CA LYS A 67 -12.88 -0.72 9.49
C LYS A 67 -12.22 -1.62 8.47
N LYS A 68 -11.75 -1.04 7.37
CA LYS A 68 -11.08 -1.78 6.32
C LYS A 68 -9.84 -2.50 6.87
N ARG A 69 -9.01 -1.77 7.60
CA ARG A 69 -7.81 -2.34 8.18
C ARG A 69 -8.14 -3.51 9.08
N ASP A 70 -8.95 -3.26 10.10
CA ASP A 70 -9.35 -4.30 11.04
C ASP A 70 -9.80 -5.56 10.30
N ILE A 71 -10.63 -5.36 9.28
CA ILE A 71 -11.14 -6.49 8.50
C ILE A 71 -10.01 -7.19 7.75
N TYR A 72 -9.08 -6.41 7.21
CA TYR A 72 -7.95 -6.95 6.46
C TYR A 72 -7.06 -7.78 7.38
N ASP A 73 -6.61 -7.18 8.47
CA ASP A 73 -5.75 -7.87 9.42
C ASP A 73 -6.46 -9.08 10.02
N ARG A 74 -7.74 -8.93 10.30
CA ARG A 74 -8.53 -10.02 10.87
C ARG A 74 -8.62 -11.20 9.90
N TYR A 75 -9.32 -10.99 8.78
CA TYR A 75 -9.49 -12.03 7.78
C TYR A 75 -8.47 -11.87 6.67
N GLY A 76 -8.47 -10.72 6.01
CA GLY A 76 -7.54 -10.45 4.93
C GLY A 76 -7.75 -11.38 3.75
N SER A 77 -8.45 -10.89 2.73
CA SER A 77 -8.72 -11.67 1.54
C SER A 77 -7.45 -12.35 1.02
N GLY A 78 -7.61 -13.47 0.33
CA GLY A 78 -6.47 -14.19 -0.20
C GLY A 78 -6.83 -15.59 -0.66
N PRO A 79 -6.61 -16.58 0.22
CA PRO A 79 -6.90 -17.99 -0.08
C PRO A 79 -8.40 -18.26 -0.17
N SER A 80 -9.20 -17.20 -0.02
CA SER A 80 -10.65 -17.33 -0.07
C SER A 80 -11.14 -17.41 -1.52
N SER A 81 -10.65 -18.41 -2.25
CA SER A 81 -11.03 -18.59 -3.65
C SER A 81 -12.06 -19.71 -3.78
N GLY A 82 -12.57 -19.88 -4.99
CA GLY A 82 -13.56 -20.92 -5.24
C GLY A 82 -14.96 -20.48 -4.85
N GLY A 1 20.69 -19.07 -1.23
CA GLY A 1 20.27 -18.49 -2.49
C GLY A 1 19.19 -17.44 -2.31
N SER A 2 19.57 -16.18 -2.50
CA SER A 2 18.64 -15.07 -2.35
C SER A 2 18.46 -14.33 -3.68
N SER A 3 17.24 -14.37 -4.20
CA SER A 3 16.93 -13.71 -5.47
C SER A 3 15.70 -12.81 -5.33
N GLY A 4 15.86 -11.54 -5.71
CA GLY A 4 14.77 -10.60 -5.62
C GLY A 4 13.52 -11.10 -6.34
N SER A 5 12.47 -11.38 -5.57
CA SER A 5 11.21 -11.86 -6.15
C SER A 5 10.02 -11.14 -5.53
N SER A 6 8.90 -11.15 -6.24
CA SER A 6 7.69 -10.50 -5.76
C SER A 6 6.45 -11.29 -6.15
N GLY A 7 5.31 -10.93 -5.58
CA GLY A 7 4.07 -11.62 -5.87
C GLY A 7 2.87 -10.97 -5.21
N MET A 8 2.56 -11.42 -3.99
CA MET A 8 1.43 -10.88 -3.25
C MET A 8 1.61 -9.38 -3.00
N VAL A 9 0.57 -8.75 -2.45
CA VAL A 9 0.61 -7.32 -2.17
C VAL A 9 0.18 -7.03 -0.73
N ASP A 10 1.14 -6.99 0.17
CA ASP A 10 0.86 -6.73 1.58
C ASP A 10 0.92 -5.23 1.87
N TYR A 11 -0.25 -4.60 1.99
CA TYR A 11 -0.33 -3.18 2.28
C TYR A 11 0.82 -2.74 3.18
N TYR A 12 0.85 -3.26 4.39
CA TYR A 12 1.89 -2.92 5.36
C TYR A 12 3.26 -2.91 4.69
N GLU A 13 3.53 -3.93 3.89
CA GLU A 13 4.81 -4.05 3.19
C GLU A 13 4.84 -3.15 1.95
N VAL A 14 3.66 -2.75 1.50
CA VAL A 14 3.54 -1.88 0.33
C VAL A 14 3.75 -0.42 0.71
N LEU A 15 3.39 -0.07 1.94
CA LEU A 15 3.53 1.30 2.42
C LEU A 15 4.82 1.46 3.21
N ASP A 16 5.67 0.43 3.18
CA ASP A 16 6.95 0.47 3.88
C ASP A 16 6.73 0.62 5.38
N VAL A 17 5.71 -0.08 5.90
CA VAL A 17 5.40 -0.02 7.33
C VAL A 17 5.16 -1.42 7.88
N PRO A 18 5.44 -1.60 9.18
CA PRO A 18 5.26 -2.88 9.86
C PRO A 18 3.80 -3.24 10.04
N ARG A 19 3.54 -4.47 10.49
CA ARG A 19 2.18 -4.93 10.70
C ARG A 19 1.50 -4.15 11.83
N GLN A 20 2.30 -3.73 12.81
CA GLN A 20 1.78 -2.98 13.93
C GLN A 20 1.90 -1.48 13.69
N ALA A 21 2.38 -1.11 12.51
CA ALA A 21 2.55 0.30 12.15
C ALA A 21 1.33 1.12 12.57
N SER A 22 1.58 2.18 13.32
CA SER A 22 0.50 3.05 13.79
C SER A 22 -0.05 3.90 12.65
N SER A 23 -1.34 4.22 12.73
CA SER A 23 -1.99 5.02 11.70
C SER A 23 -1.05 6.13 11.21
N GLU A 24 -0.70 7.04 12.10
CA GLU A 24 0.18 8.14 11.77
C GLU A 24 1.44 7.64 11.06
N ALA A 25 1.92 6.48 11.49
CA ALA A 25 3.12 5.88 10.91
C ALA A 25 2.83 5.33 9.52
N ILE A 26 1.57 4.99 9.27
CA ILE A 26 1.17 4.45 7.98
C ILE A 26 1.02 5.56 6.93
N LYS A 27 0.44 6.67 7.35
CA LYS A 27 0.24 7.80 6.46
C LYS A 27 1.56 8.47 6.11
N LYS A 28 2.42 8.64 7.11
CA LYS A 28 3.73 9.26 6.91
C LYS A 28 4.60 8.39 6.00
N ALA A 29 4.31 7.10 5.97
CA ALA A 29 5.07 6.17 5.14
C ALA A 29 4.40 5.97 3.78
N TYR A 30 3.11 6.31 3.71
CA TYR A 30 2.35 6.17 2.48
C TYR A 30 2.41 7.45 1.64
N ARG A 31 1.99 8.55 2.25
CA ARG A 31 2.00 9.85 1.57
C ARG A 31 3.27 10.01 0.74
N LYS A 32 4.36 9.42 1.22
CA LYS A 32 5.64 9.51 0.53
C LYS A 32 5.63 8.65 -0.73
N LEU A 33 5.01 7.48 -0.64
CA LEU A 33 4.94 6.57 -1.78
C LEU A 33 3.88 7.02 -2.78
N ALA A 34 2.73 7.44 -2.27
CA ALA A 34 1.64 7.91 -3.11
C ALA A 34 2.11 9.01 -4.07
N LEU A 35 3.09 9.79 -3.62
CA LEU A 35 3.65 10.87 -4.43
C LEU A 35 4.91 10.43 -5.15
N LYS A 36 5.50 9.32 -4.68
CA LYS A 36 6.71 8.79 -5.28
C LYS A 36 6.39 7.99 -6.54
N TRP A 37 5.26 7.29 -6.53
CA TRP A 37 4.84 6.49 -7.67
C TRP A 37 3.67 7.14 -8.39
N HIS A 38 3.44 8.41 -8.10
CA HIS A 38 2.34 9.15 -8.72
C HIS A 38 2.62 9.37 -10.22
N PRO A 39 1.55 9.25 -11.03
CA PRO A 39 1.65 9.42 -12.48
C PRO A 39 1.91 10.87 -12.88
N ASP A 40 1.64 11.79 -11.95
CA ASP A 40 1.84 13.22 -12.20
C ASP A 40 3.23 13.65 -11.76
N LYS A 41 3.88 12.80 -10.96
CA LYS A 41 5.23 13.10 -10.47
C LYS A 41 6.27 12.28 -11.23
N ASN A 42 5.87 11.12 -11.72
CA ASN A 42 6.76 10.25 -12.46
C ASN A 42 6.36 10.17 -13.93
N PRO A 43 6.80 11.16 -14.72
CA PRO A 43 6.49 11.23 -16.16
C PRO A 43 7.21 10.15 -16.95
N GLU A 44 8.49 9.93 -16.62
CA GLU A 44 9.30 8.93 -17.30
C GLU A 44 8.79 7.52 -17.00
N ASN A 45 8.51 7.27 -15.72
CA ASN A 45 8.01 5.96 -15.30
C ASN A 45 6.50 5.98 -15.12
N LYS A 46 5.86 6.98 -15.70
CA LYS A 46 4.41 7.12 -15.61
C LYS A 46 3.72 5.76 -15.78
N GLU A 47 4.20 4.99 -16.75
CA GLU A 47 3.62 3.67 -17.02
C GLU A 47 3.67 2.79 -15.76
N GLU A 48 4.82 2.77 -15.10
CA GLU A 48 4.99 1.98 -13.89
C GLU A 48 4.25 2.61 -12.72
N ALA A 49 4.54 3.89 -12.45
CA ALA A 49 3.89 4.61 -11.37
C ALA A 49 2.38 4.44 -11.41
N GLU A 50 1.81 4.60 -12.59
CA GLU A 50 0.37 4.47 -12.78
C GLU A 50 -0.12 3.13 -12.23
N ARG A 51 0.77 2.16 -12.17
CA ARG A 51 0.43 0.83 -11.67
C ARG A 51 0.78 0.70 -10.19
N ARG A 52 1.93 1.24 -9.80
CA ARG A 52 2.38 1.18 -8.41
C ARG A 52 1.43 1.96 -7.50
N PHE A 53 1.16 3.21 -7.87
CA PHE A 53 0.27 4.05 -7.09
C PHE A 53 -1.02 3.33 -6.74
N LYS A 54 -1.42 2.39 -7.61
CA LYS A 54 -2.63 1.62 -7.40
C LYS A 54 -2.52 0.77 -6.12
N GLN A 55 -1.47 -0.03 -6.05
CA GLN A 55 -1.25 -0.88 -4.89
C GLN A 55 -0.97 -0.05 -3.63
N VAL A 56 -0.23 1.03 -3.82
CA VAL A 56 0.11 1.92 -2.71
C VAL A 56 -1.12 2.64 -2.18
N ALA A 57 -1.98 3.09 -3.09
CA ALA A 57 -3.19 3.80 -2.73
C ALA A 57 -4.15 2.88 -1.96
N GLU A 58 -4.32 1.66 -2.46
CA GLU A 58 -5.20 0.69 -1.83
C GLU A 58 -4.66 0.29 -0.46
N ALA A 59 -3.35 0.15 -0.36
CA ALA A 59 -2.71 -0.24 0.89
C ALA A 59 -3.00 0.77 1.99
N TYR A 60 -2.74 2.04 1.71
CA TYR A 60 -2.98 3.10 2.68
C TYR A 60 -4.47 3.31 2.90
N GLU A 61 -5.25 3.15 1.84
CA GLU A 61 -6.70 3.31 1.92
C GLU A 61 -7.32 2.26 2.82
N VAL A 62 -6.70 1.09 2.88
CA VAL A 62 -7.19 -0.01 3.71
C VAL A 62 -6.58 0.04 5.11
N LEU A 63 -5.29 0.36 5.18
CA LEU A 63 -4.60 0.45 6.46
C LEU A 63 -4.98 1.72 7.21
N SER A 64 -4.87 2.86 6.53
CA SER A 64 -5.20 4.14 7.12
C SER A 64 -6.63 4.15 7.65
N ASP A 65 -7.44 3.21 7.15
CA ASP A 65 -8.83 3.10 7.58
C ASP A 65 -8.95 2.24 8.84
N ALA A 66 -10.00 2.50 9.61
CA ALA A 66 -10.24 1.76 10.84
C ALA A 66 -11.10 0.53 10.59
N LYS A 67 -11.91 0.58 9.54
CA LYS A 67 -12.79 -0.53 9.19
C LYS A 67 -12.10 -1.47 8.21
N LYS A 68 -11.54 -0.89 7.14
CA LYS A 68 -10.85 -1.68 6.13
C LYS A 68 -9.62 -2.37 6.71
N ARG A 69 -8.84 -1.62 7.49
CA ARG A 69 -7.64 -2.16 8.11
C ARG A 69 -7.98 -3.35 9.02
N ASP A 70 -8.86 -3.11 9.98
CA ASP A 70 -9.27 -4.16 10.91
C ASP A 70 -9.66 -5.43 10.15
N ILE A 71 -10.48 -5.27 9.13
CA ILE A 71 -10.94 -6.41 8.33
C ILE A 71 -9.76 -7.13 7.69
N TYR A 72 -8.81 -6.36 7.18
CA TYR A 72 -7.63 -6.93 6.53
C TYR A 72 -6.77 -7.69 7.55
N ASP A 73 -6.37 -6.98 8.60
CA ASP A 73 -5.54 -7.58 9.64
C ASP A 73 -6.25 -8.76 10.29
N ARG A 74 -7.57 -8.69 10.36
CA ARG A 74 -8.37 -9.75 10.95
C ARG A 74 -8.41 -10.97 10.04
N TYR A 75 -9.03 -10.80 8.88
CA TYR A 75 -9.16 -11.89 7.91
C TYR A 75 -8.15 -11.72 6.77
N GLY A 76 -8.22 -10.58 6.10
CA GLY A 76 -7.31 -10.32 5.00
C GLY A 76 -8.04 -10.04 3.70
N SER A 77 -7.96 -11.00 2.77
CA SER A 77 -8.62 -10.87 1.48
C SER A 77 -9.34 -12.15 1.09
N GLY A 78 -10.65 -12.05 0.90
CA GLY A 78 -11.43 -13.22 0.53
C GLY A 78 -12.86 -12.85 0.13
N PRO A 79 -13.77 -13.84 0.22
CA PRO A 79 -15.17 -13.65 -0.13
C PRO A 79 -15.90 -12.75 0.87
N SER A 80 -16.93 -12.06 0.39
CA SER A 80 -17.71 -11.17 1.25
C SER A 80 -19.20 -11.36 1.02
N SER A 81 -19.98 -11.18 2.08
CA SER A 81 -21.43 -11.33 1.99
C SER A 81 -22.06 -10.23 1.16
N GLY A 82 -23.05 -10.58 0.35
CA GLY A 82 -23.71 -9.60 -0.50
C GLY A 82 -25.15 -9.37 -0.09
N GLY A 1 17.88 -0.62 4.46
CA GLY A 1 16.51 -0.82 4.04
C GLY A 1 16.39 -1.72 2.81
N SER A 2 15.67 -2.82 2.96
CA SER A 2 15.50 -3.76 1.87
C SER A 2 14.02 -4.11 1.68
N SER A 3 13.47 -3.73 0.54
CA SER A 3 12.07 -4.00 0.23
C SER A 3 11.84 -4.06 -1.28
N GLY A 4 10.94 -4.94 -1.70
CA GLY A 4 10.65 -5.08 -3.12
C GLY A 4 10.46 -6.53 -3.53
N SER A 5 9.29 -7.07 -3.25
CA SER A 5 8.98 -8.46 -3.59
C SER A 5 7.93 -8.53 -4.69
N SER A 6 8.01 -9.58 -5.50
CA SER A 6 7.07 -9.77 -6.61
C SER A 6 6.02 -10.83 -6.26
N GLY A 7 4.77 -10.41 -6.22
CA GLY A 7 3.69 -11.33 -5.90
C GLY A 7 2.53 -10.65 -5.18
N MET A 8 2.10 -11.25 -4.08
CA MET A 8 0.99 -10.69 -3.30
C MET A 8 1.21 -9.20 -3.05
N VAL A 9 0.16 -8.54 -2.56
CA VAL A 9 0.24 -7.11 -2.27
C VAL A 9 -0.15 -6.82 -0.82
N ASP A 10 0.84 -6.83 0.06
CA ASP A 10 0.61 -6.57 1.48
C ASP A 10 0.72 -5.08 1.78
N TYR A 11 -0.44 -4.43 1.90
CA TYR A 11 -0.48 -3.00 2.19
C TYR A 11 0.68 -2.59 3.09
N TYR A 12 0.69 -3.12 4.30
CA TYR A 12 1.75 -2.81 5.26
C TYR A 12 3.11 -2.82 4.59
N GLU A 13 3.37 -3.84 3.78
CA GLU A 13 4.64 -3.96 3.08
C GLU A 13 4.67 -3.05 1.86
N VAL A 14 3.49 -2.64 1.40
CA VAL A 14 3.38 -1.77 0.23
C VAL A 14 3.64 -0.31 0.62
N LEU A 15 3.31 0.04 1.86
CA LEU A 15 3.50 1.40 2.34
C LEU A 15 4.79 1.51 3.13
N ASP A 16 5.64 0.49 3.04
CA ASP A 16 6.92 0.48 3.75
C ASP A 16 6.71 0.64 5.25
N VAL A 17 5.79 -0.15 5.80
CA VAL A 17 5.49 -0.09 7.23
C VAL A 17 5.19 -1.49 7.78
N PRO A 18 5.48 -1.68 9.07
CA PRO A 18 5.24 -2.95 9.75
C PRO A 18 3.76 -3.25 9.94
N ARG A 19 3.45 -4.46 10.40
CA ARG A 19 2.06 -4.87 10.62
C ARG A 19 1.43 -4.05 11.74
N GLN A 20 2.24 -3.67 12.72
CA GLN A 20 1.77 -2.89 13.86
C GLN A 20 1.96 -1.40 13.61
N ALA A 21 2.39 -1.05 12.41
CA ALA A 21 2.62 0.34 12.04
C ALA A 21 1.47 1.22 12.51
N SER A 22 1.79 2.28 13.25
CA SER A 22 0.78 3.19 13.77
C SER A 22 0.19 4.04 12.64
N SER A 23 -1.09 4.35 12.74
CA SER A 23 -1.77 5.15 11.73
C SER A 23 -0.87 6.29 11.25
N GLU A 24 -0.47 7.16 12.17
CA GLU A 24 0.39 8.28 11.83
C GLU A 24 1.62 7.81 11.06
N ALA A 25 2.10 6.61 11.39
CA ALA A 25 3.27 6.05 10.73
C ALA A 25 2.93 5.58 9.33
N ILE A 26 1.74 5.01 9.17
CA ILE A 26 1.30 4.52 7.87
C ILE A 26 1.16 5.65 6.87
N LYS A 27 0.55 6.76 7.30
CA LYS A 27 0.35 7.91 6.44
C LYS A 27 1.68 8.58 6.10
N LYS A 28 2.57 8.65 7.09
CA LYS A 28 3.88 9.26 6.90
C LYS A 28 4.74 8.40 5.98
N ALA A 29 4.47 7.11 5.95
CA ALA A 29 5.21 6.18 5.11
C ALA A 29 4.51 5.97 3.77
N TYR A 30 3.24 6.34 3.71
CA TYR A 30 2.45 6.20 2.49
C TYR A 30 2.47 7.48 1.66
N ARG A 31 2.11 8.59 2.29
CA ARG A 31 2.09 9.88 1.62
C ARG A 31 3.36 10.09 0.80
N LYS A 32 4.45 9.48 1.24
CA LYS A 32 5.73 9.59 0.55
C LYS A 32 5.75 8.72 -0.70
N LEU A 33 5.06 7.57 -0.64
CA LEU A 33 5.01 6.65 -1.76
C LEU A 33 3.95 7.10 -2.77
N ALA A 34 2.76 7.43 -2.27
CA ALA A 34 1.68 7.87 -3.13
C ALA A 34 2.13 8.99 -4.06
N LEU A 35 3.07 9.81 -3.59
CA LEU A 35 3.60 10.91 -4.37
C LEU A 35 4.90 10.52 -5.08
N LYS A 36 5.45 9.38 -4.68
CA LYS A 36 6.69 8.89 -5.27
C LYS A 36 6.40 8.03 -6.50
N TRP A 37 5.27 7.33 -6.48
CA TRP A 37 4.89 6.47 -7.59
C TRP A 37 3.67 7.05 -8.32
N HIS A 38 3.41 8.33 -8.10
CA HIS A 38 2.29 9.00 -8.73
C HIS A 38 2.53 9.19 -10.23
N PRO A 39 1.50 8.96 -11.04
CA PRO A 39 1.58 9.09 -12.50
C PRO A 39 1.71 10.54 -12.94
N ASP A 40 1.40 11.46 -12.02
CA ASP A 40 1.48 12.89 -12.31
C ASP A 40 2.85 13.44 -11.92
N LYS A 41 3.57 12.70 -11.09
CA LYS A 41 4.89 13.11 -10.64
C LYS A 41 5.98 12.30 -11.33
N ASN A 42 5.63 11.10 -11.78
CA ASN A 42 6.59 10.23 -12.46
C ASN A 42 6.21 10.07 -13.94
N PRO A 43 6.62 11.05 -14.75
CA PRO A 43 6.34 11.04 -16.20
C PRO A 43 7.14 9.96 -16.93
N GLU A 44 8.44 9.93 -16.69
CA GLU A 44 9.32 8.95 -17.33
C GLU A 44 8.92 7.53 -16.93
N ASN A 45 8.54 7.36 -15.67
CA ASN A 45 8.14 6.05 -15.16
C ASN A 45 6.64 6.00 -14.93
N LYS A 46 5.89 6.81 -15.67
CA LYS A 46 4.45 6.86 -15.56
C LYS A 46 3.85 5.46 -15.64
N GLU A 47 4.38 4.65 -16.55
CA GLU A 47 3.90 3.28 -16.73
C GLU A 47 3.96 2.50 -15.41
N GLU A 48 5.09 2.63 -14.71
CA GLU A 48 5.27 1.94 -13.44
C GLU A 48 4.48 2.62 -12.32
N ALA A 49 4.71 3.92 -12.15
CA ALA A 49 4.02 4.69 -11.13
C ALA A 49 2.51 4.48 -11.21
N GLU A 50 2.00 4.36 -12.43
CA GLU A 50 0.58 4.15 -12.64
C GLU A 50 0.11 2.84 -12.02
N ARG A 51 1.03 1.89 -11.89
CA ARG A 51 0.73 0.59 -11.32
C ARG A 51 1.06 0.56 -9.82
N ARG A 52 2.15 1.22 -9.46
CA ARG A 52 2.59 1.27 -8.06
C ARG A 52 1.63 2.13 -7.23
N PHE A 53 1.22 3.25 -7.79
CA PHE A 53 0.30 4.15 -7.09
C PHE A 53 -1.03 3.47 -6.80
N LYS A 54 -1.46 2.61 -7.73
CA LYS A 54 -2.71 1.89 -7.56
C LYS A 54 -2.69 1.01 -6.32
N GLN A 55 -1.60 0.25 -6.16
CA GLN A 55 -1.44 -0.62 -5.01
C GLN A 55 -1.15 0.17 -3.75
N VAL A 56 -0.36 1.23 -3.88
CA VAL A 56 0.00 2.08 -2.76
C VAL A 56 -1.23 2.75 -2.17
N ALA A 57 -2.01 3.42 -3.01
CA ALA A 57 -3.21 4.10 -2.58
C ALA A 57 -4.14 3.16 -1.82
N GLU A 58 -4.41 2.01 -2.41
CA GLU A 58 -5.29 1.01 -1.80
C GLU A 58 -4.74 0.58 -0.44
N ALA A 59 -3.42 0.40 -0.38
CA ALA A 59 -2.76 -0.02 0.86
C ALA A 59 -3.09 0.94 2.00
N TYR A 60 -2.83 2.22 1.78
CA TYR A 60 -3.08 3.24 2.79
C TYR A 60 -4.59 3.43 2.99
N GLU A 61 -5.35 3.32 1.91
CA GLU A 61 -6.79 3.48 1.97
C GLU A 61 -7.43 2.41 2.85
N VAL A 62 -6.83 1.23 2.86
CA VAL A 62 -7.33 0.12 3.66
C VAL A 62 -6.70 0.12 5.05
N LEU A 63 -5.40 0.40 5.10
CA LEU A 63 -4.68 0.43 6.37
C LEU A 63 -5.06 1.66 7.19
N SER A 64 -4.95 2.83 6.58
CA SER A 64 -5.28 4.09 7.25
C SER A 64 -6.69 4.04 7.82
N ASP A 65 -7.51 3.13 7.28
CA ASP A 65 -8.88 2.97 7.73
C ASP A 65 -8.96 2.10 8.98
N ALA A 66 -9.97 2.34 9.80
CA ALA A 66 -10.16 1.58 11.02
C ALA A 66 -10.99 0.32 10.78
N LYS A 67 -11.84 0.38 9.76
CA LYS A 67 -12.69 -0.75 9.40
C LYS A 67 -12.01 -1.66 8.37
N LYS A 68 -11.53 -1.04 7.29
CA LYS A 68 -10.86 -1.79 6.23
C LYS A 68 -9.62 -2.49 6.77
N ARG A 69 -8.82 -1.77 7.54
CA ARG A 69 -7.60 -2.33 8.12
C ARG A 69 -7.92 -3.53 9.01
N ASP A 70 -8.79 -3.32 9.99
CA ASP A 70 -9.18 -4.39 10.90
C ASP A 70 -9.65 -5.62 10.13
N ILE A 71 -10.52 -5.41 9.16
CA ILE A 71 -11.04 -6.50 8.36
C ILE A 71 -9.93 -7.18 7.56
N TYR A 72 -9.01 -6.37 7.03
CA TYR A 72 -7.89 -6.90 6.25
C TYR A 72 -6.99 -7.78 7.12
N ASP A 73 -6.54 -7.23 8.25
CA ASP A 73 -5.68 -7.98 9.15
C ASP A 73 -6.41 -9.18 9.73
N ARG A 74 -7.69 -9.01 10.04
CA ARG A 74 -8.50 -10.09 10.60
C ARG A 74 -8.65 -11.23 9.59
N TYR A 75 -9.30 -10.94 8.48
CA TYR A 75 -9.52 -11.94 7.44
C TYR A 75 -8.50 -11.80 6.31
N GLY A 76 -8.47 -10.62 5.71
CA GLY A 76 -7.52 -10.37 4.63
C GLY A 76 -8.12 -10.67 3.27
N SER A 77 -9.18 -9.96 2.91
CA SER A 77 -9.85 -10.17 1.63
C SER A 77 -10.44 -11.56 1.53
N GLY A 78 -11.05 -12.02 2.63
CA GLY A 78 -11.65 -13.33 2.65
C GLY A 78 -12.81 -13.46 1.69
N PRO A 79 -13.19 -14.71 1.36
CA PRO A 79 -14.29 -15.00 0.44
C PRO A 79 -15.65 -14.63 1.03
N SER A 80 -16.05 -13.38 0.86
CA SER A 80 -17.32 -12.91 1.38
C SER A 80 -18.49 -13.58 0.66
N SER A 81 -18.90 -14.74 1.19
CA SER A 81 -20.00 -15.50 0.60
C SER A 81 -20.62 -16.43 1.63
N GLY A 82 -21.91 -16.70 1.47
CA GLY A 82 -22.61 -17.58 2.39
C GLY A 82 -23.26 -18.76 1.69
N GLY A 1 23.49 -7.49 -1.11
CA GLY A 1 22.26 -8.26 -1.15
C GLY A 1 21.34 -7.83 -2.28
N SER A 2 20.60 -8.78 -2.84
CA SER A 2 19.68 -8.50 -3.93
C SER A 2 18.47 -9.41 -3.87
N SER A 3 17.42 -9.04 -4.61
CA SER A 3 16.18 -9.82 -4.64
C SER A 3 15.22 -9.28 -5.68
N GLY A 4 14.60 -10.18 -6.44
CA GLY A 4 13.66 -9.77 -7.47
C GLY A 4 12.53 -10.75 -7.65
N SER A 5 11.52 -10.68 -6.79
CA SER A 5 10.38 -11.59 -6.86
C SER A 5 9.18 -11.00 -6.12
N SER A 6 8.00 -11.12 -6.74
CA SER A 6 6.78 -10.60 -6.15
C SER A 6 5.59 -11.51 -6.45
N GLY A 7 4.42 -11.16 -5.93
CA GLY A 7 3.24 -11.96 -6.16
C GLY A 7 2.00 -11.37 -5.49
N MET A 8 2.03 -11.29 -4.16
CA MET A 8 0.92 -10.75 -3.41
C MET A 8 1.09 -9.26 -3.17
N VAL A 9 0.11 -8.64 -2.52
CA VAL A 9 0.17 -7.22 -2.23
C VAL A 9 -0.17 -6.93 -0.76
N ASP A 10 0.83 -6.99 0.10
CA ASP A 10 0.64 -6.74 1.52
C ASP A 10 0.73 -5.25 1.82
N TYR A 11 -0.43 -4.62 1.96
CA TYR A 11 -0.47 -3.18 2.24
C TYR A 11 0.69 -2.76 3.13
N TYR A 12 0.70 -3.25 4.36
CA TYR A 12 1.77 -2.94 5.30
C TYR A 12 3.12 -2.91 4.61
N GLU A 13 3.38 -3.93 3.79
CA GLU A 13 4.65 -4.03 3.07
C GLU A 13 4.66 -3.08 1.88
N VAL A 14 3.48 -2.76 1.37
CA VAL A 14 3.37 -1.84 0.23
C VAL A 14 3.61 -0.40 0.65
N LEU A 15 3.25 -0.08 1.89
CA LEU A 15 3.43 1.27 2.41
C LEU A 15 4.73 1.38 3.21
N ASP A 16 5.64 0.44 2.97
CA ASP A 16 6.92 0.42 3.66
C ASP A 16 6.74 0.59 5.16
N VAL A 17 5.78 -0.14 5.72
CA VAL A 17 5.50 -0.07 7.15
C VAL A 17 5.24 -1.46 7.72
N PRO A 18 5.56 -1.64 9.02
CA PRO A 18 5.37 -2.91 9.72
C PRO A 18 3.91 -3.25 9.93
N ARG A 19 3.64 -4.49 10.34
CA ARG A 19 2.27 -4.94 10.57
C ARG A 19 1.62 -4.14 11.70
N GLN A 20 2.44 -3.72 12.67
CA GLN A 20 1.94 -2.95 13.80
C GLN A 20 2.07 -1.45 13.54
N ALA A 21 2.46 -1.10 12.32
CA ALA A 21 2.63 0.30 11.94
C ALA A 21 1.45 1.14 12.41
N SER A 22 1.73 2.18 13.18
CA SER A 22 0.70 3.06 13.71
C SER A 22 0.11 3.91 12.59
N SER A 23 -1.15 4.30 12.77
CA SER A 23 -1.83 5.13 11.78
C SER A 23 -0.92 6.24 11.26
N GLU A 24 -0.50 7.12 12.16
CA GLU A 24 0.38 8.22 11.81
C GLU A 24 1.62 7.72 11.06
N ALA A 25 2.08 6.53 11.43
CA ALA A 25 3.25 5.94 10.80
C ALA A 25 2.91 5.42 9.41
N ILE A 26 1.67 5.00 9.23
CA ILE A 26 1.22 4.47 7.94
C ILE A 26 1.02 5.60 6.93
N LYS A 27 0.35 6.67 7.38
CA LYS A 27 0.09 7.82 6.53
C LYS A 27 1.38 8.53 6.16
N LYS A 28 2.31 8.61 7.12
CA LYS A 28 3.59 9.28 6.90
C LYS A 28 4.48 8.43 5.98
N ALA A 29 4.22 7.13 5.95
CA ALA A 29 4.99 6.22 5.12
C ALA A 29 4.33 6.02 3.75
N TYR A 30 3.05 6.37 3.67
CA TYR A 30 2.30 6.22 2.43
C TYR A 30 2.32 7.51 1.62
N ARG A 31 1.93 8.61 2.26
CA ARG A 31 1.91 9.91 1.59
C ARG A 31 3.17 10.12 0.76
N LYS A 32 4.27 9.52 1.22
CA LYS A 32 5.55 9.63 0.51
C LYS A 32 5.57 8.75 -0.73
N LEU A 33 4.93 7.59 -0.64
CA LEU A 33 4.87 6.66 -1.76
C LEU A 33 3.84 7.09 -2.78
N ALA A 34 2.65 7.46 -2.30
CA ALA A 34 1.57 7.89 -3.18
C ALA A 34 2.04 9.02 -4.10
N LEU A 35 2.96 9.83 -3.61
CA LEU A 35 3.50 10.94 -4.39
C LEU A 35 4.80 10.56 -5.07
N LYS A 36 5.38 9.44 -4.64
CA LYS A 36 6.63 8.96 -5.22
C LYS A 36 6.37 8.11 -6.45
N TRP A 37 5.27 7.37 -6.44
CA TRP A 37 4.91 6.53 -7.57
C TRP A 37 3.73 7.11 -8.34
N HIS A 38 3.44 8.38 -8.10
CA HIS A 38 2.33 9.06 -8.76
C HIS A 38 2.63 9.23 -10.25
N PRO A 39 1.60 9.04 -11.09
CA PRO A 39 1.72 9.17 -12.54
C PRO A 39 1.92 10.62 -12.98
N ASP A 40 1.52 11.55 -12.13
CA ASP A 40 1.66 12.97 -12.42
C ASP A 40 3.02 13.50 -11.96
N LYS A 41 3.68 12.72 -11.11
CA LYS A 41 4.99 13.10 -10.59
C LYS A 41 6.10 12.30 -11.28
N ASN A 42 5.76 11.12 -11.76
CA ASN A 42 6.73 10.26 -12.44
C ASN A 42 6.37 10.09 -13.91
N PRO A 43 6.77 11.08 -14.74
CA PRO A 43 6.50 11.06 -16.18
C PRO A 43 7.32 9.99 -16.90
N GLU A 44 8.58 9.86 -16.54
CA GLU A 44 9.46 8.88 -17.16
C GLU A 44 9.01 7.46 -16.83
N ASN A 45 8.61 7.24 -15.58
CA ASN A 45 8.16 5.93 -15.13
C ASN A 45 6.64 5.92 -14.94
N LYS A 46 5.96 6.82 -15.64
CA LYS A 46 4.51 6.92 -15.55
C LYS A 46 3.86 5.54 -15.64
N GLU A 47 4.37 4.72 -16.55
CA GLU A 47 3.85 3.37 -16.74
C GLU A 47 3.87 2.59 -15.42
N GLU A 48 5.03 2.52 -14.80
CA GLU A 48 5.19 1.81 -13.53
C GLU A 48 4.42 2.52 -12.42
N ALA A 49 4.71 3.79 -12.23
CA ALA A 49 4.05 4.58 -11.20
C ALA A 49 2.53 4.43 -11.27
N GLU A 50 2.00 4.41 -12.49
CA GLU A 50 0.56 4.27 -12.70
C GLU A 50 0.06 2.97 -12.07
N ARG A 51 0.95 1.99 -11.94
CA ARG A 51 0.59 0.71 -11.36
C ARG A 51 0.91 0.67 -9.86
N ARG A 52 2.08 1.18 -9.50
CA ARG A 52 2.51 1.20 -8.11
C ARG A 52 1.56 2.05 -7.27
N PHE A 53 1.19 3.21 -7.79
CA PHE A 53 0.30 4.13 -7.09
C PHE A 53 -1.05 3.45 -6.81
N LYS A 54 -1.45 2.54 -7.70
CA LYS A 54 -2.71 1.83 -7.55
C LYS A 54 -2.70 0.97 -6.28
N GLN A 55 -1.62 0.21 -6.09
CA GLN A 55 -1.49 -0.65 -4.93
C GLN A 55 -1.20 0.16 -3.68
N VAL A 56 -0.39 1.21 -3.83
CA VAL A 56 -0.03 2.07 -2.72
C VAL A 56 -1.26 2.78 -2.14
N ALA A 57 -2.06 3.37 -3.03
CA ALA A 57 -3.27 4.07 -2.62
C ALA A 57 -4.24 3.12 -1.90
N GLU A 58 -4.41 1.92 -2.47
CA GLU A 58 -5.31 0.92 -1.89
C GLU A 58 -4.78 0.43 -0.55
N ALA A 59 -3.46 0.38 -0.42
CA ALA A 59 -2.82 -0.08 0.82
C ALA A 59 -3.11 0.88 1.96
N TYR A 60 -2.84 2.16 1.74
CA TYR A 60 -3.07 3.18 2.77
C TYR A 60 -4.56 3.41 2.99
N GLU A 61 -5.33 3.27 1.91
CA GLU A 61 -6.78 3.46 1.98
C GLU A 61 -7.42 2.40 2.87
N VAL A 62 -6.77 1.25 2.96
CA VAL A 62 -7.28 0.14 3.77
C VAL A 62 -6.64 0.13 5.14
N LEU A 63 -5.33 0.40 5.19
CA LEU A 63 -4.60 0.42 6.44
C LEU A 63 -4.94 1.67 7.25
N SER A 64 -4.87 2.83 6.60
CA SER A 64 -5.17 4.09 7.25
C SER A 64 -6.57 4.09 7.85
N ASP A 65 -7.43 3.22 7.31
CA ASP A 65 -8.80 3.11 7.79
C ASP A 65 -8.88 2.23 9.03
N ALA A 66 -9.91 2.44 9.84
CA ALA A 66 -10.10 1.67 11.06
C ALA A 66 -10.95 0.42 10.80
N LYS A 67 -11.80 0.50 9.78
CA LYS A 67 -12.67 -0.62 9.43
C LYS A 67 -12.00 -1.50 8.39
N LYS A 68 -11.53 -0.89 7.31
CA LYS A 68 -10.88 -1.63 6.23
C LYS A 68 -9.63 -2.34 6.74
N ARG A 69 -8.85 -1.65 7.56
CA ARG A 69 -7.63 -2.22 8.13
C ARG A 69 -7.94 -3.44 8.97
N ASP A 70 -8.74 -3.25 10.01
CA ASP A 70 -9.12 -4.34 10.90
C ASP A 70 -9.59 -5.56 10.10
N ILE A 71 -10.41 -5.31 9.09
CA ILE A 71 -10.94 -6.37 8.26
C ILE A 71 -9.82 -7.10 7.53
N TYR A 72 -8.84 -6.34 7.04
CA TYR A 72 -7.71 -6.91 6.32
C TYR A 72 -6.83 -7.72 7.27
N ASP A 73 -6.43 -7.10 8.37
CA ASP A 73 -5.57 -7.76 9.35
C ASP A 73 -6.27 -8.98 9.93
N ARG A 74 -7.59 -8.92 10.02
CA ARG A 74 -8.38 -10.03 10.56
C ARG A 74 -8.47 -11.18 9.56
N TYR A 75 -9.10 -10.91 8.42
CA TYR A 75 -9.26 -11.92 7.38
C TYR A 75 -8.27 -11.69 6.24
N GLY A 76 -8.32 -10.50 5.66
CA GLY A 76 -7.43 -10.17 4.56
C GLY A 76 -8.18 -9.82 3.28
N SER A 77 -8.13 -10.73 2.31
CA SER A 77 -8.80 -10.50 1.04
C SER A 77 -10.00 -11.43 0.88
N GLY A 78 -10.70 -11.31 -0.23
CA GLY A 78 -11.86 -12.15 -0.48
C GLY A 78 -13.15 -11.35 -0.55
N PRO A 79 -14.24 -12.00 -0.99
CA PRO A 79 -15.55 -11.37 -1.11
C PRO A 79 -16.17 -11.06 0.25
N SER A 80 -15.73 -9.97 0.86
CA SER A 80 -16.25 -9.58 2.17
C SER A 80 -16.55 -10.80 3.02
N SER A 81 -15.61 -11.73 3.07
CA SER A 81 -15.79 -12.95 3.86
C SER A 81 -14.46 -13.41 4.45
N GLY A 82 -14.51 -14.45 5.28
CA GLY A 82 -13.31 -14.97 5.89
C GLY A 82 -13.51 -15.35 7.34
N GLY A 1 21.87 -1.23 -4.30
CA GLY A 1 21.01 -2.38 -4.05
C GLY A 1 19.60 -2.16 -4.57
N SER A 2 19.21 -2.94 -5.56
CA SER A 2 17.88 -2.83 -6.15
C SER A 2 17.06 -4.09 -5.88
N SER A 3 16.05 -3.95 -5.03
CA SER A 3 15.18 -5.08 -4.68
C SER A 3 13.76 -4.60 -4.41
N GLY A 4 12.83 -5.55 -4.33
CA GLY A 4 11.45 -5.22 -4.06
C GLY A 4 10.61 -6.42 -3.68
N SER A 5 9.51 -6.63 -4.38
CA SER A 5 8.62 -7.76 -4.10
C SER A 5 7.88 -8.18 -5.37
N SER A 6 7.10 -9.26 -5.26
CA SER A 6 6.34 -9.77 -6.38
C SER A 6 5.38 -10.88 -5.94
N GLY A 7 4.21 -10.92 -6.56
CA GLY A 7 3.23 -11.94 -6.22
C GLY A 7 2.02 -11.36 -5.53
N MET A 8 2.14 -11.12 -4.22
CA MET A 8 1.04 -10.57 -3.44
C MET A 8 1.28 -9.08 -3.15
N VAL A 9 0.26 -8.42 -2.60
CA VAL A 9 0.36 -7.01 -2.28
C VAL A 9 -0.03 -6.74 -0.83
N ASP A 10 0.96 -6.76 0.05
CA ASP A 10 0.72 -6.52 1.47
C ASP A 10 0.80 -5.04 1.80
N TYR A 11 -0.36 -4.40 1.93
CA TYR A 11 -0.42 -2.98 2.23
C TYR A 11 0.74 -2.57 3.14
N TYR A 12 0.78 -3.14 4.34
CA TYR A 12 1.83 -2.83 5.30
C TYR A 12 3.19 -2.80 4.63
N GLU A 13 3.45 -3.80 3.79
CA GLU A 13 4.73 -3.88 3.08
C GLU A 13 4.73 -2.98 1.85
N VAL A 14 3.53 -2.58 1.42
CA VAL A 14 3.40 -1.70 0.26
C VAL A 14 3.60 -0.25 0.64
N LEU A 15 3.31 0.08 1.90
CA LEU A 15 3.46 1.45 2.39
C LEU A 15 4.77 1.61 3.15
N ASP A 16 5.62 0.58 3.08
CA ASP A 16 6.91 0.61 3.77
C ASP A 16 6.72 0.76 5.27
N VAL A 17 5.76 0.04 5.82
CA VAL A 17 5.48 0.08 7.25
C VAL A 17 5.24 -1.32 7.81
N PRO A 18 5.55 -1.49 9.11
CA PRO A 18 5.38 -2.77 9.79
C PRO A 18 3.91 -3.13 10.00
N ARG A 19 3.67 -4.35 10.48
CA ARG A 19 2.30 -4.81 10.71
C ARG A 19 1.65 -4.02 11.85
N GLN A 20 2.46 -3.60 12.81
CA GLN A 20 1.97 -2.84 13.95
C GLN A 20 2.10 -1.34 13.71
N ALA A 21 2.53 -0.98 12.50
CA ALA A 21 2.69 0.43 12.13
C ALA A 21 1.51 1.25 12.60
N SER A 22 1.79 2.37 13.26
CA SER A 22 0.73 3.25 13.77
C SER A 22 0.15 4.10 12.64
N SER A 23 -1.15 4.35 12.71
CA SER A 23 -1.82 5.15 11.69
C SER A 23 -0.92 6.28 11.20
N GLU A 24 -0.53 7.16 12.12
CA GLU A 24 0.32 8.29 11.78
C GLU A 24 1.59 7.82 11.07
N ALA A 25 2.08 6.65 11.45
CA ALA A 25 3.27 6.08 10.84
C ALA A 25 2.98 5.55 9.44
N ILE A 26 1.72 5.20 9.20
CA ILE A 26 1.31 4.68 7.90
C ILE A 26 1.17 5.80 6.88
N LYS A 27 0.53 6.89 7.29
CA LYS A 27 0.33 8.03 6.41
C LYS A 27 1.65 8.70 6.06
N LYS A 28 2.54 8.78 7.05
CA LYS A 28 3.85 9.39 6.85
C LYS A 28 4.71 8.53 5.93
N ALA A 29 4.44 7.24 5.91
CA ALA A 29 5.18 6.31 5.07
C ALA A 29 4.48 6.08 3.74
N TYR A 30 3.19 6.43 3.68
CA TYR A 30 2.40 6.26 2.47
C TYR A 30 2.42 7.53 1.62
N ARG A 31 2.09 8.66 2.25
CA ARG A 31 2.07 9.94 1.55
C ARG A 31 3.33 10.13 0.72
N LYS A 32 4.42 9.50 1.15
CA LYS A 32 5.69 9.60 0.44
C LYS A 32 5.70 8.70 -0.79
N LEU A 33 4.99 7.59 -0.72
CA LEU A 33 4.90 6.66 -1.84
C LEU A 33 3.84 7.10 -2.84
N ALA A 34 2.70 7.55 -2.33
CA ALA A 34 1.60 8.00 -3.18
C ALA A 34 2.08 9.09 -4.14
N LEU A 35 3.04 9.89 -3.70
CA LEU A 35 3.58 10.97 -4.50
C LEU A 35 4.87 10.54 -5.21
N LYS A 36 5.42 9.42 -4.76
CA LYS A 36 6.65 8.90 -5.36
C LYS A 36 6.35 8.04 -6.59
N TRP A 37 5.22 7.33 -6.54
CA TRP A 37 4.81 6.48 -7.65
C TRP A 37 3.67 7.11 -8.43
N HIS A 38 3.43 8.39 -8.18
CA HIS A 38 2.35 9.11 -8.86
C HIS A 38 2.67 9.28 -10.35
N PRO A 39 1.64 9.11 -11.19
CA PRO A 39 1.78 9.23 -12.64
C PRO A 39 2.03 10.67 -13.08
N ASP A 40 1.71 11.61 -12.19
CA ASP A 40 1.88 13.03 -12.49
C ASP A 40 3.25 13.51 -12.03
N LYS A 41 3.89 12.73 -11.16
CA LYS A 41 5.21 13.08 -10.65
C LYS A 41 6.29 12.25 -11.32
N ASN A 42 5.90 11.06 -11.80
CA ASN A 42 6.84 10.17 -12.48
C ASN A 42 6.47 10.00 -13.94
N PRO A 43 6.90 10.97 -14.76
CA PRO A 43 6.64 10.96 -16.22
C PRO A 43 7.41 9.86 -16.93
N GLU A 44 8.69 9.71 -16.58
CA GLU A 44 9.54 8.70 -17.19
C GLU A 44 9.02 7.29 -16.88
N ASN A 45 8.63 7.08 -15.63
CA ASN A 45 8.12 5.78 -15.20
C ASN A 45 6.61 5.83 -15.01
N LYS A 46 5.95 6.75 -15.71
CA LYS A 46 4.51 6.89 -15.62
C LYS A 46 3.82 5.54 -15.73
N GLU A 47 4.31 4.69 -16.63
CA GLU A 47 3.73 3.37 -16.82
C GLU A 47 3.72 2.58 -15.51
N GLU A 48 4.89 2.48 -14.89
CA GLU A 48 5.02 1.76 -13.63
C GLU A 48 4.28 2.48 -12.50
N ALA A 49 4.62 3.74 -12.30
CA ALA A 49 3.99 4.55 -11.27
C ALA A 49 2.47 4.45 -11.34
N GLU A 50 1.94 4.45 -12.56
CA GLU A 50 0.50 4.35 -12.77
C GLU A 50 -0.06 3.11 -12.11
N ARG A 51 0.78 2.08 -11.96
CA ARG A 51 0.35 0.82 -11.36
C ARG A 51 0.71 0.80 -9.87
N ARG A 52 1.90 1.29 -9.54
CA ARG A 52 2.36 1.32 -8.16
C ARG A 52 1.44 2.19 -7.30
N PHE A 53 1.07 3.35 -7.84
CA PHE A 53 0.20 4.28 -7.12
C PHE A 53 -1.09 3.59 -6.69
N LYS A 54 -1.57 2.66 -7.52
CA LYS A 54 -2.79 1.92 -7.22
C LYS A 54 -2.63 1.10 -5.95
N GLN A 55 -1.65 0.19 -5.95
CA GLN A 55 -1.40 -0.66 -4.80
C GLN A 55 -1.09 0.18 -3.57
N VAL A 56 -0.35 1.27 -3.76
CA VAL A 56 0.02 2.15 -2.67
C VAL A 56 -1.21 2.83 -2.07
N ALA A 57 -2.06 3.38 -2.93
CA ALA A 57 -3.26 4.06 -2.49
C ALA A 57 -4.19 3.10 -1.75
N GLU A 58 -4.44 1.94 -2.35
CA GLU A 58 -5.30 0.94 -1.73
C GLU A 58 -4.75 0.49 -0.38
N ALA A 59 -3.43 0.38 -0.30
CA ALA A 59 -2.78 -0.05 0.93
C ALA A 59 -3.08 0.92 2.07
N TYR A 60 -2.83 2.21 1.83
CA TYR A 60 -3.07 3.24 2.83
C TYR A 60 -4.56 3.43 3.07
N GLU A 61 -5.34 3.34 2.00
CA GLU A 61 -6.79 3.50 2.09
C GLU A 61 -7.40 2.41 2.97
N VAL A 62 -6.77 1.24 2.98
CA VAL A 62 -7.26 0.12 3.78
C VAL A 62 -6.61 0.11 5.16
N LEU A 63 -5.32 0.38 5.21
CA LEU A 63 -4.58 0.41 6.47
C LEU A 63 -4.98 1.62 7.31
N SER A 64 -4.92 2.80 6.69
CA SER A 64 -5.28 4.03 7.39
C SER A 64 -6.70 3.96 7.94
N ASP A 65 -7.47 3.01 7.44
CA ASP A 65 -8.85 2.83 7.88
C ASP A 65 -8.92 1.91 9.09
N ALA A 66 -9.95 2.08 9.92
CA ALA A 66 -10.12 1.26 11.11
C ALA A 66 -10.89 -0.01 10.79
N LYS A 67 -11.90 0.12 9.94
CA LYS A 67 -12.73 -1.03 9.56
C LYS A 67 -12.03 -1.86 8.49
N LYS A 68 -11.58 -1.20 7.43
CA LYS A 68 -10.90 -1.88 6.33
C LYS A 68 -9.65 -2.59 6.83
N ARG A 69 -8.83 -1.87 7.61
CA ARG A 69 -7.60 -2.43 8.15
C ARG A 69 -7.90 -3.65 9.03
N ASP A 70 -8.73 -3.44 10.04
CA ASP A 70 -9.10 -4.52 10.96
C ASP A 70 -9.66 -5.71 10.20
N ILE A 71 -10.54 -5.44 9.23
CA ILE A 71 -11.14 -6.49 8.43
C ILE A 71 -10.10 -7.18 7.55
N TYR A 72 -9.18 -6.39 7.01
CA TYR A 72 -8.13 -6.92 6.15
C TYR A 72 -7.27 -7.93 6.89
N ASP A 73 -6.78 -7.54 8.05
CA ASP A 73 -5.94 -8.42 8.87
C ASP A 73 -6.76 -9.59 9.41
N ARG A 74 -8.01 -9.33 9.75
CA ARG A 74 -8.89 -10.36 10.27
C ARG A 74 -9.09 -11.48 9.25
N TYR A 75 -9.68 -11.14 8.11
CA TYR A 75 -9.93 -12.11 7.05
C TYR A 75 -8.88 -11.99 5.94
N GLY A 76 -8.75 -10.79 5.38
CA GLY A 76 -7.79 -10.57 4.33
C GLY A 76 -6.51 -11.36 4.53
N SER A 77 -6.06 -11.44 5.78
CA SER A 77 -4.83 -12.16 6.11
C SER A 77 -5.10 -13.20 7.19
N GLY A 78 -4.85 -14.47 6.86
CA GLY A 78 -5.05 -15.53 7.81
C GLY A 78 -3.96 -15.62 8.84
N PRO A 79 -2.96 -16.49 8.59
CA PRO A 79 -1.83 -16.69 9.50
C PRO A 79 -0.90 -15.48 9.53
N SER A 80 -0.30 -15.22 10.68
CA SER A 80 0.62 -14.10 10.84
C SER A 80 1.97 -14.56 11.37
N SER A 81 1.94 -15.44 12.37
CA SER A 81 3.17 -15.96 12.96
C SER A 81 3.16 -17.49 12.98
N GLY A 82 4.32 -18.08 13.22
CA GLY A 82 4.42 -19.53 13.26
C GLY A 82 5.47 -20.01 14.23
N GLY A 1 23.25 -3.43 -6.23
CA GLY A 1 21.82 -3.31 -6.40
C GLY A 1 21.09 -4.58 -5.96
N SER A 2 19.92 -4.40 -5.35
CA SER A 2 19.13 -5.53 -4.89
C SER A 2 17.87 -5.70 -5.74
N SER A 3 17.68 -6.91 -6.27
CA SER A 3 16.54 -7.21 -7.11
C SER A 3 15.24 -7.12 -6.31
N GLY A 4 14.11 -7.21 -7.00
CA GLY A 4 12.83 -7.13 -6.34
C GLY A 4 12.03 -8.42 -6.46
N SER A 5 11.11 -8.64 -5.52
CA SER A 5 10.30 -9.85 -5.52
C SER A 5 8.83 -9.50 -5.78
N SER A 6 8.24 -10.19 -6.75
CA SER A 6 6.84 -9.97 -7.10
C SER A 6 5.95 -11.08 -6.56
N GLY A 7 4.65 -10.80 -6.47
CA GLY A 7 3.72 -11.79 -5.96
C GLY A 7 2.53 -11.15 -5.25
N MET A 8 2.37 -11.45 -3.97
CA MET A 8 1.27 -10.90 -3.19
C MET A 8 1.46 -9.40 -2.96
N VAL A 9 0.44 -8.76 -2.40
CA VAL A 9 0.48 -7.33 -2.13
C VAL A 9 0.09 -7.03 -0.69
N ASP A 10 1.09 -7.01 0.20
CA ASP A 10 0.84 -6.73 1.60
C ASP A 10 0.91 -5.22 1.88
N TYR A 11 -0.26 -4.60 2.01
CA TYR A 11 -0.33 -3.17 2.27
C TYR A 11 0.82 -2.71 3.15
N TYR A 12 0.88 -3.25 4.36
CA TYR A 12 1.94 -2.90 5.30
C TYR A 12 3.30 -2.88 4.61
N GLU A 13 3.56 -3.91 3.81
CA GLU A 13 4.83 -4.01 3.09
C GLU A 13 4.82 -3.12 1.86
N VAL A 14 3.63 -2.71 1.43
CA VAL A 14 3.49 -1.85 0.26
C VAL A 14 3.72 -0.37 0.63
N LEU A 15 3.38 -0.03 1.86
CA LEU A 15 3.53 1.34 2.34
C LEU A 15 4.84 1.50 3.12
N ASP A 16 5.65 0.44 3.12
CA ASP A 16 6.92 0.47 3.83
C ASP A 16 6.71 0.67 5.33
N VAL A 17 5.82 -0.12 5.90
CA VAL A 17 5.52 -0.02 7.33
C VAL A 17 5.27 -1.41 7.92
N PRO A 18 5.58 -1.54 9.23
CA PRO A 18 5.39 -2.81 9.94
C PRO A 18 3.93 -3.16 10.14
N ARG A 19 3.66 -4.42 10.49
CA ARG A 19 2.31 -4.89 10.71
C ARG A 19 1.64 -4.12 11.84
N GLN A 20 2.44 -3.68 12.81
CA GLN A 20 1.93 -2.93 13.95
C GLN A 20 2.05 -1.43 13.71
N ALA A 21 2.49 -1.06 12.51
CA ALA A 21 2.63 0.34 12.15
C ALA A 21 1.42 1.15 12.57
N SER A 22 1.65 2.26 13.28
CA SER A 22 0.58 3.11 13.74
C SER A 22 0.09 4.02 12.62
N SER A 23 -1.20 4.38 12.68
CA SER A 23 -1.79 5.25 11.67
C SER A 23 -0.79 6.30 11.20
N GLU A 24 -0.42 7.20 12.10
CA GLU A 24 0.54 8.26 11.78
C GLU A 24 1.76 7.70 11.06
N ALA A 25 2.13 6.47 11.43
CA ALA A 25 3.29 5.80 10.82
C ALA A 25 2.97 5.33 9.41
N ILE A 26 1.74 4.89 9.20
CA ILE A 26 1.31 4.40 7.89
C ILE A 26 1.16 5.56 6.90
N LYS A 27 0.50 6.62 7.34
CA LYS A 27 0.29 7.80 6.51
C LYS A 27 1.61 8.45 6.15
N LYS A 28 2.49 8.59 7.13
CA LYS A 28 3.79 9.21 6.92
C LYS A 28 4.64 8.37 5.96
N ALA A 29 4.39 7.07 5.95
CA ALA A 29 5.12 6.16 5.07
C ALA A 29 4.41 6.00 3.73
N TYR A 30 3.13 6.35 3.70
CA TYR A 30 2.33 6.23 2.49
C TYR A 30 2.35 7.53 1.69
N ARG A 31 1.89 8.61 2.32
CA ARG A 31 1.85 9.91 1.68
C ARG A 31 3.06 10.10 0.77
N LYS A 32 4.19 9.53 1.16
CA LYS A 32 5.42 9.63 0.39
C LYS A 32 5.36 8.74 -0.85
N LEU A 33 4.94 7.50 -0.66
CA LEU A 33 4.82 6.55 -1.76
C LEU A 33 3.75 6.98 -2.75
N ALA A 34 2.63 7.46 -2.22
CA ALA A 34 1.53 7.92 -3.06
C ALA A 34 1.99 9.03 -4.00
N LEU A 35 2.90 9.86 -3.54
CA LEU A 35 3.42 10.96 -4.33
C LEU A 35 4.73 10.58 -5.02
N LYS A 36 5.30 9.46 -4.59
CA LYS A 36 6.56 8.97 -5.15
C LYS A 36 6.30 8.17 -6.42
N TRP A 37 5.23 7.39 -6.42
CA TRP A 37 4.88 6.57 -7.57
C TRP A 37 3.70 7.17 -8.33
N HIS A 38 3.39 8.44 -8.03
CA HIS A 38 2.29 9.13 -8.69
C HIS A 38 2.57 9.29 -10.17
N PRO A 39 1.52 9.09 -10.99
CA PRO A 39 1.62 9.20 -12.45
C PRO A 39 1.82 10.66 -12.90
N ASP A 40 1.49 11.59 -12.02
CA ASP A 40 1.64 13.01 -12.32
C ASP A 40 3.01 13.52 -11.90
N LYS A 41 3.68 12.76 -11.06
CA LYS A 41 5.01 13.14 -10.58
C LYS A 41 6.09 12.36 -11.32
N ASN A 42 5.75 11.17 -11.79
CA ASN A 42 6.69 10.33 -12.52
C ASN A 42 6.28 10.21 -13.99
N PRO A 43 6.66 11.21 -14.80
CA PRO A 43 6.35 11.23 -16.23
C PRO A 43 7.13 10.19 -17.01
N GLU A 44 8.42 10.07 -16.70
CA GLU A 44 9.28 9.11 -17.38
C GLU A 44 8.90 7.67 -17.01
N ASN A 45 8.48 7.49 -15.75
CA ASN A 45 8.10 6.17 -15.27
C ASN A 45 6.58 6.10 -15.05
N LYS A 46 5.85 6.91 -15.80
CA LYS A 46 4.40 6.96 -15.68
C LYS A 46 3.81 5.55 -15.79
N GLU A 47 4.37 4.73 -16.67
CA GLU A 47 3.90 3.36 -16.86
C GLU A 47 3.98 2.58 -15.55
N GLU A 48 5.15 2.62 -14.91
CA GLU A 48 5.35 1.92 -13.65
C GLU A 48 4.54 2.57 -12.53
N ALA A 49 4.76 3.86 -12.33
CA ALA A 49 4.06 4.60 -11.29
C ALA A 49 2.55 4.34 -11.35
N GLU A 50 1.99 4.44 -12.55
CA GLU A 50 0.56 4.21 -12.74
C GLU A 50 0.15 2.84 -12.21
N ARG A 51 1.12 1.94 -12.10
CA ARG A 51 0.87 0.59 -11.60
C ARG A 51 1.14 0.50 -10.10
N ARG A 52 2.20 1.15 -9.66
CA ARG A 52 2.56 1.15 -8.25
C ARG A 52 1.56 1.95 -7.42
N PHE A 53 1.37 3.20 -7.79
CA PHE A 53 0.44 4.07 -7.08
C PHE A 53 -0.88 3.36 -6.80
N LYS A 54 -1.25 2.45 -7.70
CA LYS A 54 -2.49 1.70 -7.55
C LYS A 54 -2.47 0.86 -6.29
N GLN A 55 -1.45 0.01 -6.15
CA GLN A 55 -1.31 -0.84 -4.98
C GLN A 55 -1.07 -0.02 -3.73
N VAL A 56 -0.30 1.05 -3.87
CA VAL A 56 0.02 1.93 -2.75
C VAL A 56 -1.25 2.59 -2.20
N ALA A 57 -2.01 3.22 -3.08
CA ALA A 57 -3.25 3.88 -2.68
C ALA A 57 -4.17 2.92 -1.94
N GLU A 58 -4.45 1.78 -2.56
CA GLU A 58 -5.33 0.79 -1.97
C GLU A 58 -4.81 0.37 -0.59
N ALA A 59 -3.49 0.26 -0.47
CA ALA A 59 -2.87 -0.13 0.79
C ALA A 59 -3.21 0.85 1.90
N TYR A 60 -2.79 2.10 1.71
CA TYR A 60 -3.05 3.14 2.71
C TYR A 60 -4.55 3.36 2.90
N GLU A 61 -5.30 3.20 1.82
CA GLU A 61 -6.75 3.38 1.86
C GLU A 61 -7.39 2.35 2.80
N VAL A 62 -6.79 1.17 2.88
CA VAL A 62 -7.30 0.10 3.73
C VAL A 62 -6.69 0.19 5.12
N LEU A 63 -5.39 0.44 5.18
CA LEU A 63 -4.69 0.54 6.46
C LEU A 63 -5.08 1.82 7.19
N SER A 64 -4.95 2.95 6.52
CA SER A 64 -5.29 4.24 7.11
C SER A 64 -6.69 4.22 7.70
N ASP A 65 -7.50 3.24 7.26
CA ASP A 65 -8.86 3.11 7.76
C ASP A 65 -8.91 2.25 9.01
N ALA A 66 -9.90 2.50 9.86
CA ALA A 66 -10.05 1.75 11.10
C ALA A 66 -10.87 0.49 10.87
N LYS A 67 -11.69 0.49 9.82
CA LYS A 67 -12.53 -0.66 9.50
C LYS A 67 -11.85 -1.55 8.47
N LYS A 68 -11.40 -0.95 7.37
CA LYS A 68 -10.73 -1.69 6.31
C LYS A 68 -9.47 -2.38 6.84
N ARG A 69 -8.73 -1.67 7.69
CA ARG A 69 -7.50 -2.21 8.26
C ARG A 69 -7.81 -3.42 9.16
N ASP A 70 -8.67 -3.22 10.15
CA ASP A 70 -9.04 -4.28 11.07
C ASP A 70 -9.64 -5.46 10.31
N ILE A 71 -10.49 -5.17 9.33
CA ILE A 71 -11.13 -6.20 8.54
C ILE A 71 -10.11 -6.97 7.71
N TYR A 72 -9.15 -6.24 7.14
CA TYR A 72 -8.11 -6.86 6.32
C TYR A 72 -7.29 -7.86 7.14
N ASP A 73 -6.83 -7.41 8.30
CA ASP A 73 -6.03 -8.26 9.17
C ASP A 73 -6.88 -9.38 9.77
N ARG A 74 -8.16 -9.10 9.99
CA ARG A 74 -9.08 -10.08 10.55
C ARG A 74 -9.31 -11.23 9.58
N TYR A 75 -9.89 -10.92 8.43
CA TYR A 75 -10.17 -11.92 7.41
C TYR A 75 -9.12 -11.89 6.31
N GLY A 76 -8.94 -10.71 5.71
CA GLY A 76 -7.96 -10.57 4.64
C GLY A 76 -6.74 -11.45 4.85
N SER A 77 -6.25 -11.49 6.09
CA SER A 77 -5.08 -12.28 6.41
C SER A 77 -5.38 -13.27 7.53
N GLY A 78 -4.80 -14.46 7.44
CA GLY A 78 -5.02 -15.49 8.44
C GLY A 78 -5.24 -16.85 7.84
N PRO A 79 -5.89 -17.75 8.61
CA PRO A 79 -6.17 -19.12 8.16
C PRO A 79 -7.23 -19.16 7.06
N SER A 80 -7.99 -18.08 6.93
CA SER A 80 -9.03 -17.99 5.91
C SER A 80 -8.74 -16.86 4.92
N SER A 81 -8.87 -17.16 3.63
CA SER A 81 -8.62 -16.17 2.59
C SER A 81 -9.61 -15.02 2.68
N GLY A 82 -9.31 -13.94 1.97
CA GLY A 82 -10.18 -12.78 1.99
C GLY A 82 -10.75 -12.45 0.62
N GLY A 1 21.87 -6.94 0.59
CA GLY A 1 20.81 -5.97 0.78
C GLY A 1 20.02 -5.72 -0.48
N SER A 2 19.42 -4.53 -0.58
CA SER A 2 18.63 -4.17 -1.75
C SER A 2 17.60 -5.26 -2.07
N SER A 3 16.97 -5.78 -1.02
CA SER A 3 15.97 -6.83 -1.18
C SER A 3 14.60 -6.22 -1.50
N GLY A 4 13.82 -6.93 -2.31
CA GLY A 4 12.50 -6.46 -2.68
C GLY A 4 11.42 -7.50 -2.46
N SER A 5 10.39 -7.48 -3.30
CA SER A 5 9.29 -8.42 -3.18
C SER A 5 8.54 -8.54 -4.51
N SER A 6 7.64 -9.51 -4.59
CA SER A 6 6.86 -9.75 -5.80
C SER A 6 5.78 -10.80 -5.56
N GLY A 7 4.68 -10.67 -6.28
CA GLY A 7 3.59 -11.62 -6.15
C GLY A 7 2.39 -11.02 -5.44
N MET A 8 2.24 -11.32 -4.15
CA MET A 8 1.14 -10.80 -3.36
C MET A 8 1.29 -9.31 -3.10
N VAL A 9 0.26 -8.69 -2.55
CA VAL A 9 0.29 -7.26 -2.25
C VAL A 9 -0.05 -7.00 -0.79
N ASP A 10 0.99 -6.99 0.06
CA ASP A 10 0.80 -6.76 1.48
C ASP A 10 0.85 -5.26 1.79
N TYR A 11 -0.32 -4.67 1.97
CA TYR A 11 -0.42 -3.24 2.27
C TYR A 11 0.76 -2.78 3.12
N TYR A 12 0.85 -3.31 4.34
CA TYR A 12 1.93 -2.95 5.25
C TYR A 12 3.27 -2.89 4.52
N GLU A 13 3.52 -3.91 3.69
CA GLU A 13 4.76 -3.98 2.93
C GLU A 13 4.72 -3.03 1.73
N VAL A 14 3.51 -2.67 1.30
CA VAL A 14 3.33 -1.77 0.17
C VAL A 14 3.56 -0.33 0.58
N LEU A 15 3.22 0.00 1.82
CA LEU A 15 3.39 1.35 2.34
C LEU A 15 4.71 1.48 3.08
N ASP A 16 5.57 0.47 2.95
CA ASP A 16 6.87 0.49 3.60
C ASP A 16 6.72 0.65 5.11
N VAL A 17 5.75 -0.07 5.68
CA VAL A 17 5.50 -0.02 7.12
C VAL A 17 5.29 -1.42 7.69
N PRO A 18 5.63 -1.59 8.97
CA PRO A 18 5.49 -2.86 9.67
C PRO A 18 4.04 -3.24 9.90
N ARG A 19 3.79 -4.50 10.25
CA ARG A 19 2.45 -4.99 10.49
C ARG A 19 1.81 -4.25 11.67
N GLN A 20 2.64 -3.83 12.61
CA GLN A 20 2.15 -3.11 13.78
C GLN A 20 2.23 -1.60 13.57
N ALA A 21 2.64 -1.21 12.37
CA ALA A 21 2.76 0.21 12.03
C ALA A 21 1.55 0.99 12.52
N SER A 22 1.79 2.09 13.24
CA SER A 22 0.72 2.92 13.75
C SER A 22 0.13 3.80 12.66
N SER A 23 -1.16 4.08 12.75
CA SER A 23 -1.83 4.90 11.76
C SER A 23 -0.92 6.03 11.26
N GLU A 24 -0.46 6.86 12.19
CA GLU A 24 0.42 7.96 11.85
C GLU A 24 1.63 7.47 11.05
N ALA A 25 2.13 6.30 11.42
CA ALA A 25 3.27 5.72 10.72
C ALA A 25 2.89 5.20 9.35
N ILE A 26 1.60 4.91 9.17
CA ILE A 26 1.10 4.41 7.90
C ILE A 26 0.88 5.54 6.91
N LYS A 27 0.37 6.67 7.40
CA LYS A 27 0.13 7.83 6.55
C LYS A 27 1.43 8.52 6.17
N LYS A 28 2.32 8.66 7.15
CA LYS A 28 3.62 9.30 6.91
C LYS A 28 4.47 8.46 5.98
N ALA A 29 4.23 7.16 5.96
CA ALA A 29 4.98 6.25 5.11
C ALA A 29 4.28 6.05 3.77
N TYR A 30 3.01 6.41 3.71
CA TYR A 30 2.23 6.27 2.48
C TYR A 30 2.27 7.56 1.66
N ARG A 31 1.89 8.66 2.30
CA ARG A 31 1.87 9.96 1.62
C ARG A 31 3.15 10.17 0.82
N LYS A 32 4.25 9.57 1.28
CA LYS A 32 5.53 9.69 0.61
C LYS A 32 5.57 8.80 -0.63
N LEU A 33 4.90 7.66 -0.57
CA LEU A 33 4.86 6.74 -1.70
C LEU A 33 3.84 7.19 -2.73
N ALA A 34 2.64 7.54 -2.27
CA ALA A 34 1.58 8.00 -3.16
C ALA A 34 2.06 9.12 -4.07
N LEU A 35 2.99 9.92 -3.57
CA LEU A 35 3.54 11.03 -4.34
C LEU A 35 4.85 10.63 -5.01
N LYS A 36 5.41 9.49 -4.59
CA LYS A 36 6.66 9.00 -5.15
C LYS A 36 6.40 8.15 -6.40
N TRP A 37 5.28 7.44 -6.39
CA TRP A 37 4.92 6.59 -7.52
C TRP A 37 3.76 7.19 -8.31
N HIS A 38 3.49 8.46 -8.08
CA HIS A 38 2.41 9.16 -8.76
C HIS A 38 2.72 9.32 -10.24
N PRO A 39 1.70 9.12 -11.09
CA PRO A 39 1.84 9.24 -12.55
C PRO A 39 2.05 10.68 -12.99
N ASP A 40 1.69 11.62 -12.13
CA ASP A 40 1.84 13.04 -12.44
C ASP A 40 3.22 13.53 -12.02
N LYS A 41 3.90 12.76 -11.17
CA LYS A 41 5.23 13.12 -10.71
C LYS A 41 6.30 12.29 -11.39
N ASN A 42 5.92 11.10 -11.86
CA ASN A 42 6.84 10.21 -12.54
C ASN A 42 6.46 10.04 -14.00
N PRO A 43 6.89 11.00 -14.84
CA PRO A 43 6.60 10.99 -16.28
C PRO A 43 7.36 9.89 -17.01
N GLU A 44 8.66 9.80 -16.75
CA GLU A 44 9.51 8.80 -17.38
C GLU A 44 9.06 7.39 -16.99
N ASN A 45 8.68 7.23 -15.73
CA ASN A 45 8.23 5.94 -15.23
C ASN A 45 6.72 5.94 -14.99
N LYS A 46 6.01 6.78 -15.75
CA LYS A 46 4.56 6.88 -15.63
C LYS A 46 3.92 5.50 -15.70
N GLU A 47 4.41 4.67 -16.61
CA GLU A 47 3.88 3.31 -16.78
C GLU A 47 3.92 2.55 -15.47
N GLU A 48 5.07 2.59 -14.79
CA GLU A 48 5.23 1.89 -13.52
C GLU A 48 4.45 2.59 -12.41
N ALA A 49 4.72 3.88 -12.24
CA ALA A 49 4.04 4.66 -11.22
C ALA A 49 2.53 4.48 -11.29
N GLU A 50 2.00 4.40 -12.51
CA GLU A 50 0.57 4.23 -12.71
C GLU A 50 0.10 2.92 -12.10
N ARG A 51 1.01 1.95 -11.99
CA ARG A 51 0.68 0.65 -11.42
C ARG A 51 1.01 0.61 -9.93
N ARG A 52 2.13 1.22 -9.56
CA ARG A 52 2.55 1.24 -8.16
C ARG A 52 1.60 2.09 -7.32
N PHE A 53 1.20 3.24 -7.87
CA PHE A 53 0.30 4.14 -7.16
C PHE A 53 -1.05 3.47 -6.91
N LYS A 54 -1.42 2.54 -7.78
CA LYS A 54 -2.68 1.82 -7.66
C LYS A 54 -2.69 0.96 -6.40
N GLN A 55 -1.60 0.25 -6.16
CA GLN A 55 -1.48 -0.61 -4.99
C GLN A 55 -1.24 0.21 -3.73
N VAL A 56 -0.43 1.26 -3.86
CA VAL A 56 -0.12 2.13 -2.73
C VAL A 56 -1.37 2.80 -2.18
N ALA A 57 -2.12 3.46 -3.07
CA ALA A 57 -3.34 4.13 -2.67
C ALA A 57 -4.28 3.18 -1.93
N GLU A 58 -4.61 2.06 -2.58
CA GLU A 58 -5.50 1.08 -1.98
C GLU A 58 -4.98 0.61 -0.63
N ALA A 59 -3.66 0.49 -0.52
CA ALA A 59 -3.04 0.06 0.73
C ALA A 59 -3.38 1.01 1.87
N TYR A 60 -2.99 2.27 1.72
CA TYR A 60 -3.26 3.27 2.75
C TYR A 60 -4.76 3.44 2.98
N GLU A 61 -5.53 3.30 1.90
CA GLU A 61 -6.98 3.42 1.98
C GLU A 61 -7.58 2.34 2.87
N VAL A 62 -6.91 1.19 2.92
CA VAL A 62 -7.37 0.07 3.73
C VAL A 62 -6.76 0.12 5.13
N LEU A 63 -5.47 0.43 5.19
CA LEU A 63 -4.76 0.51 6.47
C LEU A 63 -5.16 1.76 7.24
N SER A 64 -5.07 2.91 6.58
CA SER A 64 -5.43 4.17 7.20
C SER A 64 -6.85 4.12 7.78
N ASP A 65 -7.65 3.20 7.27
CA ASP A 65 -9.02 3.05 7.73
C ASP A 65 -9.09 2.16 8.97
N ALA A 66 -10.09 2.40 9.81
CA ALA A 66 -10.26 1.63 11.03
C ALA A 66 -11.13 0.40 10.79
N LYS A 67 -11.96 0.45 9.76
CA LYS A 67 -12.84 -0.66 9.41
C LYS A 67 -12.16 -1.60 8.41
N LYS A 68 -11.63 -1.02 7.34
CA LYS A 68 -10.96 -1.81 6.32
C LYS A 68 -9.70 -2.48 6.87
N ARG A 69 -8.91 -1.72 7.62
CA ARG A 69 -7.69 -2.24 8.21
C ARG A 69 -7.99 -3.43 9.13
N ASP A 70 -8.84 -3.19 10.11
CA ASP A 70 -9.22 -4.24 11.06
C ASP A 70 -9.62 -5.52 10.33
N ILE A 71 -10.47 -5.38 9.32
CA ILE A 71 -10.93 -6.52 8.54
C ILE A 71 -9.77 -7.20 7.83
N TYR A 72 -8.87 -6.40 7.27
CA TYR A 72 -7.70 -6.93 6.56
C TYR A 72 -6.81 -7.73 7.51
N ASP A 73 -6.39 -7.09 8.59
CA ASP A 73 -5.52 -7.73 9.58
C ASP A 73 -6.21 -8.95 10.18
N ARG A 74 -7.50 -8.83 10.45
CA ARG A 74 -8.28 -9.92 11.03
C ARG A 74 -8.32 -11.11 10.09
N TYR A 75 -8.93 -10.93 8.93
CA TYR A 75 -9.04 -12.00 7.94
C TYR A 75 -8.00 -11.82 6.84
N GLY A 76 -8.05 -10.67 6.16
CA GLY A 76 -7.10 -10.40 5.10
C GLY A 76 -7.23 -11.40 3.96
N SER A 77 -8.11 -11.11 3.00
CA SER A 77 -8.32 -11.99 1.86
C SER A 77 -7.01 -12.64 1.43
N GLY A 78 -7.09 -13.93 1.09
CA GLY A 78 -5.90 -14.65 0.67
C GLY A 78 -6.10 -15.34 -0.66
N PRO A 79 -5.03 -15.95 -1.18
CA PRO A 79 -5.05 -16.67 -2.47
C PRO A 79 -5.87 -17.96 -2.39
N SER A 80 -6.22 -18.48 -3.56
CA SER A 80 -7.01 -19.71 -3.63
C SER A 80 -6.15 -20.92 -3.33
N SER A 81 -6.16 -21.35 -2.06
CA SER A 81 -5.37 -22.50 -1.63
C SER A 81 -6.04 -23.80 -2.08
N GLY A 82 -5.33 -24.56 -2.91
CA GLY A 82 -5.87 -25.83 -3.38
C GLY A 82 -6.94 -25.64 -4.44
N GLY A 1 19.53 -2.07 -3.26
CA GLY A 1 18.20 -1.58 -3.63
C GLY A 1 17.10 -2.26 -2.84
N SER A 2 16.29 -1.46 -2.16
CA SER A 2 15.19 -1.98 -1.36
C SER A 2 14.57 -3.20 -2.03
N SER A 3 14.65 -4.35 -1.36
CA SER A 3 14.09 -5.59 -1.90
C SER A 3 12.92 -6.06 -1.05
N GLY A 4 11.72 -6.01 -1.62
CA GLY A 4 10.53 -6.44 -0.91
C GLY A 4 10.14 -7.87 -1.25
N SER A 5 8.84 -8.10 -1.39
CA SER A 5 8.33 -9.43 -1.70
C SER A 5 7.54 -9.40 -3.02
N SER A 6 7.26 -10.60 -3.54
CA SER A 6 6.53 -10.72 -4.80
C SER A 6 5.43 -11.77 -4.68
N GLY A 7 4.53 -11.79 -5.65
CA GLY A 7 3.45 -12.76 -5.65
C GLY A 7 2.19 -12.22 -5.00
N MET A 8 2.35 -11.50 -3.89
CA MET A 8 1.22 -10.93 -3.18
C MET A 8 1.41 -9.43 -2.97
N VAL A 9 0.43 -8.79 -2.36
CA VAL A 9 0.48 -7.35 -2.09
C VAL A 9 0.08 -7.04 -0.66
N ASP A 10 1.07 -7.06 0.23
CA ASP A 10 0.82 -6.77 1.65
C ASP A 10 0.92 -5.27 1.93
N TYR A 11 -0.23 -4.61 2.03
CA TYR A 11 -0.27 -3.18 2.29
C TYR A 11 0.89 -2.76 3.18
N TYR A 12 0.91 -3.29 4.40
CA TYR A 12 1.96 -2.96 5.36
C TYR A 12 3.34 -2.98 4.69
N GLU A 13 3.59 -4.02 3.89
CA GLU A 13 4.86 -4.16 3.20
C GLU A 13 4.90 -3.25 1.97
N VAL A 14 3.72 -2.82 1.51
CA VAL A 14 3.63 -1.95 0.35
C VAL A 14 3.88 -0.50 0.72
N LEU A 15 3.51 -0.13 1.95
CA LEU A 15 3.70 1.23 2.43
C LEU A 15 5.01 1.36 3.21
N ASP A 16 5.75 0.25 3.28
CA ASP A 16 7.03 0.24 4.00
C ASP A 16 6.81 0.43 5.49
N VAL A 17 5.76 -0.18 6.02
CA VAL A 17 5.45 -0.07 7.45
C VAL A 17 5.21 -1.44 8.06
N PRO A 18 5.50 -1.57 9.37
CA PRO A 18 5.33 -2.82 10.11
C PRO A 18 3.86 -3.19 10.29
N ARG A 19 3.61 -4.44 10.68
CA ARG A 19 2.25 -4.91 10.89
C ARG A 19 1.56 -4.12 12.00
N GLN A 20 2.35 -3.67 12.97
CA GLN A 20 1.81 -2.89 14.09
C GLN A 20 1.92 -1.39 13.81
N ALA A 21 2.39 -1.04 12.63
CA ALA A 21 2.54 0.36 12.24
C ALA A 21 1.30 1.16 12.63
N SER A 22 1.51 2.26 13.33
CA SER A 22 0.41 3.12 13.76
C SER A 22 -0.08 3.99 12.61
N SER A 23 -1.35 4.36 12.66
CA SER A 23 -1.95 5.19 11.62
C SER A 23 -0.99 6.28 11.17
N GLU A 24 -0.59 7.13 12.12
CA GLU A 24 0.33 8.22 11.81
C GLU A 24 1.60 7.70 11.15
N ALA A 25 1.95 6.44 11.45
CA ALA A 25 3.13 5.83 10.87
C ALA A 25 2.86 5.32 9.46
N ILE A 26 1.63 4.88 9.22
CA ILE A 26 1.24 4.37 7.91
C ILE A 26 1.10 5.51 6.90
N LYS A 27 0.52 6.62 7.35
CA LYS A 27 0.32 7.78 6.49
C LYS A 27 1.65 8.43 6.14
N LYS A 28 2.53 8.56 7.13
CA LYS A 28 3.84 9.15 6.93
C LYS A 28 4.69 8.30 5.99
N ALA A 29 4.43 7.00 5.99
CA ALA A 29 5.17 6.08 5.13
C ALA A 29 4.48 5.90 3.79
N TYR A 30 3.20 6.29 3.72
CA TYR A 30 2.42 6.17 2.51
C TYR A 30 2.48 7.45 1.69
N ARG A 31 2.03 8.55 2.29
CA ARG A 31 2.05 9.84 1.62
C ARG A 31 3.31 10.01 0.79
N LYS A 32 4.40 9.43 1.25
CA LYS A 32 5.68 9.53 0.55
C LYS A 32 5.66 8.67 -0.72
N LEU A 33 5.09 7.47 -0.61
CA LEU A 33 5.01 6.55 -1.74
C LEU A 33 3.95 7.02 -2.74
N ALA A 34 2.79 7.43 -2.21
CA ALA A 34 1.70 7.89 -3.05
C ALA A 34 2.16 8.99 -4.01
N LEU A 35 3.13 9.79 -3.56
CA LEU A 35 3.67 10.87 -4.37
C LEU A 35 4.94 10.44 -5.09
N LYS A 36 5.51 9.32 -4.65
CA LYS A 36 6.72 8.79 -5.25
C LYS A 36 6.41 7.98 -6.51
N TRP A 37 5.29 7.29 -6.49
CA TRP A 37 4.86 6.48 -7.63
C TRP A 37 3.67 7.11 -8.34
N HIS A 38 3.42 8.38 -8.05
CA HIS A 38 2.31 9.10 -8.68
C HIS A 38 2.57 9.33 -10.15
N PRO A 39 1.52 9.18 -10.98
CA PRO A 39 1.61 9.37 -12.42
C PRO A 39 1.81 10.83 -12.81
N ASP A 40 1.46 11.73 -11.89
CA ASP A 40 1.62 13.17 -12.13
C ASP A 40 3.01 13.64 -11.74
N LYS A 41 3.69 12.85 -10.91
CA LYS A 41 5.04 13.18 -10.47
C LYS A 41 6.08 12.40 -11.24
N ASN A 42 5.71 11.20 -11.68
CA ASN A 42 6.62 10.35 -12.43
C ASN A 42 6.19 10.26 -13.90
N PRO A 43 6.59 11.27 -14.69
CA PRO A 43 6.26 11.34 -16.11
C PRO A 43 7.00 10.28 -16.93
N GLU A 44 8.32 10.17 -16.70
CA GLU A 44 9.14 9.21 -17.41
C GLU A 44 8.70 7.78 -17.10
N ASN A 45 8.37 7.53 -15.83
CA ASN A 45 7.94 6.21 -15.39
C ASN A 45 6.44 6.19 -15.13
N LYS A 46 5.71 7.09 -15.80
CA LYS A 46 4.27 7.18 -15.64
C LYS A 46 3.63 5.80 -15.78
N GLU A 47 4.10 5.02 -16.74
CA GLU A 47 3.57 3.68 -16.98
C GLU A 47 3.67 2.83 -15.72
N GLU A 48 4.85 2.79 -15.12
CA GLU A 48 5.07 2.02 -13.91
C GLU A 48 4.32 2.63 -12.73
N ALA A 49 4.58 3.91 -12.47
CA ALA A 49 3.92 4.60 -11.37
C ALA A 49 2.41 4.41 -11.41
N GLU A 50 1.84 4.51 -12.60
CA GLU A 50 0.40 4.34 -12.78
C GLU A 50 -0.05 2.97 -12.27
N ARG A 51 0.88 2.03 -12.22
CA ARG A 51 0.59 0.68 -11.75
C ARG A 51 0.91 0.53 -10.27
N ARG A 52 2.03 1.10 -9.86
CA ARG A 52 2.46 1.03 -8.47
C ARG A 52 1.49 1.78 -7.56
N PHE A 53 1.20 3.03 -7.92
CA PHE A 53 0.29 3.86 -7.14
C PHE A 53 -1.04 3.13 -6.90
N LYS A 54 -1.32 2.13 -7.73
CA LYS A 54 -2.55 1.36 -7.62
C LYS A 54 -2.52 0.49 -6.37
N GLN A 55 -1.36 -0.10 -6.09
CA GLN A 55 -1.21 -0.96 -4.92
C GLN A 55 -0.96 -0.14 -3.66
N VAL A 56 -0.21 0.94 -3.82
CA VAL A 56 0.10 1.82 -2.69
C VAL A 56 -1.14 2.53 -2.19
N ALA A 57 -1.84 3.21 -3.09
CA ALA A 57 -3.06 3.93 -2.74
C ALA A 57 -4.04 3.03 -2.01
N GLU A 58 -4.24 1.82 -2.55
CA GLU A 58 -5.16 0.85 -1.95
C GLU A 58 -4.66 0.41 -0.58
N ALA A 59 -3.35 0.25 -0.45
CA ALA A 59 -2.75 -0.17 0.81
C ALA A 59 -3.04 0.83 1.92
N TYR A 60 -2.72 2.09 1.69
CA TYR A 60 -2.95 3.14 2.67
C TYR A 60 -4.44 3.35 2.90
N GLU A 61 -5.22 3.21 1.83
CA GLU A 61 -6.66 3.40 1.91
C GLU A 61 -7.30 2.32 2.78
N VAL A 62 -6.67 1.15 2.83
CA VAL A 62 -7.17 0.04 3.62
C VAL A 62 -6.61 0.09 5.05
N LEU A 63 -5.31 0.39 5.15
CA LEU A 63 -4.66 0.47 6.45
C LEU A 63 -5.05 1.75 7.19
N SER A 64 -4.90 2.89 6.51
CA SER A 64 -5.24 4.17 7.10
C SER A 64 -6.68 4.17 7.62
N ASP A 65 -7.48 3.25 7.10
CA ASP A 65 -8.88 3.15 7.52
C ASP A 65 -9.02 2.28 8.76
N ALA A 66 -10.06 2.54 9.54
CA ALA A 66 -10.31 1.78 10.77
C ALA A 66 -11.19 0.57 10.49
N LYS A 67 -11.95 0.63 9.40
CA LYS A 67 -12.83 -0.46 9.02
C LYS A 67 -12.14 -1.42 8.06
N LYS A 68 -11.55 -0.87 7.00
CA LYS A 68 -10.86 -1.67 6.01
C LYS A 68 -9.64 -2.36 6.61
N ARG A 69 -8.88 -1.62 7.40
CA ARG A 69 -7.69 -2.16 8.05
C ARG A 69 -8.05 -3.33 8.96
N ASP A 70 -8.93 -3.06 9.92
CA ASP A 70 -9.37 -4.09 10.87
C ASP A 70 -9.77 -5.37 10.13
N ILE A 71 -10.57 -5.21 9.08
CA ILE A 71 -11.03 -6.36 8.29
C ILE A 71 -9.85 -7.09 7.66
N TYR A 72 -8.86 -6.33 7.19
CA TYR A 72 -7.68 -6.90 6.56
C TYR A 72 -6.86 -7.70 7.57
N ASP A 73 -6.49 -7.05 8.66
CA ASP A 73 -5.69 -7.69 9.70
C ASP A 73 -6.45 -8.88 10.30
N ARG A 74 -7.75 -8.73 10.46
CA ARG A 74 -8.59 -9.78 11.02
C ARG A 74 -8.60 -11.01 10.11
N TYR A 75 -9.18 -10.86 8.93
CA TYR A 75 -9.25 -11.94 7.97
C TYR A 75 -8.14 -11.84 6.93
N GLY A 76 -8.09 -10.71 6.24
CA GLY A 76 -7.07 -10.50 5.23
C GLY A 76 -7.51 -11.00 3.86
N SER A 77 -8.26 -10.18 3.14
CA SER A 77 -8.74 -10.54 1.82
C SER A 77 -7.57 -10.86 0.89
N GLY A 78 -7.89 -11.34 -0.31
CA GLY A 78 -6.87 -11.68 -1.27
C GLY A 78 -7.31 -12.77 -2.24
N PRO A 79 -6.33 -13.44 -2.86
CA PRO A 79 -6.59 -14.52 -3.82
C PRO A 79 -7.16 -15.77 -3.14
N SER A 80 -6.80 -15.97 -1.88
CA SER A 80 -7.27 -17.13 -1.12
C SER A 80 -8.79 -17.12 -1.02
N SER A 81 -9.34 -15.98 -0.60
CA SER A 81 -10.79 -15.84 -0.45
C SER A 81 -11.51 -16.30 -1.72
N GLY A 82 -12.24 -17.41 -1.61
CA GLY A 82 -12.98 -17.92 -2.75
C GLY A 82 -14.25 -18.64 -2.35
N GLY A 1 12.67 -21.64 -12.78
CA GLY A 1 13.55 -21.81 -11.64
C GLY A 1 13.48 -20.65 -10.66
N SER A 2 12.45 -20.67 -9.81
CA SER A 2 12.28 -19.61 -8.83
C SER A 2 12.07 -18.26 -9.51
N SER A 3 11.29 -18.26 -10.59
CA SER A 3 11.02 -17.04 -11.34
C SER A 3 9.53 -16.76 -11.39
N GLY A 4 8.72 -17.79 -11.14
CA GLY A 4 7.29 -17.64 -11.18
C GLY A 4 6.66 -17.81 -9.81
N SER A 5 7.08 -17.00 -8.84
CA SER A 5 6.56 -17.07 -7.49
C SER A 5 5.39 -16.11 -7.29
N SER A 6 4.22 -16.67 -7.01
CA SER A 6 3.02 -15.86 -6.82
C SER A 6 3.34 -14.63 -5.96
N GLY A 7 3.23 -13.45 -6.57
CA GLY A 7 3.50 -12.22 -5.85
C GLY A 7 2.25 -11.61 -5.25
N MET A 8 2.25 -11.45 -3.93
CA MET A 8 1.10 -10.87 -3.24
C MET A 8 1.29 -9.37 -3.03
N VAL A 9 0.30 -8.73 -2.42
CA VAL A 9 0.36 -7.29 -2.16
C VAL A 9 -0.02 -6.98 -0.72
N ASP A 10 0.98 -7.00 0.15
CA ASP A 10 0.77 -6.71 1.57
C ASP A 10 0.85 -5.21 1.84
N TYR A 11 -0.30 -4.57 1.95
CA TYR A 11 -0.35 -3.13 2.20
C TYR A 11 0.82 -2.70 3.09
N TYR A 12 0.84 -3.20 4.31
CA TYR A 12 1.91 -2.86 5.26
C TYR A 12 3.26 -2.85 4.57
N GLU A 13 3.53 -3.89 3.78
CA GLU A 13 4.79 -4.00 3.06
C GLU A 13 4.80 -3.10 1.82
N VAL A 14 3.61 -2.74 1.36
CA VAL A 14 3.47 -1.88 0.18
C VAL A 14 3.70 -0.42 0.55
N LEU A 15 3.36 -0.06 1.78
CA LEU A 15 3.53 1.31 2.26
C LEU A 15 4.86 1.47 2.99
N ASP A 16 5.69 0.45 2.94
CA ASP A 16 6.99 0.48 3.60
C ASP A 16 6.83 0.62 5.11
N VAL A 17 5.83 -0.07 5.65
CA VAL A 17 5.56 -0.03 7.09
C VAL A 17 5.35 -1.42 7.64
N PRO A 18 5.69 -1.61 8.94
CA PRO A 18 5.54 -2.90 9.62
C PRO A 18 4.07 -3.27 9.84
N ARG A 19 3.85 -4.51 10.28
CA ARG A 19 2.50 -4.99 10.53
C ARG A 19 1.85 -4.23 11.68
N GLN A 20 2.66 -3.80 12.64
CA GLN A 20 2.17 -3.05 13.79
C GLN A 20 2.27 -1.55 13.54
N ALA A 21 2.65 -1.17 12.34
CA ALA A 21 2.79 0.23 11.98
C ALA A 21 1.59 1.03 12.47
N SER A 22 1.88 2.13 13.17
CA SER A 22 0.83 2.99 13.71
C SER A 22 0.22 3.86 12.61
N SER A 23 -1.09 4.08 12.69
CA SER A 23 -1.79 4.89 11.71
C SER A 23 -0.93 6.06 11.25
N GLU A 24 -0.52 6.89 12.21
CA GLU A 24 0.31 8.05 11.90
C GLU A 24 1.56 7.64 11.12
N ALA A 25 2.13 6.50 11.48
CA ALA A 25 3.32 6.00 10.82
C ALA A 25 2.99 5.46 9.43
N ILE A 26 1.74 5.07 9.24
CA ILE A 26 1.29 4.53 7.96
C ILE A 26 1.10 5.65 6.93
N LYS A 27 0.47 6.74 7.37
CA LYS A 27 0.23 7.87 6.49
C LYS A 27 1.54 8.55 6.10
N LYS A 28 2.45 8.64 7.05
CA LYS A 28 3.75 9.26 6.81
C LYS A 28 4.59 8.42 5.86
N ALA A 29 4.35 7.12 5.85
CA ALA A 29 5.08 6.20 4.99
C ALA A 29 4.35 6.00 3.67
N TYR A 30 3.06 6.35 3.65
CA TYR A 30 2.25 6.20 2.45
C TYR A 30 2.27 7.48 1.61
N ARG A 31 1.89 8.59 2.25
CA ARG A 31 1.86 9.88 1.56
C ARG A 31 3.13 10.10 0.76
N LYS A 32 4.23 9.51 1.22
CA LYS A 32 5.52 9.64 0.54
C LYS A 32 5.56 8.75 -0.70
N LEU A 33 4.88 7.61 -0.65
CA LEU A 33 4.85 6.69 -1.77
C LEU A 33 3.81 7.13 -2.80
N ALA A 34 2.62 7.47 -2.32
CA ALA A 34 1.53 7.90 -3.19
C ALA A 34 2.00 9.02 -4.12
N LEU A 35 2.92 9.83 -3.63
CA LEU A 35 3.45 10.95 -4.41
C LEU A 35 4.76 10.57 -5.10
N LYS A 36 5.33 9.45 -4.69
CA LYS A 36 6.57 8.96 -5.26
C LYS A 36 6.31 8.11 -6.49
N TRP A 37 5.20 7.38 -6.47
CA TRP A 37 4.83 6.52 -7.60
C TRP A 37 3.63 7.09 -8.35
N HIS A 38 3.36 8.38 -8.13
CA HIS A 38 2.24 9.04 -8.79
C HIS A 38 2.53 9.27 -10.27
N PRO A 39 1.53 9.05 -11.12
CA PRO A 39 1.65 9.23 -12.57
C PRO A 39 1.80 10.70 -12.97
N ASP A 40 1.46 11.59 -12.05
CA ASP A 40 1.56 13.02 -12.29
C ASP A 40 2.91 13.57 -11.84
N LYS A 41 3.59 12.79 -11.01
CA LYS A 41 4.91 13.19 -10.51
C LYS A 41 6.02 12.42 -11.21
N ASN A 42 5.70 11.21 -11.66
CA ASN A 42 6.68 10.38 -12.36
C ASN A 42 6.30 10.22 -13.83
N PRO A 43 6.68 11.22 -14.64
CA PRO A 43 6.40 11.22 -16.09
C PRO A 43 7.23 10.18 -16.82
N GLU A 44 8.50 10.06 -16.47
CA GLU A 44 9.39 9.10 -17.10
C GLU A 44 8.99 7.67 -16.76
N ASN A 45 8.65 7.43 -15.50
CA ASN A 45 8.24 6.11 -15.04
C ASN A 45 6.73 6.05 -14.84
N LYS A 46 6.00 6.85 -15.62
CA LYS A 46 4.55 6.88 -15.53
C LYS A 46 3.96 5.48 -15.64
N GLU A 47 4.51 4.68 -16.54
CA GLU A 47 4.06 3.31 -16.75
C GLU A 47 4.09 2.52 -15.44
N GLU A 48 5.22 2.59 -14.74
CA GLU A 48 5.39 1.89 -13.48
C GLU A 48 4.57 2.55 -12.37
N ALA A 49 4.81 3.84 -12.16
CA ALA A 49 4.10 4.59 -11.14
C ALA A 49 2.59 4.39 -11.25
N GLU A 50 2.09 4.40 -12.47
CA GLU A 50 0.67 4.22 -12.72
C GLU A 50 0.18 2.89 -12.12
N ARG A 51 1.10 1.95 -11.95
CA ARG A 51 0.77 0.65 -11.39
C ARG A 51 1.04 0.62 -9.89
N ARG A 52 2.19 1.15 -9.49
CA ARG A 52 2.57 1.18 -8.08
C ARG A 52 1.57 1.98 -7.26
N PHE A 53 1.17 3.15 -7.79
CA PHE A 53 0.23 4.01 -7.12
C PHE A 53 -1.10 3.28 -6.86
N LYS A 54 -1.45 2.39 -7.78
CA LYS A 54 -2.69 1.62 -7.66
C LYS A 54 -2.67 0.75 -6.42
N GLN A 55 -1.55 0.06 -6.19
CA GLN A 55 -1.41 -0.81 -5.03
C GLN A 55 -1.14 0.01 -3.76
N VAL A 56 -0.35 1.07 -3.91
CA VAL A 56 -0.03 1.94 -2.78
C VAL A 56 -1.27 2.61 -2.22
N ALA A 57 -2.03 3.27 -3.09
CA ALA A 57 -3.25 3.95 -2.69
C ALA A 57 -4.19 3.00 -1.96
N GLU A 58 -4.45 1.85 -2.57
CA GLU A 58 -5.35 0.86 -1.98
C GLU A 58 -4.84 0.41 -0.62
N ALA A 59 -3.51 0.30 -0.49
CA ALA A 59 -2.90 -0.12 0.77
C ALA A 59 -3.23 0.85 1.89
N TYR A 60 -2.85 2.11 1.71
CA TYR A 60 -3.11 3.13 2.71
C TYR A 60 -4.61 3.33 2.92
N GLU A 61 -5.37 3.12 1.87
CA GLU A 61 -6.82 3.28 1.93
C GLU A 61 -7.44 2.22 2.85
N VAL A 62 -6.80 1.06 2.93
CA VAL A 62 -7.28 -0.03 3.77
C VAL A 62 -6.63 0.02 5.15
N LEU A 63 -5.35 0.37 5.19
CA LEU A 63 -4.61 0.46 6.45
C LEU A 63 -4.99 1.73 7.21
N SER A 64 -4.90 2.86 6.53
CA SER A 64 -5.22 4.15 7.15
C SER A 64 -6.64 4.13 7.72
N ASP A 65 -7.48 3.26 7.18
CA ASP A 65 -8.86 3.15 7.62
C ASP A 65 -8.95 2.30 8.90
N ALA A 66 -9.99 2.54 9.68
CA ALA A 66 -10.18 1.80 10.92
C ALA A 66 -11.04 0.56 10.70
N LYS A 67 -12.01 0.67 9.79
CA LYS A 67 -12.89 -0.44 9.47
C LYS A 67 -12.26 -1.38 8.45
N LYS A 68 -11.73 -0.79 7.38
CA LYS A 68 -11.09 -1.58 6.33
C LYS A 68 -9.88 -2.34 6.87
N ARG A 69 -9.03 -1.63 7.61
CA ARG A 69 -7.83 -2.23 8.19
C ARG A 69 -8.20 -3.41 9.09
N ASP A 70 -9.01 -3.13 10.11
CA ASP A 70 -9.43 -4.16 11.05
C ASP A 70 -9.86 -5.43 10.31
N ILE A 71 -10.63 -5.25 9.23
CA ILE A 71 -11.10 -6.37 8.44
C ILE A 71 -9.95 -7.08 7.75
N TYR A 72 -9.04 -6.31 7.18
CA TYR A 72 -7.88 -6.86 6.48
C TYR A 72 -7.02 -7.68 7.43
N ASP A 73 -6.64 -7.07 8.55
CA ASP A 73 -5.81 -7.74 9.54
C ASP A 73 -6.54 -8.94 10.14
N ARG A 74 -7.84 -8.79 10.34
CA ARG A 74 -8.66 -9.86 10.90
C ARG A 74 -8.71 -11.07 9.96
N TYR A 75 -9.32 -10.89 8.81
CA TYR A 75 -9.44 -11.97 7.83
C TYR A 75 -8.37 -11.83 6.75
N GLY A 76 -8.42 -10.72 6.00
CA GLY A 76 -7.46 -10.48 4.95
C GLY A 76 -8.05 -10.72 3.57
N SER A 77 -8.85 -9.78 3.10
CA SER A 77 -9.48 -9.89 1.79
C SER A 77 -8.49 -10.41 0.75
N GLY A 78 -9.00 -11.18 -0.21
CA GLY A 78 -8.14 -11.72 -1.24
C GLY A 78 -8.89 -12.63 -2.20
N PRO A 79 -8.84 -13.94 -1.92
CA PRO A 79 -9.52 -14.95 -2.75
C PRO A 79 -11.03 -14.88 -2.62
N SER A 80 -11.51 -14.12 -1.64
CA SER A 80 -12.93 -13.98 -1.41
C SER A 80 -13.35 -12.51 -1.45
N SER A 81 -14.42 -12.23 -2.19
CA SER A 81 -14.92 -10.87 -2.33
C SER A 81 -16.28 -10.72 -1.66
N GLY A 82 -16.81 -9.50 -1.68
CA GLY A 82 -18.10 -9.25 -1.06
C GLY A 82 -18.16 -7.88 -0.41
N GLY A 1 15.38 -3.08 2.96
CA GLY A 1 14.44 -4.07 3.43
C GLY A 1 14.72 -5.45 2.84
N SER A 2 13.85 -5.91 1.95
CA SER A 2 14.01 -7.21 1.33
C SER A 2 13.92 -7.11 -0.20
N SER A 3 14.15 -8.21 -0.88
CA SER A 3 14.09 -8.26 -2.34
C SER A 3 14.12 -9.69 -2.85
N GLY A 4 13.99 -9.84 -4.16
CA GLY A 4 14.00 -11.16 -4.76
C GLY A 4 12.78 -11.42 -5.63
N SER A 5 11.88 -12.26 -5.13
CA SER A 5 10.66 -12.59 -5.87
C SER A 5 9.44 -11.95 -5.21
N SER A 6 8.66 -11.21 -6.01
CA SER A 6 7.47 -10.54 -5.52
C SER A 6 6.21 -11.21 -6.07
N GLY A 7 5.12 -11.08 -5.32
CA GLY A 7 3.86 -11.68 -5.75
C GLY A 7 2.66 -11.01 -5.10
N MET A 8 2.36 -11.40 -3.87
CA MET A 8 1.23 -10.83 -3.14
C MET A 8 1.42 -9.34 -2.92
N VAL A 9 0.39 -8.69 -2.36
CA VAL A 9 0.44 -7.26 -2.10
C VAL A 9 0.05 -6.94 -0.66
N ASP A 10 1.03 -6.94 0.23
CA ASP A 10 0.78 -6.66 1.64
C ASP A 10 0.87 -5.16 1.92
N TYR A 11 -0.29 -4.52 2.02
CA TYR A 11 -0.36 -3.08 2.27
C TYR A 11 0.80 -2.64 3.17
N TYR A 12 0.82 -3.15 4.39
CA TYR A 12 1.86 -2.81 5.35
C TYR A 12 3.24 -2.81 4.68
N GLU A 13 3.49 -3.86 3.89
CA GLU A 13 4.77 -3.98 3.19
C GLU A 13 4.80 -3.09 1.96
N VAL A 14 3.63 -2.72 1.48
CA VAL A 14 3.52 -1.86 0.30
C VAL A 14 3.76 -0.40 0.66
N LEU A 15 3.41 -0.03 1.88
CA LEU A 15 3.58 1.35 2.36
C LEU A 15 4.90 1.49 3.12
N ASP A 16 5.72 0.44 3.08
CA ASP A 16 7.01 0.46 3.76
C ASP A 16 6.82 0.62 5.27
N VAL A 17 5.83 -0.08 5.81
CA VAL A 17 5.54 -0.02 7.24
C VAL A 17 5.27 -1.41 7.81
N PRO A 18 5.57 -1.58 9.10
CA PRO A 18 5.36 -2.86 9.80
C PRO A 18 3.89 -3.17 10.00
N ARG A 19 3.60 -4.42 10.35
CA ARG A 19 2.22 -4.85 10.57
C ARG A 19 1.59 -4.08 11.72
N GLN A 20 2.42 -3.68 12.69
CA GLN A 20 1.94 -2.94 13.85
C GLN A 20 2.08 -1.44 13.63
N ALA A 21 2.55 -1.06 12.44
CA ALA A 21 2.74 0.34 12.10
C ALA A 21 1.55 1.18 12.56
N SER A 22 1.83 2.23 13.32
CA SER A 22 0.78 3.11 13.82
C SER A 22 0.20 3.97 12.70
N SER A 23 -1.09 4.28 12.80
CA SER A 23 -1.76 5.09 11.80
C SER A 23 -0.85 6.21 11.30
N GLU A 24 -0.48 7.11 12.21
CA GLU A 24 0.38 8.22 11.86
C GLU A 24 1.63 7.75 11.12
N ALA A 25 2.12 6.57 11.51
CA ALA A 25 3.30 6.00 10.88
C ALA A 25 2.97 5.44 9.50
N ILE A 26 1.72 5.05 9.31
CA ILE A 26 1.27 4.50 8.04
C ILE A 26 1.08 5.59 7.00
N LYS A 27 0.54 6.73 7.44
CA LYS A 27 0.31 7.86 6.55
C LYS A 27 1.62 8.53 6.15
N LYS A 28 2.50 8.70 7.12
CA LYS A 28 3.80 9.32 6.88
C LYS A 28 4.65 8.47 5.96
N ALA A 29 4.38 7.16 5.95
CA ALA A 29 5.12 6.24 5.10
C ALA A 29 4.43 6.04 3.77
N TYR A 30 3.15 6.41 3.71
CA TYR A 30 2.37 6.26 2.48
C TYR A 30 2.41 7.54 1.66
N ARG A 31 2.03 8.65 2.27
CA ARG A 31 2.02 9.95 1.60
C ARG A 31 3.29 10.13 0.77
N LYS A 32 4.37 9.51 1.22
CA LYS A 32 5.65 9.61 0.53
C LYS A 32 5.67 8.73 -0.72
N LEU A 33 5.01 7.59 -0.64
CA LEU A 33 4.93 6.65 -1.76
C LEU A 33 3.89 7.11 -2.78
N ALA A 34 2.71 7.48 -2.28
CA ALA A 34 1.63 7.94 -3.14
C ALA A 34 2.09 9.03 -4.08
N LEU A 35 3.05 9.84 -3.61
CA LEU A 35 3.59 10.94 -4.41
C LEU A 35 4.88 10.52 -5.10
N LYS A 36 5.43 9.40 -4.67
CA LYS A 36 6.67 8.89 -5.26
C LYS A 36 6.39 8.05 -6.50
N TRP A 37 5.27 7.34 -6.48
CA TRP A 37 4.88 6.50 -7.61
C TRP A 37 3.69 7.11 -8.35
N HIS A 38 3.42 8.38 -8.10
CA HIS A 38 2.30 9.07 -8.75
C HIS A 38 2.60 9.32 -10.22
N PRO A 39 1.58 9.12 -11.07
CA PRO A 39 1.71 9.32 -12.51
C PRO A 39 1.87 10.78 -12.89
N ASP A 40 1.43 11.67 -12.00
CA ASP A 40 1.54 13.11 -12.24
C ASP A 40 2.92 13.63 -11.84
N LYS A 41 3.64 12.82 -11.06
CA LYS A 41 4.97 13.21 -10.62
C LYS A 41 6.05 12.42 -11.36
N ASN A 42 5.68 11.23 -11.83
CA ASN A 42 6.62 10.38 -12.57
C ASN A 42 6.19 10.23 -14.02
N PRO A 43 6.54 11.22 -14.85
CA PRO A 43 6.21 11.23 -16.27
C PRO A 43 6.97 10.17 -17.06
N GLU A 44 8.24 9.95 -16.68
CA GLU A 44 9.08 8.97 -17.35
C GLU A 44 8.63 7.55 -17.00
N ASN A 45 8.52 7.28 -15.70
CA ASN A 45 8.10 5.97 -15.23
C ASN A 45 6.59 5.92 -15.02
N LYS A 46 5.87 6.80 -15.70
CA LYS A 46 4.42 6.86 -15.59
C LYS A 46 3.81 5.46 -15.68
N GLU A 47 4.36 4.64 -16.57
CA GLU A 47 3.88 3.28 -16.76
C GLU A 47 3.93 2.49 -15.44
N GLU A 48 5.08 2.55 -14.78
CA GLU A 48 5.26 1.84 -13.51
C GLU A 48 4.49 2.54 -12.39
N ALA A 49 4.73 3.84 -12.22
CA ALA A 49 4.06 4.61 -11.19
C ALA A 49 2.55 4.41 -11.26
N GLU A 50 2.00 4.39 -12.47
CA GLU A 50 0.56 4.21 -12.66
C GLU A 50 0.10 2.88 -12.07
N ARG A 51 1.03 1.94 -11.95
CA ARG A 51 0.71 0.62 -11.40
C ARG A 51 1.04 0.56 -9.91
N ARG A 52 2.15 1.17 -9.53
CA ARG A 52 2.58 1.19 -8.13
C ARG A 52 1.60 2.00 -7.28
N PHE A 53 1.16 3.14 -7.81
CA PHE A 53 0.24 4.00 -7.10
C PHE A 53 -1.09 3.28 -6.83
N LYS A 54 -1.44 2.38 -7.74
CA LYS A 54 -2.68 1.62 -7.60
C LYS A 54 -2.66 0.74 -6.36
N GLN A 55 -1.53 0.07 -6.14
CA GLN A 55 -1.37 -0.81 -4.99
C GLN A 55 -1.09 0.01 -3.71
N VAL A 56 -0.31 1.08 -3.87
CA VAL A 56 0.03 1.94 -2.74
C VAL A 56 -1.22 2.59 -2.16
N ALA A 57 -2.04 3.17 -3.02
CA ALA A 57 -3.27 3.82 -2.59
C ALA A 57 -4.16 2.86 -1.83
N GLU A 58 -4.39 1.68 -2.40
CA GLU A 58 -5.23 0.68 -1.76
C GLU A 58 -4.66 0.27 -0.40
N ALA A 59 -3.35 0.27 -0.30
CA ALA A 59 -2.67 -0.10 0.94
C ALA A 59 -3.00 0.89 2.06
N TYR A 60 -2.73 2.17 1.81
CA TYR A 60 -2.99 3.22 2.79
C TYR A 60 -4.50 3.41 2.99
N GLU A 61 -5.26 3.25 1.91
CA GLU A 61 -6.70 3.41 1.97
C GLU A 61 -7.34 2.30 2.83
N VAL A 62 -6.66 1.16 2.92
CA VAL A 62 -7.15 0.04 3.70
C VAL A 62 -6.54 0.04 5.10
N LEU A 63 -5.27 0.40 5.18
CA LEU A 63 -4.57 0.45 6.47
C LEU A 63 -4.96 1.69 7.25
N SER A 64 -4.88 2.85 6.60
CA SER A 64 -5.22 4.11 7.25
C SER A 64 -6.66 4.09 7.75
N ASP A 65 -7.44 3.13 7.28
CA ASP A 65 -8.83 3.00 7.68
C ASP A 65 -8.97 2.14 8.93
N ALA A 66 -10.00 2.41 9.72
CA ALA A 66 -10.23 1.66 10.95
C ALA A 66 -11.08 0.42 10.69
N LYS A 67 -11.97 0.52 9.71
CA LYS A 67 -12.84 -0.59 9.35
C LYS A 67 -12.18 -1.51 8.33
N LYS A 68 -11.68 -0.91 7.25
CA LYS A 68 -11.01 -1.67 6.20
C LYS A 68 -9.79 -2.40 6.74
N ARG A 69 -8.98 -1.69 7.51
CA ARG A 69 -7.77 -2.27 8.09
C ARG A 69 -8.12 -3.46 8.98
N ASP A 70 -8.94 -3.22 9.99
CA ASP A 70 -9.34 -4.27 10.92
C ASP A 70 -9.84 -5.50 10.16
N ILE A 71 -10.65 -5.27 9.13
CA ILE A 71 -11.19 -6.35 8.33
C ILE A 71 -10.09 -7.03 7.51
N TYR A 72 -9.15 -6.23 7.02
CA TYR A 72 -8.04 -6.75 6.22
C TYR A 72 -7.15 -7.66 7.07
N ASP A 73 -6.69 -7.14 8.20
CA ASP A 73 -5.83 -7.90 9.10
C ASP A 73 -6.55 -9.12 9.65
N ARG A 74 -7.86 -8.98 9.86
CA ARG A 74 -8.67 -10.07 10.38
C ARG A 74 -8.77 -11.21 9.38
N TYR A 75 -9.42 -10.95 8.25
CA TYR A 75 -9.59 -11.94 7.21
C TYR A 75 -8.50 -11.80 6.14
N GLY A 76 -8.39 -10.60 5.58
CA GLY A 76 -7.38 -10.35 4.56
C GLY A 76 -7.68 -11.11 3.28
N SER A 77 -8.79 -10.78 2.63
CA SER A 77 -9.18 -11.44 1.39
C SER A 77 -8.81 -12.93 1.43
N GLY A 78 -9.06 -13.57 2.58
CA GLY A 78 -8.74 -14.97 2.72
C GLY A 78 -9.98 -15.84 2.83
N PRO A 79 -9.80 -17.16 2.72
CA PRO A 79 -10.91 -18.13 2.81
C PRO A 79 -11.47 -18.22 4.22
N SER A 80 -12.69 -18.74 4.33
CA SER A 80 -13.35 -18.89 5.63
C SER A 80 -13.25 -20.33 6.12
N SER A 81 -13.09 -20.48 7.44
CA SER A 81 -12.97 -21.81 8.03
C SER A 81 -13.93 -22.79 7.37
N GLY A 82 -15.20 -22.40 7.28
CA GLY A 82 -16.20 -23.26 6.67
C GLY A 82 -17.60 -22.70 6.81
N GLY A 1 18.87 -1.22 3.04
CA GLY A 1 18.17 -2.49 3.17
C GLY A 1 16.82 -2.48 2.50
N SER A 2 16.80 -2.26 1.18
CA SER A 2 15.57 -2.23 0.42
C SER A 2 14.92 -3.62 0.37
N SER A 3 13.65 -3.68 0.72
CA SER A 3 12.92 -4.95 0.71
C SER A 3 11.57 -4.80 0.01
N GLY A 4 11.23 -5.79 -0.81
CA GLY A 4 9.97 -5.74 -1.53
C GLY A 4 9.73 -6.99 -2.36
N SER A 5 9.19 -8.03 -1.73
CA SER A 5 8.92 -9.29 -2.41
C SER A 5 8.08 -9.05 -3.67
N SER A 6 8.06 -10.04 -4.54
CA SER A 6 7.29 -9.95 -5.79
C SER A 6 6.12 -10.91 -5.78
N GLY A 7 4.97 -10.44 -6.24
CA GLY A 7 3.78 -11.28 -6.27
C GLY A 7 2.61 -10.66 -5.52
N MET A 8 2.29 -11.23 -4.36
CA MET A 8 1.19 -10.73 -3.55
C MET A 8 1.33 -9.23 -3.31
N VAL A 9 0.36 -8.66 -2.59
CA VAL A 9 0.37 -7.23 -2.29
C VAL A 9 0.06 -6.98 -0.83
N ASP A 10 1.08 -7.03 0.02
CA ASP A 10 0.91 -6.81 1.45
C ASP A 10 0.96 -5.32 1.77
N TYR A 11 -0.21 -4.71 1.92
CA TYR A 11 -0.31 -3.29 2.23
C TYR A 11 0.87 -2.84 3.09
N TYR A 12 0.95 -3.38 4.30
CA TYR A 12 2.03 -3.03 5.22
C TYR A 12 3.37 -2.94 4.48
N GLU A 13 3.64 -3.91 3.62
CA GLU A 13 4.88 -3.94 2.85
C GLU A 13 4.80 -2.96 1.68
N VAL A 14 3.59 -2.65 1.25
CA VAL A 14 3.38 -1.73 0.14
C VAL A 14 3.59 -0.28 0.57
N LEU A 15 3.28 0.00 1.82
CA LEU A 15 3.43 1.34 2.37
C LEU A 15 4.75 1.49 3.11
N ASP A 16 5.60 0.47 3.00
CA ASP A 16 6.90 0.49 3.65
C ASP A 16 6.74 0.60 5.16
N VAL A 17 5.72 -0.05 5.70
CA VAL A 17 5.46 -0.01 7.14
C VAL A 17 5.22 -1.41 7.69
N PRO A 18 5.55 -1.61 8.97
CA PRO A 18 5.39 -2.90 9.64
C PRO A 18 3.91 -3.25 9.87
N ARG A 19 3.65 -4.50 10.22
CA ARG A 19 2.29 -4.96 10.47
C ARG A 19 1.66 -4.21 11.64
N GLN A 20 2.50 -3.82 12.60
CA GLN A 20 2.03 -3.09 13.77
C GLN A 20 2.15 -1.58 13.56
N ALA A 21 2.60 -1.19 12.38
CA ALA A 21 2.76 0.22 12.05
C ALA A 21 1.56 1.03 12.54
N SER A 22 1.85 2.13 13.24
CA SER A 22 0.80 3.00 13.77
C SER A 22 0.16 3.82 12.66
N SER A 23 -1.13 4.07 12.78
CA SER A 23 -1.86 4.85 11.78
C SER A 23 -1.02 6.04 11.30
N GLU A 24 -0.58 6.85 12.24
CA GLU A 24 0.22 8.03 11.91
C GLU A 24 1.49 7.61 11.15
N ALA A 25 2.00 6.43 11.47
CA ALA A 25 3.20 5.92 10.82
C ALA A 25 2.89 5.41 9.41
N ILE A 26 1.64 5.02 9.19
CA ILE A 26 1.22 4.52 7.89
C ILE A 26 1.01 5.66 6.90
N LYS A 27 0.47 6.77 7.39
CA LYS A 27 0.22 7.94 6.55
C LYS A 27 1.52 8.62 6.17
N LYS A 28 2.44 8.70 7.12
CA LYS A 28 3.74 9.33 6.88
C LYS A 28 4.60 8.47 5.95
N ALA A 29 4.34 7.18 5.93
CA ALA A 29 5.08 6.25 5.09
C ALA A 29 4.38 6.06 3.74
N TYR A 30 3.10 6.42 3.69
CA TYR A 30 2.33 6.28 2.46
C TYR A 30 2.36 7.58 1.65
N ARG A 31 1.96 8.67 2.28
CA ARG A 31 1.94 9.97 1.62
C ARG A 31 3.20 10.17 0.79
N LYS A 32 4.31 9.58 1.25
CA LYS A 32 5.58 9.70 0.55
C LYS A 32 5.61 8.82 -0.69
N LEU A 33 4.96 7.65 -0.61
CA LEU A 33 4.92 6.72 -1.73
C LEU A 33 3.87 7.16 -2.74
N ALA A 34 2.69 7.51 -2.27
CA ALA A 34 1.60 7.94 -3.14
C ALA A 34 2.07 9.06 -4.06
N LEU A 35 3.00 9.88 -3.58
CA LEU A 35 3.52 10.99 -4.36
C LEU A 35 4.83 10.61 -5.04
N LYS A 36 5.39 9.46 -4.64
CA LYS A 36 6.64 8.98 -5.21
C LYS A 36 6.38 8.11 -6.44
N TRP A 37 5.26 7.39 -6.43
CA TRP A 37 4.90 6.53 -7.55
C TRP A 37 3.71 7.10 -8.32
N HIS A 38 3.43 8.39 -8.09
CA HIS A 38 2.32 9.05 -8.76
C HIS A 38 2.61 9.22 -10.25
N PRO A 39 1.58 9.01 -11.08
CA PRO A 39 1.70 9.13 -12.54
C PRO A 39 1.88 10.58 -12.98
N ASP A 40 1.53 11.51 -12.09
CA ASP A 40 1.65 12.93 -12.39
C ASP A 40 3.03 13.46 -11.98
N LYS A 41 3.73 12.69 -11.15
CA LYS A 41 5.06 13.09 -10.69
C LYS A 41 6.14 12.27 -11.40
N ASN A 42 5.77 11.08 -11.86
CA ASN A 42 6.71 10.21 -12.55
C ASN A 42 6.33 10.04 -14.02
N PRO A 43 6.72 11.02 -14.85
CA PRO A 43 6.43 11.00 -16.28
C PRO A 43 7.21 9.92 -17.02
N GLU A 44 8.51 9.87 -16.78
CA GLU A 44 9.37 8.88 -17.43
C GLU A 44 8.96 7.46 -17.02
N ASN A 45 8.61 7.29 -15.75
CA ASN A 45 8.21 6.00 -15.24
C ASN A 45 6.69 5.95 -15.00
N LYS A 46 5.96 6.80 -15.70
CA LYS A 46 4.51 6.86 -15.57
C LYS A 46 3.90 5.46 -15.66
N GLU A 47 4.41 4.65 -16.59
CA GLU A 47 3.92 3.30 -16.77
C GLU A 47 3.99 2.51 -15.46
N GLU A 48 5.12 2.60 -14.78
CA GLU A 48 5.31 1.91 -13.51
C GLU A 48 4.52 2.59 -12.39
N ALA A 49 4.75 3.88 -12.22
CA ALA A 49 4.07 4.65 -11.18
C ALA A 49 2.56 4.44 -11.26
N GLU A 50 2.03 4.35 -12.47
CA GLU A 50 0.60 4.15 -12.68
C GLU A 50 0.14 2.84 -12.05
N ARG A 51 1.07 1.90 -11.89
CA ARG A 51 0.76 0.61 -11.31
C ARG A 51 1.08 0.60 -9.81
N ARG A 52 2.21 1.21 -9.44
CA ARG A 52 2.62 1.27 -8.05
C ARG A 52 1.65 2.12 -7.23
N PHE A 53 1.23 3.25 -7.79
CA PHE A 53 0.31 4.15 -7.11
C PHE A 53 -1.03 3.46 -6.86
N LYS A 54 -1.39 2.54 -7.76
CA LYS A 54 -2.65 1.81 -7.63
C LYS A 54 -2.65 0.94 -6.37
N GLN A 55 -1.54 0.27 -6.12
CA GLN A 55 -1.41 -0.59 -4.96
C GLN A 55 -1.17 0.23 -3.69
N VAL A 56 -0.38 1.29 -3.84
CA VAL A 56 -0.06 2.16 -2.71
C VAL A 56 -1.31 2.83 -2.16
N ALA A 57 -2.03 3.52 -3.03
CA ALA A 57 -3.26 4.21 -2.63
C ALA A 57 -4.21 3.27 -1.91
N GLU A 58 -4.50 2.13 -2.54
CA GLU A 58 -5.40 1.14 -1.97
C GLU A 58 -4.88 0.66 -0.61
N ALA A 59 -3.57 0.55 -0.49
CA ALA A 59 -2.95 0.11 0.74
C ALA A 59 -3.28 1.05 1.90
N TYR A 60 -2.90 2.31 1.75
CA TYR A 60 -3.16 3.31 2.77
C TYR A 60 -4.65 3.50 3.00
N GLU A 61 -5.43 3.37 1.92
CA GLU A 61 -6.87 3.53 2.00
C GLU A 61 -7.48 2.43 2.86
N VAL A 62 -6.81 1.29 2.94
CA VAL A 62 -7.28 0.16 3.73
C VAL A 62 -6.69 0.19 5.13
N LEU A 63 -5.38 0.44 5.21
CA LEU A 63 -4.69 0.48 6.49
C LEU A 63 -5.09 1.72 7.28
N SER A 64 -5.05 2.88 6.61
CA SER A 64 -5.41 4.14 7.26
C SER A 64 -6.83 4.09 7.79
N ASP A 65 -7.62 3.15 7.29
CA ASP A 65 -9.01 3.00 7.72
C ASP A 65 -9.10 2.08 8.93
N ALA A 66 -10.00 2.40 9.85
CA ALA A 66 -10.19 1.60 11.05
C ALA A 66 -11.10 0.41 10.79
N LYS A 67 -11.87 0.49 9.71
CA LYS A 67 -12.78 -0.58 9.34
C LYS A 67 -12.13 -1.54 8.34
N LYS A 68 -11.56 -0.98 7.28
CA LYS A 68 -10.90 -1.77 6.25
C LYS A 68 -9.65 -2.46 6.82
N ARG A 69 -8.88 -1.73 7.61
CA ARG A 69 -7.67 -2.26 8.21
C ARG A 69 -8.00 -3.43 9.13
N ASP A 70 -8.86 -3.17 10.12
CA ASP A 70 -9.25 -4.20 11.07
C ASP A 70 -9.64 -5.49 10.35
N ILE A 71 -10.45 -5.35 9.31
CA ILE A 71 -10.91 -6.50 8.53
C ILE A 71 -9.73 -7.20 7.85
N TYR A 72 -8.91 -6.42 7.17
CA TYR A 72 -7.74 -6.97 6.47
C TYR A 72 -6.92 -7.84 7.39
N ASP A 73 -6.58 -7.32 8.57
CA ASP A 73 -5.79 -8.05 9.54
C ASP A 73 -6.58 -9.24 10.10
N ARG A 74 -7.88 -9.03 10.28
CA ARG A 74 -8.75 -10.08 10.81
C ARG A 74 -8.78 -11.28 9.87
N TYR A 75 -9.23 -11.07 8.64
CA TYR A 75 -9.31 -12.14 7.66
C TYR A 75 -8.17 -12.04 6.65
N GLY A 76 -8.10 -10.90 5.97
CA GLY A 76 -7.06 -10.69 4.97
C GLY A 76 -5.74 -11.29 5.39
N SER A 77 -5.43 -11.19 6.68
CA SER A 77 -4.17 -11.72 7.20
C SER A 77 -4.42 -12.99 8.02
N GLY A 78 -4.50 -14.12 7.32
CA GLY A 78 -4.73 -15.39 7.98
C GLY A 78 -5.14 -16.49 7.02
N PRO A 79 -5.24 -17.72 7.53
CA PRO A 79 -5.63 -18.88 6.72
C PRO A 79 -7.09 -18.83 6.30
N SER A 80 -7.77 -17.75 6.66
CA SER A 80 -9.18 -17.59 6.32
C SER A 80 -9.46 -18.10 4.91
N SER A 81 -10.67 -18.64 4.72
CA SER A 81 -11.06 -19.17 3.42
C SER A 81 -10.78 -18.16 2.31
N GLY A 82 -11.24 -16.94 2.50
CA GLY A 82 -11.03 -15.90 1.51
C GLY A 82 -11.75 -16.19 0.20
N GLY A 1 12.01 1.08 -1.35
CA GLY A 1 12.60 0.04 -0.52
C GLY A 1 12.15 -1.34 -0.93
N SER A 2 12.50 -2.35 -0.12
CA SER A 2 12.12 -3.72 -0.41
C SER A 2 10.88 -4.13 0.36
N SER A 3 10.03 -4.92 -0.26
CA SER A 3 8.79 -5.37 0.37
C SER A 3 8.85 -6.87 0.66
N GLY A 4 9.90 -7.52 0.18
CA GLY A 4 10.06 -8.94 0.40
C GLY A 4 8.80 -9.73 0.06
N SER A 5 8.20 -9.40 -1.08
CA SER A 5 6.98 -10.08 -1.52
C SER A 5 7.25 -10.96 -2.75
N SER A 6 6.39 -11.93 -2.97
CA SER A 6 6.54 -12.85 -4.10
C SER A 6 5.31 -12.80 -4.99
N GLY A 7 4.77 -11.60 -5.19
CA GLY A 7 3.60 -11.44 -6.03
C GLY A 7 2.45 -10.76 -5.31
N MET A 8 2.03 -11.34 -4.18
CA MET A 8 0.93 -10.78 -3.40
C MET A 8 1.16 -9.29 -3.14
N VAL A 9 0.18 -8.66 -2.51
CA VAL A 9 0.26 -7.23 -2.21
C VAL A 9 -0.05 -6.96 -0.73
N ASP A 10 0.98 -6.97 0.09
CA ASP A 10 0.82 -6.73 1.53
C ASP A 10 0.87 -5.24 1.84
N TYR A 11 -0.30 -4.63 2.03
CA TYR A 11 -0.37 -3.21 2.32
C TYR A 11 0.81 -2.76 3.17
N TYR A 12 0.89 -3.28 4.39
CA TYR A 12 1.97 -2.94 5.30
C TYR A 12 3.31 -2.90 4.57
N GLU A 13 3.56 -3.91 3.75
CA GLU A 13 4.80 -3.98 2.99
C GLU A 13 4.76 -3.05 1.78
N VAL A 14 3.56 -2.69 1.35
CA VAL A 14 3.37 -1.80 0.21
C VAL A 14 3.60 -0.34 0.61
N LEU A 15 3.28 -0.02 1.86
CA LEU A 15 3.45 1.33 2.37
C LEU A 15 4.79 1.48 3.10
N ASP A 16 5.61 0.44 3.03
CA ASP A 16 6.92 0.45 3.68
C ASP A 16 6.76 0.59 5.20
N VAL A 17 5.72 -0.04 5.74
CA VAL A 17 5.47 0.01 7.18
C VAL A 17 5.21 -1.38 7.74
N PRO A 18 5.53 -1.58 9.02
CA PRO A 18 5.35 -2.85 9.71
C PRO A 18 3.88 -3.19 9.93
N ARG A 19 3.60 -4.44 10.26
CA ARG A 19 2.23 -4.88 10.50
C ARG A 19 1.61 -4.13 11.68
N GLN A 20 2.46 -3.75 12.63
CA GLN A 20 2.00 -3.02 13.81
C GLN A 20 2.13 -1.51 13.61
N ALA A 21 2.58 -1.11 12.42
CA ALA A 21 2.75 0.30 12.11
C ALA A 21 1.55 1.12 12.58
N SER A 22 1.84 2.19 13.32
CA SER A 22 0.78 3.06 13.84
C SER A 22 0.17 3.89 12.72
N SER A 23 -1.12 4.19 12.86
CA SER A 23 -1.83 4.97 11.86
C SER A 23 -0.95 6.10 11.34
N GLU A 24 -0.59 7.02 12.23
CA GLU A 24 0.25 8.16 11.85
C GLU A 24 1.49 7.69 11.10
N ALA A 25 1.98 6.50 11.45
CA ALA A 25 3.15 5.94 10.81
C ALA A 25 2.82 5.40 9.42
N ILE A 26 1.57 5.00 9.22
CA ILE A 26 1.13 4.47 7.95
C ILE A 26 0.93 5.59 6.93
N LYS A 27 0.41 6.71 7.39
CA LYS A 27 0.16 7.86 6.52
C LYS A 27 1.48 8.54 6.14
N LYS A 28 2.35 8.72 7.12
CA LYS A 28 3.64 9.35 6.89
C LYS A 28 4.51 8.50 5.97
N ALA A 29 4.23 7.20 5.95
CA ALA A 29 4.99 6.27 5.12
C ALA A 29 4.31 6.07 3.77
N TYR A 30 3.03 6.40 3.70
CA TYR A 30 2.27 6.26 2.47
C TYR A 30 2.32 7.55 1.64
N ARG A 31 1.93 8.65 2.26
CA ARG A 31 1.93 9.95 1.58
C ARG A 31 3.21 10.13 0.77
N LYS A 32 4.29 9.53 1.24
CA LYS A 32 5.58 9.63 0.57
C LYS A 32 5.61 8.76 -0.69
N LEU A 33 4.94 7.61 -0.61
CA LEU A 33 4.89 6.68 -1.74
C LEU A 33 3.87 7.14 -2.76
N ALA A 34 2.67 7.49 -2.30
CA ALA A 34 1.61 7.95 -3.18
C ALA A 34 2.10 9.05 -4.11
N LEU A 35 3.04 9.86 -3.62
CA LEU A 35 3.59 10.95 -4.41
C LEU A 35 4.90 10.53 -5.08
N LYS A 36 5.44 9.41 -4.65
CA LYS A 36 6.70 8.90 -5.20
C LYS A 36 6.43 8.05 -6.44
N TRP A 37 5.30 7.36 -6.45
CA TRP A 37 4.93 6.50 -7.58
C TRP A 37 3.75 7.11 -8.35
N HIS A 38 3.46 8.38 -8.08
CA HIS A 38 2.36 9.07 -8.75
C HIS A 38 2.66 9.25 -10.23
N PRO A 39 1.63 9.07 -11.07
CA PRO A 39 1.75 9.21 -12.53
C PRO A 39 1.96 10.66 -12.95
N ASP A 40 1.69 11.58 -12.04
CA ASP A 40 1.87 13.01 -12.31
C ASP A 40 3.25 13.49 -11.90
N LYS A 41 3.90 12.72 -11.03
CA LYS A 41 5.23 13.06 -10.55
C LYS A 41 6.30 12.23 -11.28
N ASN A 42 5.90 11.06 -11.77
CA ASN A 42 6.82 10.19 -12.49
C ASN A 42 6.41 10.04 -13.95
N PRO A 43 6.81 11.02 -14.77
CA PRO A 43 6.49 11.03 -16.21
C PRO A 43 7.25 9.94 -16.96
N GLU A 44 8.55 9.81 -16.68
CA GLU A 44 9.37 8.81 -17.34
C GLU A 44 8.92 7.40 -16.97
N ASN A 45 8.53 7.22 -15.71
CA ASN A 45 8.07 5.92 -15.23
C ASN A 45 6.57 5.91 -15.04
N LYS A 46 5.87 6.83 -15.71
CA LYS A 46 4.43 6.93 -15.61
C LYS A 46 3.78 5.54 -15.71
N GLU A 47 4.29 4.72 -16.62
CA GLU A 47 3.77 3.37 -16.79
C GLU A 47 3.81 2.58 -15.49
N GLU A 48 4.98 2.53 -14.87
CA GLU A 48 5.15 1.82 -13.62
C GLU A 48 4.41 2.51 -12.49
N ALA A 49 4.70 3.80 -12.29
CA ALA A 49 4.05 4.58 -11.24
C ALA A 49 2.53 4.42 -11.29
N GLU A 50 1.99 4.42 -12.51
CA GLU A 50 0.54 4.27 -12.69
C GLU A 50 0.04 2.98 -12.06
N ARG A 51 0.93 2.01 -11.92
CA ARG A 51 0.58 0.72 -11.33
C ARG A 51 0.92 0.69 -9.84
N ARG A 52 2.11 1.19 -9.50
CA ARG A 52 2.56 1.23 -8.12
C ARG A 52 1.64 2.09 -7.27
N PHE A 53 1.18 3.20 -7.84
CA PHE A 53 0.29 4.12 -7.13
C PHE A 53 -1.07 3.46 -6.87
N LYS A 54 -1.43 2.50 -7.72
CA LYS A 54 -2.69 1.80 -7.58
C LYS A 54 -2.69 0.91 -6.34
N GLN A 55 -1.59 0.22 -6.11
CA GLN A 55 -1.47 -0.66 -4.95
C GLN A 55 -1.20 0.15 -3.68
N VAL A 56 -0.41 1.20 -3.81
CA VAL A 56 -0.08 2.05 -2.66
C VAL A 56 -1.31 2.76 -2.14
N ALA A 57 -2.08 3.36 -3.05
CA ALA A 57 -3.29 4.08 -2.67
C ALA A 57 -4.27 3.16 -1.95
N GLU A 58 -4.53 1.99 -2.55
CA GLU A 58 -5.45 1.02 -1.96
C GLU A 58 -4.94 0.53 -0.61
N ALA A 59 -3.61 0.45 -0.48
CA ALA A 59 -3.00 -0.01 0.75
C ALA A 59 -3.29 0.96 1.90
N TYR A 60 -2.93 2.22 1.71
CA TYR A 60 -3.15 3.24 2.73
C TYR A 60 -4.64 3.45 2.98
N GLU A 61 -5.44 3.30 1.92
CA GLU A 61 -6.88 3.46 2.03
C GLU A 61 -7.49 2.40 2.95
N VAL A 62 -6.90 1.21 2.94
CA VAL A 62 -7.37 0.11 3.77
C VAL A 62 -6.73 0.15 5.15
N LEU A 63 -5.44 0.42 5.19
CA LEU A 63 -4.70 0.48 6.45
C LEU A 63 -5.09 1.74 7.24
N SER A 64 -4.98 2.89 6.60
CA SER A 64 -5.31 4.15 7.23
C SER A 64 -6.72 4.11 7.82
N ASP A 65 -7.52 3.17 7.34
CA ASP A 65 -8.89 3.02 7.81
C ASP A 65 -8.96 2.09 9.02
N ALA A 66 -9.91 2.36 9.91
CA ALA A 66 -10.08 1.56 11.11
C ALA A 66 -10.96 0.33 10.83
N LYS A 67 -11.83 0.45 9.84
CA LYS A 67 -12.72 -0.64 9.48
C LYS A 67 -12.08 -1.54 8.41
N LYS A 68 -11.56 -0.91 7.37
CA LYS A 68 -10.91 -1.65 6.28
C LYS A 68 -9.66 -2.37 6.78
N ARG A 69 -8.85 -1.66 7.56
CA ARG A 69 -7.62 -2.24 8.10
C ARG A 69 -7.94 -3.46 8.97
N ASP A 70 -8.78 -3.26 9.98
CA ASP A 70 -9.15 -4.34 10.88
C ASP A 70 -9.59 -5.58 10.09
N ILE A 71 -10.42 -5.36 9.08
CA ILE A 71 -10.92 -6.45 8.25
C ILE A 71 -9.77 -7.19 7.56
N TYR A 72 -8.84 -6.42 7.01
CA TYR A 72 -7.69 -6.99 6.32
C TYR A 72 -6.82 -7.80 7.28
N ASP A 73 -6.39 -7.15 8.37
CA ASP A 73 -5.55 -7.79 9.36
C ASP A 73 -6.27 -8.99 9.98
N ARG A 74 -7.60 -8.91 10.05
CA ARG A 74 -8.40 -9.97 10.63
C ARG A 74 -8.49 -11.15 9.67
N TYR A 75 -9.06 -10.91 8.49
CA TYR A 75 -9.21 -11.95 7.48
C TYR A 75 -8.20 -11.78 6.35
N GLY A 76 -8.22 -10.60 5.72
CA GLY A 76 -7.30 -10.32 4.64
C GLY A 76 -8.01 -10.08 3.33
N SER A 77 -8.37 -11.18 2.64
CA SER A 77 -9.05 -11.08 1.36
C SER A 77 -10.35 -11.89 1.38
N GLY A 78 -11.47 -11.20 1.28
CA GLY A 78 -12.76 -11.87 1.28
C GLY A 78 -13.79 -11.15 0.44
N PRO A 79 -14.84 -11.88 0.03
CA PRO A 79 -15.93 -11.32 -0.79
C PRO A 79 -16.80 -10.35 0.00
N SER A 80 -17.70 -9.68 -0.71
CA SER A 80 -18.59 -8.72 -0.08
C SER A 80 -19.86 -9.40 0.43
N SER A 81 -19.81 -9.88 1.66
CA SER A 81 -20.94 -10.55 2.27
C SER A 81 -21.89 -9.55 2.94
N GLY A 82 -21.32 -8.65 3.72
CA GLY A 82 -22.13 -7.66 4.41
C GLY A 82 -21.55 -6.26 4.28
N GLY A 1 17.59 -9.53 -8.92
CA GLY A 1 18.26 -9.42 -7.64
C GLY A 1 17.58 -10.21 -6.55
N SER A 2 16.55 -9.60 -5.94
CA SER A 2 15.81 -10.25 -4.88
C SER A 2 15.63 -11.74 -5.17
N SER A 3 15.53 -12.54 -4.11
CA SER A 3 15.36 -13.98 -4.25
C SER A 3 13.94 -14.32 -4.68
N GLY A 4 13.82 -15.14 -5.72
CA GLY A 4 12.52 -15.53 -6.21
C GLY A 4 11.83 -14.42 -6.99
N SER A 5 10.63 -14.06 -6.56
CA SER A 5 9.87 -13.00 -7.22
C SER A 5 8.63 -12.64 -6.41
N SER A 6 8.15 -11.41 -6.60
CA SER A 6 6.98 -10.93 -5.88
C SER A 6 5.75 -11.78 -6.21
N GLY A 7 4.64 -11.48 -5.55
CA GLY A 7 3.42 -12.23 -5.79
C GLY A 7 2.20 -11.55 -5.21
N MET A 8 2.13 -11.48 -3.88
CA MET A 8 1.00 -10.84 -3.21
C MET A 8 1.28 -9.36 -2.97
N VAL A 9 0.30 -8.67 -2.39
CA VAL A 9 0.44 -7.25 -2.11
C VAL A 9 0.02 -6.92 -0.68
N ASP A 10 0.98 -6.94 0.23
CA ASP A 10 0.72 -6.65 1.63
C ASP A 10 0.82 -5.15 1.91
N TYR A 11 -0.32 -4.49 1.95
CA TYR A 11 -0.37 -3.05 2.20
C TYR A 11 0.78 -2.62 3.12
N TYR A 12 0.88 -3.29 4.27
CA TYR A 12 1.93 -2.97 5.23
C TYR A 12 3.29 -2.88 4.55
N GLU A 13 3.59 -3.85 3.70
CA GLU A 13 4.86 -3.87 2.97
C GLU A 13 4.82 -2.93 1.78
N VAL A 14 3.61 -2.60 1.34
CA VAL A 14 3.43 -1.71 0.20
C VAL A 14 3.60 -0.25 0.61
N LEU A 15 3.29 0.04 1.86
CA LEU A 15 3.40 1.40 2.39
C LEU A 15 4.70 1.58 3.18
N ASP A 16 5.56 0.57 3.11
CA ASP A 16 6.84 0.62 3.83
C ASP A 16 6.62 0.75 5.33
N VAL A 17 5.77 -0.10 5.89
CA VAL A 17 5.47 -0.08 7.31
C VAL A 17 5.24 -1.48 7.85
N PRO A 18 5.54 -1.69 9.14
CA PRO A 18 5.39 -2.98 9.81
C PRO A 18 3.92 -3.35 9.99
N ARG A 19 3.67 -4.57 10.45
CA ARG A 19 2.31 -5.05 10.67
C ARG A 19 1.65 -4.29 11.81
N GLN A 20 2.45 -3.88 12.79
CA GLN A 20 1.93 -3.14 13.94
C GLN A 20 2.08 -1.64 13.72
N ALA A 21 2.49 -1.25 12.52
CA ALA A 21 2.66 0.16 12.19
C ALA A 21 1.46 0.98 12.63
N SER A 22 1.72 2.06 13.37
CA SER A 22 0.66 2.93 13.85
C SER A 22 0.07 3.77 12.71
N SER A 23 -1.24 3.99 12.77
CA SER A 23 -1.93 4.78 11.75
C SER A 23 -1.05 5.92 11.27
N GLU A 24 -0.72 6.84 12.18
CA GLU A 24 0.11 7.99 11.85
C GLU A 24 1.40 7.54 11.14
N ALA A 25 1.89 6.37 11.51
CA ALA A 25 3.10 5.83 10.91
C ALA A 25 2.84 5.31 9.50
N ILE A 26 1.61 4.89 9.25
CA ILE A 26 1.23 4.37 7.94
C ILE A 26 1.06 5.51 6.93
N LYS A 27 0.41 6.58 7.37
CA LYS A 27 0.18 7.73 6.49
C LYS A 27 1.51 8.42 6.15
N LYS A 28 2.37 8.54 7.13
CA LYS A 28 3.68 9.18 6.93
C LYS A 28 4.55 8.34 6.01
N ALA A 29 4.26 7.04 5.95
CA ALA A 29 5.02 6.13 5.10
C ALA A 29 4.34 5.95 3.74
N TYR A 30 3.07 6.31 3.67
CA TYR A 30 2.31 6.19 2.44
C TYR A 30 2.35 7.49 1.63
N ARG A 31 1.91 8.57 2.25
CA ARG A 31 1.90 9.87 1.60
C ARG A 31 3.15 10.05 0.73
N LYS A 32 4.25 9.47 1.19
CA LYS A 32 5.52 9.57 0.47
C LYS A 32 5.51 8.69 -0.78
N LEU A 33 4.95 7.49 -0.65
CA LEU A 33 4.88 6.56 -1.77
C LEU A 33 3.84 7.01 -2.78
N ALA A 34 2.71 7.50 -2.29
CA ALA A 34 1.63 7.97 -3.15
C ALA A 34 2.12 9.07 -4.09
N LEU A 35 3.07 9.87 -3.61
CA LEU A 35 3.62 10.96 -4.42
C LEU A 35 4.91 10.53 -5.09
N LYS A 36 5.46 9.40 -4.66
CA LYS A 36 6.69 8.87 -5.22
C LYS A 36 6.42 8.05 -6.48
N TRP A 37 5.32 7.30 -6.46
CA TRP A 37 4.95 6.47 -7.60
C TRP A 37 3.76 7.08 -8.35
N HIS A 38 3.51 8.36 -8.09
CA HIS A 38 2.41 9.05 -8.74
C HIS A 38 2.72 9.30 -10.21
N PRO A 39 1.70 9.14 -11.07
CA PRO A 39 1.84 9.35 -12.52
C PRO A 39 2.04 10.81 -12.88
N ASP A 40 1.57 11.70 -12.02
CA ASP A 40 1.70 13.14 -12.25
C ASP A 40 3.08 13.63 -11.83
N LYS A 41 3.80 12.79 -11.10
CA LYS A 41 5.13 13.14 -10.62
C LYS A 41 6.20 12.40 -11.40
N ASN A 42 5.87 11.19 -11.84
CA ASN A 42 6.81 10.37 -12.62
C ASN A 42 6.36 10.24 -14.06
N PRO A 43 6.67 11.25 -14.88
CA PRO A 43 6.30 11.26 -16.31
C PRO A 43 7.08 10.23 -17.11
N GLU A 44 8.35 10.05 -16.77
CA GLU A 44 9.19 9.08 -17.47
C GLU A 44 8.76 7.66 -17.17
N ASN A 45 8.55 7.36 -15.89
CA ASN A 45 8.13 6.04 -15.47
C ASN A 45 6.62 5.99 -15.21
N LYS A 46 5.89 6.87 -15.89
CA LYS A 46 4.44 6.93 -15.74
C LYS A 46 3.82 5.54 -15.84
N GLU A 47 4.35 4.73 -16.75
CA GLU A 47 3.85 3.37 -16.95
C GLU A 47 3.93 2.57 -15.65
N GLU A 48 5.07 2.66 -14.98
CA GLU A 48 5.28 1.95 -13.72
C GLU A 48 4.53 2.63 -12.58
N ALA A 49 4.80 3.91 -12.39
CA ALA A 49 4.14 4.68 -11.34
C ALA A 49 2.63 4.50 -11.38
N GLU A 50 2.07 4.50 -12.58
CA GLU A 50 0.63 4.33 -12.76
C GLU A 50 0.16 3.00 -12.18
N ARG A 51 1.10 2.05 -12.07
CA ARG A 51 0.78 0.73 -11.54
C ARG A 51 1.09 0.65 -10.05
N ARG A 52 2.19 1.27 -9.64
CA ARG A 52 2.59 1.27 -8.25
C ARG A 52 1.62 2.09 -7.40
N PHE A 53 1.28 3.27 -7.88
CA PHE A 53 0.37 4.16 -7.17
C PHE A 53 -0.97 3.45 -6.89
N LYS A 54 -1.30 2.48 -7.73
CA LYS A 54 -2.53 1.73 -7.58
C LYS A 54 -2.51 0.87 -6.32
N GLN A 55 -1.43 0.11 -6.15
CA GLN A 55 -1.29 -0.75 -4.98
C GLN A 55 -1.04 0.08 -3.72
N VAL A 56 -0.27 1.16 -3.87
CA VAL A 56 0.03 2.03 -2.74
C VAL A 56 -1.24 2.66 -2.17
N ALA A 57 -2.01 3.29 -3.05
CA ALA A 57 -3.26 3.94 -2.63
C ALA A 57 -4.18 2.95 -1.92
N GLU A 58 -4.45 1.83 -2.57
CA GLU A 58 -5.32 0.80 -2.01
C GLU A 58 -4.80 0.35 -0.65
N ALA A 59 -3.48 0.27 -0.52
CA ALA A 59 -2.86 -0.15 0.72
C ALA A 59 -3.19 0.82 1.86
N TYR A 60 -2.81 2.08 1.68
CA TYR A 60 -3.06 3.09 2.69
C TYR A 60 -4.56 3.31 2.89
N GLU A 61 -5.32 3.15 1.81
CA GLU A 61 -6.76 3.32 1.86
C GLU A 61 -7.41 2.26 2.75
N VAL A 62 -6.74 1.12 2.87
CA VAL A 62 -7.25 0.02 3.68
C VAL A 62 -6.67 0.08 5.09
N LEU A 63 -5.38 0.36 5.20
CA LEU A 63 -4.71 0.45 6.49
C LEU A 63 -5.10 1.72 7.22
N SER A 64 -5.01 2.85 6.52
CA SER A 64 -5.35 4.14 7.11
C SER A 64 -6.79 4.14 7.64
N ASP A 65 -7.57 3.17 7.19
CA ASP A 65 -8.96 3.06 7.62
C ASP A 65 -9.07 2.20 8.87
N ALA A 66 -10.01 2.54 9.74
CA ALA A 66 -10.22 1.80 10.97
C ALA A 66 -11.13 0.60 10.75
N LYS A 67 -11.91 0.65 9.66
CA LYS A 67 -12.82 -0.44 9.32
C LYS A 67 -12.16 -1.43 8.37
N LYS A 68 -11.57 -0.91 7.30
CA LYS A 68 -10.91 -1.73 6.31
C LYS A 68 -9.68 -2.42 6.90
N ARG A 69 -8.91 -1.67 7.68
CA ARG A 69 -7.71 -2.20 8.31
C ARG A 69 -8.06 -3.33 9.29
N ASP A 70 -8.94 -3.02 10.23
CA ASP A 70 -9.36 -4.01 11.23
C ASP A 70 -9.76 -5.32 10.55
N ILE A 71 -10.54 -5.21 9.48
CA ILE A 71 -10.99 -6.39 8.75
C ILE A 71 -9.83 -7.08 8.05
N TYR A 72 -9.01 -6.31 7.35
CA TYR A 72 -7.86 -6.85 6.64
C TYR A 72 -6.97 -7.67 7.58
N ASP A 73 -6.51 -7.03 8.64
CA ASP A 73 -5.65 -7.69 9.61
C ASP A 73 -6.33 -8.93 10.18
N ARG A 74 -7.61 -8.78 10.52
CA ARG A 74 -8.37 -9.89 11.09
C ARG A 74 -8.44 -11.07 10.11
N TYR A 75 -9.08 -10.85 8.97
CA TYR A 75 -9.20 -11.89 7.95
C TYR A 75 -8.17 -11.71 6.85
N GLY A 76 -8.17 -10.53 6.23
CA GLY A 76 -7.23 -10.24 5.17
C GLY A 76 -7.75 -10.68 3.81
N SER A 77 -8.57 -9.84 3.20
CA SER A 77 -9.13 -10.14 1.88
C SER A 77 -8.13 -10.92 1.03
N GLY A 78 -8.64 -11.83 0.21
CA GLY A 78 -7.79 -12.62 -0.64
C GLY A 78 -7.99 -12.31 -2.11
N PRO A 79 -8.84 -13.11 -2.78
CA PRO A 79 -9.13 -12.93 -4.21
C PRO A 79 -9.95 -11.68 -4.48
N SER A 80 -9.40 -10.77 -5.28
CA SER A 80 -10.08 -9.53 -5.61
C SER A 80 -11.50 -9.80 -6.10
N SER A 81 -12.31 -8.75 -6.17
CA SER A 81 -13.68 -8.88 -6.62
C SER A 81 -14.40 -10.00 -5.88
N GLY A 82 -14.17 -10.08 -4.57
CA GLY A 82 -14.79 -11.12 -3.77
C GLY A 82 -16.26 -10.85 -3.51
N GLY A 1 17.79 -2.28 2.37
CA GLY A 1 18.19 -3.55 2.95
C GLY A 1 17.84 -4.73 2.06
N SER A 2 16.61 -5.23 2.19
CA SER A 2 16.16 -6.35 1.40
C SER A 2 14.90 -6.00 0.62
N SER A 3 15.03 -5.90 -0.70
CA SER A 3 13.91 -5.56 -1.56
C SER A 3 13.44 -6.78 -2.35
N GLY A 4 12.18 -6.75 -2.78
CA GLY A 4 11.64 -7.86 -3.55
C GLY A 4 10.25 -8.27 -3.06
N SER A 5 10.10 -9.54 -2.73
CA SER A 5 8.83 -10.06 -2.25
C SER A 5 7.72 -9.82 -3.29
N SER A 6 8.05 -10.08 -4.55
CA SER A 6 7.10 -9.90 -5.64
C SER A 6 5.96 -10.90 -5.54
N GLY A 7 4.85 -10.60 -6.20
CA GLY A 7 3.70 -11.49 -6.16
C GLY A 7 2.52 -10.89 -5.42
N MET A 8 2.36 -11.28 -4.15
CA MET A 8 1.27 -10.78 -3.33
C MET A 8 1.41 -9.28 -3.11
N VAL A 9 0.40 -8.68 -2.50
CA VAL A 9 0.40 -7.25 -2.22
C VAL A 9 0.09 -6.97 -0.75
N ASP A 10 1.11 -6.99 0.09
CA ASP A 10 0.93 -6.74 1.52
C ASP A 10 0.97 -5.24 1.81
N TYR A 11 -0.20 -4.64 1.96
CA TYR A 11 -0.29 -3.21 2.24
C TYR A 11 0.88 -2.75 3.10
N TYR A 12 0.92 -3.26 4.34
CA TYR A 12 1.98 -2.89 5.26
C TYR A 12 3.34 -2.82 4.55
N GLU A 13 3.62 -3.83 3.74
CA GLU A 13 4.88 -3.88 3.00
C GLU A 13 4.84 -2.94 1.80
N VAL A 14 3.63 -2.65 1.32
CA VAL A 14 3.46 -1.76 0.18
C VAL A 14 3.66 -0.30 0.58
N LEU A 15 3.33 0.02 1.82
CA LEU A 15 3.48 1.38 2.32
C LEU A 15 4.80 1.54 3.08
N ASP A 16 5.63 0.50 3.03
CA ASP A 16 6.92 0.53 3.71
C ASP A 16 6.73 0.73 5.22
N VAL A 17 5.88 -0.09 5.82
CA VAL A 17 5.61 -0.01 7.25
C VAL A 17 5.39 -1.39 7.85
N PRO A 18 5.72 -1.53 9.14
CA PRO A 18 5.54 -2.80 9.86
C PRO A 18 4.08 -3.16 10.09
N ARG A 19 3.83 -4.42 10.38
CA ARG A 19 2.47 -4.90 10.62
C ARG A 19 1.82 -4.13 11.78
N GLN A 20 2.65 -3.72 12.73
CA GLN A 20 2.16 -2.98 13.89
C GLN A 20 2.26 -1.48 13.67
N ALA A 21 2.67 -1.09 12.47
CA ALA A 21 2.80 0.32 12.12
C ALA A 21 1.59 1.12 12.59
N SER A 22 1.84 2.21 13.30
CA SER A 22 0.77 3.06 13.81
C SER A 22 0.17 3.91 12.69
N SER A 23 -1.12 4.16 12.77
CA SER A 23 -1.81 4.95 11.76
C SER A 23 -0.93 6.10 11.28
N GLU A 24 -0.47 6.91 12.22
CA GLU A 24 0.38 8.05 11.90
C GLU A 24 1.60 7.60 11.09
N ALA A 25 2.13 6.44 11.44
CA ALA A 25 3.30 5.89 10.75
C ALA A 25 2.93 5.39 9.36
N ILE A 26 1.69 4.93 9.21
CA ILE A 26 1.22 4.42 7.93
C ILE A 26 1.01 5.55 6.93
N LYS A 27 0.44 6.66 7.40
CA LYS A 27 0.20 7.81 6.55
C LYS A 27 1.50 8.50 6.18
N LYS A 28 2.40 8.63 7.15
CA LYS A 28 3.69 9.27 6.92
C LYS A 28 4.55 8.43 5.98
N ALA A 29 4.30 7.13 5.96
CA ALA A 29 5.05 6.22 5.11
C ALA A 29 4.35 6.00 3.77
N TYR A 30 3.08 6.38 3.72
CA TYR A 30 2.29 6.22 2.50
C TYR A 30 2.31 7.50 1.67
N ARG A 31 1.91 8.61 2.29
CA ARG A 31 1.88 9.89 1.61
C ARG A 31 3.16 10.10 0.81
N LYS A 32 4.26 9.53 1.28
CA LYS A 32 5.55 9.65 0.61
C LYS A 32 5.59 8.78 -0.65
N LEU A 33 4.93 7.63 -0.59
CA LEU A 33 4.90 6.71 -1.72
C LEU A 33 3.86 7.14 -2.75
N ALA A 34 2.66 7.46 -2.27
CA ALA A 34 1.58 7.89 -3.15
C ALA A 34 2.04 9.02 -4.08
N LEU A 35 2.98 9.83 -3.59
CA LEU A 35 3.51 10.94 -4.37
C LEU A 35 4.82 10.55 -5.04
N LYS A 36 5.39 9.43 -4.63
CA LYS A 36 6.64 8.94 -5.19
C LYS A 36 6.39 8.11 -6.45
N TRP A 37 5.27 7.39 -6.45
CA TRP A 37 4.91 6.55 -7.59
C TRP A 37 3.74 7.15 -8.37
N HIS A 38 3.45 8.42 -8.10
CA HIS A 38 2.36 9.12 -8.77
C HIS A 38 2.68 9.33 -10.24
N PRO A 39 1.66 9.14 -11.10
CA PRO A 39 1.81 9.31 -12.55
C PRO A 39 2.00 10.76 -12.95
N ASP A 40 1.58 11.67 -12.08
CA ASP A 40 1.70 13.10 -12.33
C ASP A 40 3.08 13.61 -11.92
N LYS A 41 3.79 12.80 -11.14
CA LYS A 41 5.13 13.18 -10.68
C LYS A 41 6.20 12.38 -11.41
N ASN A 42 5.83 11.19 -11.88
CA ASN A 42 6.76 10.33 -12.62
C ASN A 42 6.35 10.20 -14.07
N PRO A 43 6.74 11.19 -14.89
CA PRO A 43 6.44 11.21 -16.32
C PRO A 43 7.20 10.13 -17.10
N GLU A 44 8.45 9.89 -16.68
CA GLU A 44 9.28 8.89 -17.34
C GLU A 44 8.79 7.48 -17.02
N ASN A 45 8.64 7.19 -15.73
CA ASN A 45 8.19 5.88 -15.30
C ASN A 45 6.69 5.88 -15.06
N LYS A 46 5.97 6.76 -15.76
CA LYS A 46 4.53 6.86 -15.63
C LYS A 46 3.87 5.48 -15.73
N GLU A 47 4.40 4.65 -16.61
CA GLU A 47 3.87 3.30 -16.81
C GLU A 47 3.90 2.51 -15.50
N GLU A 48 5.05 2.51 -14.84
CA GLU A 48 5.22 1.80 -13.58
C GLU A 48 4.46 2.50 -12.46
N ALA A 49 4.75 3.79 -12.27
CA ALA A 49 4.09 4.57 -11.23
C ALA A 49 2.57 4.41 -11.30
N GLU A 50 2.03 4.40 -12.51
CA GLU A 50 0.59 4.24 -12.70
C GLU A 50 0.09 2.95 -12.08
N ARG A 51 0.98 1.97 -11.95
CA ARG A 51 0.64 0.68 -11.37
C ARG A 51 0.97 0.64 -9.89
N ARG A 52 2.12 1.21 -9.53
CA ARG A 52 2.56 1.24 -8.14
C ARG A 52 1.60 2.08 -7.29
N PHE A 53 1.16 3.21 -7.84
CA PHE A 53 0.26 4.09 -7.13
C PHE A 53 -1.09 3.41 -6.87
N LYS A 54 -1.46 2.50 -7.77
CA LYS A 54 -2.73 1.78 -7.64
C LYS A 54 -2.72 0.89 -6.40
N GLN A 55 -1.59 0.25 -6.15
CA GLN A 55 -1.46 -0.63 -4.99
C GLN A 55 -1.18 0.17 -3.73
N VAL A 56 -0.38 1.22 -3.87
CA VAL A 56 -0.04 2.07 -2.74
C VAL A 56 -1.28 2.75 -2.17
N ALA A 57 -2.06 3.39 -3.03
CA ALA A 57 -3.27 4.08 -2.62
C ALA A 57 -4.22 3.13 -1.89
N GLU A 58 -4.54 2.02 -2.53
CA GLU A 58 -5.44 1.02 -1.95
C GLU A 58 -4.90 0.52 -0.62
N ALA A 59 -3.57 0.41 -0.53
CA ALA A 59 -2.92 -0.06 0.69
C ALA A 59 -3.22 0.87 1.86
N TYR A 60 -2.85 2.13 1.70
CA TYR A 60 -3.06 3.13 2.75
C TYR A 60 -4.55 3.33 3.01
N GLU A 61 -5.36 3.19 1.96
CA GLU A 61 -6.80 3.36 2.08
C GLU A 61 -7.40 2.27 2.96
N VAL A 62 -6.77 1.09 2.96
CA VAL A 62 -7.25 -0.02 3.75
C VAL A 62 -6.63 -0.01 5.15
N LEU A 63 -5.34 0.33 5.22
CA LEU A 63 -4.64 0.39 6.49
C LEU A 63 -5.03 1.64 7.28
N SER A 64 -4.91 2.79 6.63
CA SER A 64 -5.24 4.07 7.27
C SER A 64 -6.68 4.05 7.77
N ASP A 65 -7.48 3.11 7.28
CA ASP A 65 -8.87 2.99 7.68
C ASP A 65 -9.00 2.14 8.94
N ALA A 66 -10.03 2.42 9.72
CA ALA A 66 -10.27 1.68 10.96
C ALA A 66 -11.11 0.44 10.71
N LYS A 67 -12.02 0.54 9.74
CA LYS A 67 -12.89 -0.58 9.40
C LYS A 67 -12.23 -1.50 8.38
N LYS A 68 -11.73 -0.92 7.30
CA LYS A 68 -11.06 -1.68 6.25
C LYS A 68 -9.85 -2.42 6.81
N ARG A 69 -9.01 -1.69 7.55
CA ARG A 69 -7.81 -2.28 8.14
C ARG A 69 -8.17 -3.45 9.04
N ASP A 70 -9.01 -3.20 10.04
CA ASP A 70 -9.43 -4.24 10.97
C ASP A 70 -9.87 -5.50 10.23
N ILE A 71 -10.67 -5.31 9.19
CA ILE A 71 -11.16 -6.43 8.40
C ILE A 71 -10.01 -7.15 7.70
N TYR A 72 -9.06 -6.38 7.17
CA TYR A 72 -7.92 -6.94 6.48
C TYR A 72 -7.06 -7.78 7.43
N ASP A 73 -6.64 -7.17 8.52
CA ASP A 73 -5.83 -7.86 9.51
C ASP A 73 -6.54 -9.10 10.05
N ARG A 74 -7.86 -8.99 10.19
CA ARG A 74 -8.66 -10.10 10.69
C ARG A 74 -8.75 -11.23 9.66
N TYR A 75 -9.37 -10.93 8.53
CA TYR A 75 -9.52 -11.91 7.46
C TYR A 75 -8.48 -11.69 6.36
N GLY A 76 -8.50 -10.49 5.77
CA GLY A 76 -7.56 -10.17 4.72
C GLY A 76 -8.24 -9.97 3.38
N SER A 77 -8.55 -11.07 2.70
CA SER A 77 -9.21 -11.00 1.39
C SER A 77 -10.42 -11.92 1.34
N GLY A 78 -11.60 -11.32 1.19
CA GLY A 78 -12.82 -12.10 1.14
C GLY A 78 -13.85 -11.51 0.18
N PRO A 79 -14.77 -10.72 0.72
CA PRO A 79 -15.83 -10.08 -0.08
C PRO A 79 -15.28 -8.99 -0.99
N SER A 80 -15.98 -8.73 -2.10
CA SER A 80 -15.56 -7.71 -3.05
C SER A 80 -14.12 -7.96 -3.50
N SER A 81 -13.82 -9.19 -3.86
CA SER A 81 -12.47 -9.55 -4.30
C SER A 81 -12.33 -9.35 -5.80
N GLY A 82 -11.40 -8.47 -6.19
CA GLY A 82 -11.18 -8.20 -7.60
C GLY A 82 -11.21 -9.45 -8.45
#